data_2OFY
# 
_entry.id   2OFY 
# 
_audit_conform.dict_name       mmcif_pdbx.dic 
_audit_conform.dict_version    5.398 
_audit_conform.dict_location   http://mmcif.pdb.org/dictionaries/ascii/mmcif_pdbx.dic 
# 
loop_
_database_2.database_id 
_database_2.database_code 
_database_2.pdbx_database_accession 
_database_2.pdbx_DOI 
PDB   2OFY         pdb_00002ofy 10.2210/pdb2ofy/pdb 
RCSB  RCSB041086   ?            ?                   
WWPDB D_1000041086 ?            ?                   
# 
loop_
_pdbx_audit_revision_history.ordinal 
_pdbx_audit_revision_history.data_content_type 
_pdbx_audit_revision_history.major_revision 
_pdbx_audit_revision_history.minor_revision 
_pdbx_audit_revision_history.revision_date 
1 'Structure model' 1 0 2007-01-16 
2 'Structure model' 1 1 2008-05-01 
3 'Structure model' 1 2 2011-07-13 
4 'Structure model' 1 3 2022-04-13 
5 'Structure model' 1 4 2023-12-27 
6 'Structure model' 1 5 2024-11-06 
# 
_pdbx_audit_revision_details.ordinal             1 
_pdbx_audit_revision_details.revision_ordinal    1 
_pdbx_audit_revision_details.data_content_type   'Structure model' 
_pdbx_audit_revision_details.provider            repository 
_pdbx_audit_revision_details.type                'Initial release' 
_pdbx_audit_revision_details.description         ? 
_pdbx_audit_revision_details.details             ? 
# 
loop_
_pdbx_audit_revision_group.ordinal 
_pdbx_audit_revision_group.revision_ordinal 
_pdbx_audit_revision_group.data_content_type 
_pdbx_audit_revision_group.group 
1 2 'Structure model' 'Version format compliance' 
2 3 'Structure model' Advisory                    
3 3 'Structure model' 'Source and taxonomy'       
4 3 'Structure model' 'Version format compliance' 
5 4 'Structure model' 'Database references'       
6 4 'Structure model' 'Derived calculations'      
7 4 'Structure model' 'Structure summary'         
8 5 'Structure model' 'Data collection'           
9 6 'Structure model' 'Structure summary'         
# 
loop_
_pdbx_audit_revision_category.ordinal 
_pdbx_audit_revision_category.revision_ordinal 
_pdbx_audit_revision_category.data_content_type 
_pdbx_audit_revision_category.category 
1 4 'Structure model' audit_author              
2 4 'Structure model' citation_author           
3 4 'Structure model' database_2                
4 4 'Structure model' struct_conn               
5 4 'Structure model' struct_ref_seq_dif        
6 5 'Structure model' chem_comp_atom            
7 5 'Structure model' chem_comp_bond            
8 6 'Structure model' pdbx_entry_details        
9 6 'Structure model' pdbx_modification_feature 
# 
loop_
_pdbx_audit_revision_item.ordinal 
_pdbx_audit_revision_item.revision_ordinal 
_pdbx_audit_revision_item.data_content_type 
_pdbx_audit_revision_item.item 
1 4 'Structure model' '_audit_author.identifier_ORCID'      
2 4 'Structure model' '_citation_author.identifier_ORCID'   
3 4 'Structure model' '_database_2.pdbx_DOI'                
4 4 'Structure model' '_database_2.pdbx_database_accession' 
5 4 'Structure model' '_struct_conn.pdbx_leaving_atom_flag' 
6 4 'Structure model' '_struct_ref_seq_dif.details'         
# 
_pdbx_database_status.status_code                     REL 
_pdbx_database_status.entry_id                        2OFY 
_pdbx_database_status.recvd_initial_deposition_date   2007-01-04 
_pdbx_database_status.deposit_site                    RCSB 
_pdbx_database_status.process_site                    RCSB 
_pdbx_database_status.status_code_sf                  REL 
_pdbx_database_status.status_code_mr                  ? 
_pdbx_database_status.SG_entry                        Y 
_pdbx_database_status.pdb_format_compatible           Y 
_pdbx_database_status.status_code_cs                  ? 
_pdbx_database_status.status_code_nmr_data            ? 
_pdbx_database_status.methods_development_category    ? 
# 
_pdbx_database_related.db_name        TargetDB 
_pdbx_database_related.db_id          APC6236 
_pdbx_database_related.details        . 
_pdbx_database_related.content_type   unspecified 
# 
loop_
_audit_author.name 
_audit_author.pdbx_ordinal 
_audit_author.identifier_ORCID 
'Shumilin, I.A.'                                1  ?                   
'Skarina, T.'                                   2  ?                   
'Onopriyenko, O.'                               3  ?                   
'Yim, V.'                                       4  ?                   
'Chruszcz, M.'                                  5  ?                   
'Cymborowski, M.'                               6  ?                   
'Savchenko, A.'                                 7  ?                   
'Edwards, A.'                                   8  ?                   
'Joachimiak, A.'                                9  ?                   
'Minor, W.'                                     10 0000-0001-7075-7090 
'Midwest Center for Structural Genomics (MCSG)' 11 ?                   
# 
_citation.id                        primary 
_citation.title                     'Crystal structure of putative XRE-family transcriptional regulator from Rhodococcus sp.' 
_citation.journal_abbrev            'To be Published' 
_citation.journal_volume            ? 
_citation.page_first                ? 
_citation.page_last                 ? 
_citation.year                      ? 
_citation.journal_id_ASTM           ? 
_citation.country                   ? 
_citation.journal_id_ISSN           ? 
_citation.journal_id_CSD            0353 
_citation.book_publisher            ? 
_citation.pdbx_database_id_PubMed   ? 
_citation.pdbx_database_id_DOI      ? 
# 
loop_
_citation_author.citation_id 
_citation_author.name 
_citation_author.ordinal 
_citation_author.identifier_ORCID 
primary 'Shumilin, I.A.'  1  ?                   
primary 'Skarina, T.'     2  ?                   
primary 'Onopriyenko, O.' 3  ?                   
primary 'Yim, V.'         4  ?                   
primary 'Chruszcz, M.'    5  ?                   
primary 'Cymborowski, M.' 6  ?                   
primary 'Savchenko, A.'   7  ?                   
primary 'Edwards, A.'     8  ?                   
primary 'Joachimiak, A.'  9  ?                   
primary 'Minor, W.'       10 0000-0001-7075-7090 
# 
loop_
_entity.id 
_entity.type 
_entity.src_method 
_entity.pdbx_description 
_entity.formula_weight 
_entity.pdbx_number_of_molecules 
_entity.pdbx_ec 
_entity.pdbx_mutation 
_entity.pdbx_fragment 
_entity.details 
1 polymer man 'Putative XRE-family transcriptional regulator' 9314.261 2   ? ? ? ? 
2 water   nat water                                           18.015   241 ? ? ? ? 
# 
_entity_poly.entity_id                      1 
_entity_poly.type                           'polypeptide(L)' 
_entity_poly.nstd_linkage                   no 
_entity_poly.nstd_monomer                   yes 
_entity_poly.pdbx_seq_one_letter_code       
;(MSE)VRVPLTAEELERGQRLGELLRSARGD(MSE)S(MSE)VTVAFDAGISVETLRKIETGRIATPAFFTIAAVARVLD
LSLDDVAAVVTFGPVSTS
;
_entity_poly.pdbx_seq_one_letter_code_can   
;MVRVPLTAEELERGQRLGELLRSARGDMSMVTVAFDAGISVETLRKIETGRIATPAFFTIAAVARVLDLSLDDVAAVVTF
GPVSTS
;
_entity_poly.pdbx_strand_id                 A,B 
_entity_poly.pdbx_target_identifier         APC6236 
# 
_pdbx_entity_nonpoly.entity_id   2 
_pdbx_entity_nonpoly.name        water 
_pdbx_entity_nonpoly.comp_id     HOH 
# 
loop_
_entity_poly_seq.entity_id 
_entity_poly_seq.num 
_entity_poly_seq.mon_id 
_entity_poly_seq.hetero 
1 1  MSE n 
1 2  VAL n 
1 3  ARG n 
1 4  VAL n 
1 5  PRO n 
1 6  LEU n 
1 7  THR n 
1 8  ALA n 
1 9  GLU n 
1 10 GLU n 
1 11 LEU n 
1 12 GLU n 
1 13 ARG n 
1 14 GLY n 
1 15 GLN n 
1 16 ARG n 
1 17 LEU n 
1 18 GLY n 
1 19 GLU n 
1 20 LEU n 
1 21 LEU n 
1 22 ARG n 
1 23 SER n 
1 24 ALA n 
1 25 ARG n 
1 26 GLY n 
1 27 ASP n 
1 28 MSE n 
1 29 SER n 
1 30 MSE n 
1 31 VAL n 
1 32 THR n 
1 33 VAL n 
1 34 ALA n 
1 35 PHE n 
1 36 ASP n 
1 37 ALA n 
1 38 GLY n 
1 39 ILE n 
1 40 SER n 
1 41 VAL n 
1 42 GLU n 
1 43 THR n 
1 44 LEU n 
1 45 ARG n 
1 46 LYS n 
1 47 ILE n 
1 48 GLU n 
1 49 THR n 
1 50 GLY n 
1 51 ARG n 
1 52 ILE n 
1 53 ALA n 
1 54 THR n 
1 55 PRO n 
1 56 ALA n 
1 57 PHE n 
1 58 PHE n 
1 59 THR n 
1 60 ILE n 
1 61 ALA n 
1 62 ALA n 
1 63 VAL n 
1 64 ALA n 
1 65 ARG n 
1 66 VAL n 
1 67 LEU n 
1 68 ASP n 
1 69 LEU n 
1 70 SER n 
1 71 LEU n 
1 72 ASP n 
1 73 ASP n 
1 74 VAL n 
1 75 ALA n 
1 76 ALA n 
1 77 VAL n 
1 78 VAL n 
1 79 THR n 
1 80 PHE n 
1 81 GLY n 
1 82 PRO n 
1 83 VAL n 
1 84 SER n 
1 85 THR n 
1 86 SER n 
# 
_entity_src_gen.entity_id                          1 
_entity_src_gen.pdbx_src_id                        1 
_entity_src_gen.pdbx_alt_source_flag               sample 
_entity_src_gen.pdbx_seq_type                      ? 
_entity_src_gen.pdbx_beg_seq_num                   ? 
_entity_src_gen.pdbx_end_seq_num                   ? 
_entity_src_gen.gene_src_common_name               ? 
_entity_src_gen.gene_src_genus                     Rhodococcus 
_entity_src_gen.pdbx_gene_src_gene                 RHA1_ro04071 
_entity_src_gen.gene_src_species                   ? 
_entity_src_gen.gene_src_strain                    RHA1 
_entity_src_gen.gene_src_tissue                    ? 
_entity_src_gen.gene_src_tissue_fraction           ? 
_entity_src_gen.gene_src_details                   ? 
_entity_src_gen.pdbx_gene_src_fragment             ? 
_entity_src_gen.pdbx_gene_src_scientific_name      'Rhodococcus sp.' 
_entity_src_gen.pdbx_gene_src_ncbi_taxonomy_id     101510 
_entity_src_gen.pdbx_gene_src_variant              ? 
_entity_src_gen.pdbx_gene_src_cell_line            ? 
_entity_src_gen.pdbx_gene_src_atcc                 ? 
_entity_src_gen.pdbx_gene_src_organ                ? 
_entity_src_gen.pdbx_gene_src_organelle            ? 
_entity_src_gen.pdbx_gene_src_cell                 ? 
_entity_src_gen.pdbx_gene_src_cellular_location    ? 
_entity_src_gen.host_org_common_name               ? 
_entity_src_gen.pdbx_host_org_scientific_name      'Escherichia coli' 
_entity_src_gen.pdbx_host_org_ncbi_taxonomy_id     562 
_entity_src_gen.host_org_genus                     Escherichia 
_entity_src_gen.pdbx_host_org_gene                 ? 
_entity_src_gen.pdbx_host_org_organ                ? 
_entity_src_gen.host_org_species                   ? 
_entity_src_gen.pdbx_host_org_tissue               ? 
_entity_src_gen.pdbx_host_org_tissue_fraction      ? 
_entity_src_gen.pdbx_host_org_strain               'BL21-CodonPlus(DE3)-RP' 
_entity_src_gen.pdbx_host_org_variant              ? 
_entity_src_gen.pdbx_host_org_cell_line            ? 
_entity_src_gen.pdbx_host_org_atcc                 ? 
_entity_src_gen.pdbx_host_org_culture_collection   ? 
_entity_src_gen.pdbx_host_org_cell                 ? 
_entity_src_gen.pdbx_host_org_organelle            ? 
_entity_src_gen.pdbx_host_org_cellular_location    ? 
_entity_src_gen.pdbx_host_org_vector_type          PLASMID 
_entity_src_gen.pdbx_host_org_vector               ? 
_entity_src_gen.host_org_details                   ? 
_entity_src_gen.expression_system_id               ? 
_entity_src_gen.plasmid_name                       p15TV 
_entity_src_gen.plasmid_details                    ? 
_entity_src_gen.pdbx_description                   ? 
# 
loop_
_chem_comp.id 
_chem_comp.type 
_chem_comp.mon_nstd_flag 
_chem_comp.name 
_chem_comp.pdbx_synonyms 
_chem_comp.formula 
_chem_comp.formula_weight 
ALA 'L-peptide linking' y ALANINE          ? 'C3 H7 N O2'     89.093  
ARG 'L-peptide linking' y ARGININE         ? 'C6 H15 N4 O2 1' 175.209 
ASP 'L-peptide linking' y 'ASPARTIC ACID'  ? 'C4 H7 N O4'     133.103 
GLN 'L-peptide linking' y GLUTAMINE        ? 'C5 H10 N2 O3'   146.144 
GLU 'L-peptide linking' y 'GLUTAMIC ACID'  ? 'C5 H9 N O4'     147.129 
GLY 'peptide linking'   y GLYCINE          ? 'C2 H5 N O2'     75.067  
HOH non-polymer         . WATER            ? 'H2 O'           18.015  
ILE 'L-peptide linking' y ISOLEUCINE       ? 'C6 H13 N O2'    131.173 
LEU 'L-peptide linking' y LEUCINE          ? 'C6 H13 N O2'    131.173 
LYS 'L-peptide linking' y LYSINE           ? 'C6 H15 N2 O2 1' 147.195 
MET 'L-peptide linking' y METHIONINE       ? 'C5 H11 N O2 S'  149.211 
MSE 'L-peptide linking' n SELENOMETHIONINE ? 'C5 H11 N O2 Se' 196.106 
PHE 'L-peptide linking' y PHENYLALANINE    ? 'C9 H11 N O2'    165.189 
PRO 'L-peptide linking' y PROLINE          ? 'C5 H9 N O2'     115.130 
SER 'L-peptide linking' y SERINE           ? 'C3 H7 N O3'     105.093 
THR 'L-peptide linking' y THREONINE        ? 'C4 H9 N O3'     119.119 
VAL 'L-peptide linking' y VALINE           ? 'C5 H11 N O2'    117.146 
# 
loop_
_pdbx_poly_seq_scheme.asym_id 
_pdbx_poly_seq_scheme.entity_id 
_pdbx_poly_seq_scheme.seq_id 
_pdbx_poly_seq_scheme.mon_id 
_pdbx_poly_seq_scheme.ndb_seq_num 
_pdbx_poly_seq_scheme.pdb_seq_num 
_pdbx_poly_seq_scheme.auth_seq_num 
_pdbx_poly_seq_scheme.pdb_mon_id 
_pdbx_poly_seq_scheme.auth_mon_id 
_pdbx_poly_seq_scheme.pdb_strand_id 
_pdbx_poly_seq_scheme.pdb_ins_code 
_pdbx_poly_seq_scheme.hetero 
A 1 1  MSE 1  1  ?  ?   ?   A . n 
A 1 2  VAL 2  2  ?  ?   ?   A . n 
A 1 3  ARG 3  3  3  ARG ARG A . n 
A 1 4  VAL 4  4  4  VAL VAL A . n 
A 1 5  PRO 5  5  5  PRO PRO A . n 
A 1 6  LEU 6  6  6  LEU LEU A . n 
A 1 7  THR 7  7  7  THR THR A . n 
A 1 8  ALA 8  8  8  ALA ALA A . n 
A 1 9  GLU 9  9  9  GLU GLU A . n 
A 1 10 GLU 10 10 10 GLU GLU A . n 
A 1 11 LEU 11 11 11 LEU LEU A . n 
A 1 12 GLU 12 12 12 GLU GLU A . n 
A 1 13 ARG 13 13 13 ARG ARG A . n 
A 1 14 GLY 14 14 14 GLY GLY A . n 
A 1 15 GLN 15 15 15 GLN GLN A . n 
A 1 16 ARG 16 16 16 ARG ARG A . n 
A 1 17 LEU 17 17 17 LEU LEU A . n 
A 1 18 GLY 18 18 18 GLY GLY A . n 
A 1 19 GLU 19 19 19 GLU GLU A . n 
A 1 20 LEU 20 20 20 LEU LEU A . n 
A 1 21 LEU 21 21 21 LEU LEU A . n 
A 1 22 ARG 22 22 22 ARG ARG A . n 
A 1 23 SER 23 23 23 SER SER A . n 
A 1 24 ALA 24 24 24 ALA ALA A . n 
A 1 25 ARG 25 25 25 ARG ARG A . n 
A 1 26 GLY 26 26 26 GLY GLY A . n 
A 1 27 ASP 27 27 27 ASP ASP A . n 
A 1 28 MSE 28 28 28 MSE MSE A . n 
A 1 29 SER 29 29 29 SER SER A . n 
A 1 30 MSE 30 30 30 MSE MSE A . n 
A 1 31 VAL 31 31 31 VAL VAL A . n 
A 1 32 THR 32 32 32 THR THR A . n 
A 1 33 VAL 33 33 33 VAL VAL A . n 
A 1 34 ALA 34 34 34 ALA ALA A . n 
A 1 35 PHE 35 35 35 PHE PHE A . n 
A 1 36 ASP 36 36 36 ASP ASP A . n 
A 1 37 ALA 37 37 37 ALA ALA A . n 
A 1 38 GLY 38 38 38 GLY GLY A . n 
A 1 39 ILE 39 39 39 ILE ILE A . n 
A 1 40 SER 40 40 40 SER SER A . n 
A 1 41 VAL 41 41 41 VAL VAL A . n 
A 1 42 GLU 42 42 42 GLU GLU A . n 
A 1 43 THR 43 43 43 THR THR A . n 
A 1 44 LEU 44 44 44 LEU LEU A . n 
A 1 45 ARG 45 45 45 ARG ARG A . n 
A 1 46 LYS 46 46 46 LYS LYS A . n 
A 1 47 ILE 47 47 47 ILE ILE A . n 
A 1 48 GLU 48 48 48 GLU GLU A . n 
A 1 49 THR 49 49 49 THR THR A . n 
A 1 50 GLY 50 50 50 GLY GLY A . n 
A 1 51 ARG 51 51 51 ARG ARG A . n 
A 1 52 ILE 52 52 52 ILE ILE A . n 
A 1 53 ALA 53 53 53 ALA ALA A . n 
A 1 54 THR 54 54 54 THR THR A . n 
A 1 55 PRO 55 55 55 PRO PRO A . n 
A 1 56 ALA 56 56 56 ALA ALA A . n 
A 1 57 PHE 57 57 57 PHE PHE A . n 
A 1 58 PHE 58 58 58 PHE PHE A . n 
A 1 59 THR 59 59 59 THR THR A . n 
A 1 60 ILE 60 60 60 ILE ILE A . n 
A 1 61 ALA 61 61 61 ALA ALA A . n 
A 1 62 ALA 62 62 62 ALA ALA A . n 
A 1 63 VAL 63 63 63 VAL VAL A . n 
A 1 64 ALA 64 64 64 ALA ALA A . n 
A 1 65 ARG 65 65 65 ARG ARG A . n 
A 1 66 VAL 66 66 66 VAL VAL A . n 
A 1 67 LEU 67 67 67 LEU LEU A . n 
A 1 68 ASP 68 68 68 ASP ASP A . n 
A 1 69 LEU 69 69 69 LEU LEU A . n 
A 1 70 SER 70 70 70 SER SER A . n 
A 1 71 LEU 71 71 71 LEU LEU A . n 
A 1 72 ASP 72 72 72 ASP ASP A . n 
A 1 73 ASP 73 73 73 ASP ASP A . n 
A 1 74 VAL 74 74 74 VAL VAL A . n 
A 1 75 ALA 75 75 75 ALA ALA A . n 
A 1 76 ALA 76 76 76 ALA ALA A . n 
A 1 77 VAL 77 77 77 VAL VAL A . n 
A 1 78 VAL 78 78 78 VAL VAL A . n 
A 1 79 THR 79 79 79 THR THR A . n 
A 1 80 PHE 80 80 80 PHE PHE A . n 
A 1 81 GLY 81 81 81 GLY GLY A . n 
A 1 82 PRO 82 82 82 PRO PRO A . n 
A 1 83 VAL 83 83 83 VAL VAL A . n 
A 1 84 SER 84 84 84 SER SER A . n 
A 1 85 THR 85 85 ?  ?   ?   A . n 
A 1 86 SER 86 86 ?  ?   ?   A . n 
B 1 1  MSE 1  1  ?  ?   ?   B . n 
B 1 2  VAL 2  2  ?  ?   ?   B . n 
B 1 3  ARG 3  3  ?  ?   ?   B . n 
B 1 4  VAL 4  4  ?  ?   ?   B . n 
B 1 5  PRO 5  5  5  PRO PRO B . n 
B 1 6  LEU 6  6  6  LEU LEU B . n 
B 1 7  THR 7  7  7  THR THR B . n 
B 1 8  ALA 8  8  8  ALA ALA B . n 
B 1 9  GLU 9  9  9  GLU GLU B . n 
B 1 10 GLU 10 10 10 GLU GLU B . n 
B 1 11 LEU 11 11 11 LEU LEU B . n 
B 1 12 GLU 12 12 12 GLU GLU B . n 
B 1 13 ARG 13 13 13 ARG ARG B . n 
B 1 14 GLY 14 14 14 GLY GLY B . n 
B 1 15 GLN 15 15 15 GLN GLN B . n 
B 1 16 ARG 16 16 16 ARG ARG B . n 
B 1 17 LEU 17 17 17 LEU LEU B . n 
B 1 18 GLY 18 18 18 GLY GLY B . n 
B 1 19 GLU 19 19 19 GLU GLU B . n 
B 1 20 LEU 20 20 20 LEU LEU B . n 
B 1 21 LEU 21 21 21 LEU LEU B . n 
B 1 22 ARG 22 22 22 ARG ARG B . n 
B 1 23 SER 23 23 23 SER SER B . n 
B 1 24 ALA 24 24 24 ALA ALA B . n 
B 1 25 ARG 25 25 25 ARG ARG B . n 
B 1 26 GLY 26 26 26 GLY GLY B . n 
B 1 27 ASP 27 27 27 ASP ASP B . n 
B 1 28 MSE 28 28 28 MSE MSE B . n 
B 1 29 SER 29 29 29 SER SER B . n 
B 1 30 MSE 30 30 30 MSE MSE B . n 
B 1 31 VAL 31 31 31 VAL VAL B . n 
B 1 32 THR 32 32 32 THR THR B . n 
B 1 33 VAL 33 33 33 VAL VAL B . n 
B 1 34 ALA 34 34 34 ALA ALA B . n 
B 1 35 PHE 35 35 35 PHE PHE B . n 
B 1 36 ASP 36 36 36 ASP ASP B . n 
B 1 37 ALA 37 37 37 ALA ALA B . n 
B 1 38 GLY 38 38 38 GLY GLY B . n 
B 1 39 ILE 39 39 39 ILE ILE B . n 
B 1 40 SER 40 40 40 SER SER B . n 
B 1 41 VAL 41 41 41 VAL VAL B . n 
B 1 42 GLU 42 42 42 GLU GLU B . n 
B 1 43 THR 43 43 43 THR THR B . n 
B 1 44 LEU 44 44 44 LEU LEU B . n 
B 1 45 ARG 45 45 45 ARG ARG B . n 
B 1 46 LYS 46 46 46 LYS LYS B . n 
B 1 47 ILE 47 47 47 ILE ILE B . n 
B 1 48 GLU 48 48 48 GLU GLU B . n 
B 1 49 THR 49 49 49 THR THR B . n 
B 1 50 GLY 50 50 50 GLY GLY B . n 
B 1 51 ARG 51 51 51 ARG ARG B . n 
B 1 52 ILE 52 52 52 ILE ILE B . n 
B 1 53 ALA 53 53 53 ALA ALA B . n 
B 1 54 THR 54 54 54 THR THR B . n 
B 1 55 PRO 55 55 55 PRO PRO B . n 
B 1 56 ALA 56 56 56 ALA ALA B . n 
B 1 57 PHE 57 57 57 PHE PHE B . n 
B 1 58 PHE 58 58 58 PHE PHE B . n 
B 1 59 THR 59 59 59 THR THR B . n 
B 1 60 ILE 60 60 60 ILE ILE B . n 
B 1 61 ALA 61 61 61 ALA ALA B . n 
B 1 62 ALA 62 62 62 ALA ALA B . n 
B 1 63 VAL 63 63 63 VAL VAL B . n 
B 1 64 ALA 64 64 64 ALA ALA B . n 
B 1 65 ARG 65 65 65 ARG ARG B . n 
B 1 66 VAL 66 66 66 VAL VAL B . n 
B 1 67 LEU 67 67 67 LEU LEU B . n 
B 1 68 ASP 68 68 68 ASP ASP B . n 
B 1 69 LEU 69 69 69 LEU LEU B . n 
B 1 70 SER 70 70 70 SER SER B . n 
B 1 71 LEU 71 71 71 LEU LEU B . n 
B 1 72 ASP 72 72 72 ASP ASP B . n 
B 1 73 ASP 73 73 73 ASP ASP B . n 
B 1 74 VAL 74 74 74 VAL VAL B . n 
B 1 75 ALA 75 75 75 ALA ALA B . n 
B 1 76 ALA 76 76 76 ALA ALA B . n 
B 1 77 VAL 77 77 77 VAL VAL B . n 
B 1 78 VAL 78 78 78 VAL VAL B . n 
B 1 79 THR 79 79 79 THR THR B . n 
B 1 80 PHE 80 80 80 PHE PHE B . n 
B 1 81 GLY 81 81 81 GLY GLY B . n 
B 1 82 PRO 82 82 82 PRO PRO B . n 
B 1 83 VAL 83 83 83 VAL VAL B . n 
B 1 84 SER 84 84 84 SER SER B . n 
B 1 85 THR 85 85 ?  ?   ?   B . n 
B 1 86 SER 86 86 ?  ?   ?   B . n 
# 
loop_
_pdbx_nonpoly_scheme.asym_id 
_pdbx_nonpoly_scheme.entity_id 
_pdbx_nonpoly_scheme.mon_id 
_pdbx_nonpoly_scheme.ndb_seq_num 
_pdbx_nonpoly_scheme.pdb_seq_num 
_pdbx_nonpoly_scheme.auth_seq_num 
_pdbx_nonpoly_scheme.pdb_mon_id 
_pdbx_nonpoly_scheme.auth_mon_id 
_pdbx_nonpoly_scheme.pdb_strand_id 
_pdbx_nonpoly_scheme.pdb_ins_code 
C 2 HOH 1   87  2   HOH HOH A . 
C 2 HOH 2   88  4   HOH HOH A . 
C 2 HOH 3   89  5   HOH HOH A . 
C 2 HOH 4   90  7   HOH HOH A . 
C 2 HOH 5   91  8   HOH HOH A . 
C 2 HOH 6   92  9   HOH HOH A . 
C 2 HOH 7   93  11  HOH HOH A . 
C 2 HOH 8   94  12  HOH HOH A . 
C 2 HOH 9   95  13  HOH HOH A . 
C 2 HOH 10  96  14  HOH HOH A . 
C 2 HOH 11  97  15  HOH HOH A . 
C 2 HOH 12  98  16  HOH HOH A . 
C 2 HOH 13  99  19  HOH HOH A . 
C 2 HOH 14  100 20  HOH HOH A . 
C 2 HOH 15  101 21  HOH HOH A . 
C 2 HOH 16  102 23  HOH HOH A . 
C 2 HOH 17  103 25  HOH HOH A . 
C 2 HOH 18  104 27  HOH HOH A . 
C 2 HOH 19  105 28  HOH HOH A . 
C 2 HOH 20  106 29  HOH HOH A . 
C 2 HOH 21  107 34  HOH HOH A . 
C 2 HOH 22  108 35  HOH HOH A . 
C 2 HOH 23  109 36  HOH HOH A . 
C 2 HOH 24  110 38  HOH HOH A . 
C 2 HOH 25  111 40  HOH HOH A . 
C 2 HOH 26  112 41  HOH HOH A . 
C 2 HOH 27  113 42  HOH HOH A . 
C 2 HOH 28  114 47  HOH HOH A . 
C 2 HOH 29  115 48  HOH HOH A . 
C 2 HOH 30  116 49  HOH HOH A . 
C 2 HOH 31  117 50  HOH HOH A . 
C 2 HOH 32  118 51  HOH HOH A . 
C 2 HOH 33  119 53  HOH HOH A . 
C 2 HOH 34  120 56  HOH HOH A . 
C 2 HOH 35  121 57  HOH HOH A . 
C 2 HOH 36  122 58  HOH HOH A . 
C 2 HOH 37  123 60  HOH HOH A . 
C 2 HOH 38  124 64  HOH HOH A . 
C 2 HOH 39  125 65  HOH HOH A . 
C 2 HOH 40  126 66  HOH HOH A . 
C 2 HOH 41  127 67  HOH HOH A . 
C 2 HOH 42  128 69  HOH HOH A . 
C 2 HOH 43  129 73  HOH HOH A . 
C 2 HOH 44  130 75  HOH HOH A . 
C 2 HOH 45  131 77  HOH HOH A . 
C 2 HOH 46  132 80  HOH HOH A . 
C 2 HOH 47  133 84  HOH HOH A . 
C 2 HOH 48  134 86  HOH HOH A . 
C 2 HOH 49  135 88  HOH HOH A . 
C 2 HOH 50  136 89  HOH HOH A . 
C 2 HOH 51  137 94  HOH HOH A . 
C 2 HOH 52  138 95  HOH HOH A . 
C 2 HOH 53  139 100 HOH HOH A . 
C 2 HOH 54  140 102 HOH HOH A . 
C 2 HOH 55  141 103 HOH HOH A . 
C 2 HOH 56  142 104 HOH HOH A . 
C 2 HOH 57  143 105 HOH HOH A . 
C 2 HOH 58  144 108 HOH HOH A . 
C 2 HOH 59  145 109 HOH HOH A . 
C 2 HOH 60  146 111 HOH HOH A . 
C 2 HOH 61  147 112 HOH HOH A . 
C 2 HOH 62  148 113 HOH HOH A . 
C 2 HOH 63  149 114 HOH HOH A . 
C 2 HOH 64  150 115 HOH HOH A . 
C 2 HOH 65  151 117 HOH HOH A . 
C 2 HOH 66  152 118 HOH HOH A . 
C 2 HOH 67  153 119 HOH HOH A . 
C 2 HOH 68  154 120 HOH HOH A . 
C 2 HOH 69  155 125 HOH HOH A . 
C 2 HOH 70  156 126 HOH HOH A . 
C 2 HOH 71  157 130 HOH HOH A . 
C 2 HOH 72  158 131 HOH HOH A . 
C 2 HOH 73  159 132 HOH HOH A . 
C 2 HOH 74  160 134 HOH HOH A . 
C 2 HOH 75  161 135 HOH HOH A . 
C 2 HOH 76  162 136 HOH HOH A . 
C 2 HOH 77  163 137 HOH HOH A . 
C 2 HOH 78  164 139 HOH HOH A . 
C 2 HOH 79  165 142 HOH HOH A . 
C 2 HOH 80  166 143 HOH HOH A . 
C 2 HOH 81  167 144 HOH HOH A . 
C 2 HOH 82  168 147 HOH HOH A . 
C 2 HOH 83  169 148 HOH HOH A . 
C 2 HOH 84  170 149 HOH HOH A . 
C 2 HOH 85  171 150 HOH HOH A . 
C 2 HOH 86  172 151 HOH HOH A . 
C 2 HOH 87  173 152 HOH HOH A . 
C 2 HOH 88  174 153 HOH HOH A . 
C 2 HOH 89  175 154 HOH HOH A . 
C 2 HOH 90  176 156 HOH HOH A . 
C 2 HOH 91  177 159 HOH HOH A . 
C 2 HOH 92  178 160 HOH HOH A . 
C 2 HOH 93  179 161 HOH HOH A . 
C 2 HOH 94  180 162 HOH HOH A . 
C 2 HOH 95  181 164 HOH HOH A . 
C 2 HOH 96  182 165 HOH HOH A . 
C 2 HOH 97  183 170 HOH HOH A . 
C 2 HOH 98  184 171 HOH HOH A . 
C 2 HOH 99  185 176 HOH HOH A . 
C 2 HOH 100 186 177 HOH HOH A . 
C 2 HOH 101 187 180 HOH HOH A . 
C 2 HOH 102 188 182 HOH HOH A . 
C 2 HOH 103 189 183 HOH HOH A . 
C 2 HOH 104 190 185 HOH HOH A . 
C 2 HOH 105 191 188 HOH HOH A . 
C 2 HOH 106 192 189 HOH HOH A . 
C 2 HOH 107 193 190 HOH HOH A . 
C 2 HOH 108 194 192 HOH HOH A . 
C 2 HOH 109 195 193 HOH HOH A . 
C 2 HOH 110 196 194 HOH HOH A . 
C 2 HOH 111 197 195 HOH HOH A . 
C 2 HOH 112 198 198 HOH HOH A . 
C 2 HOH 113 199 200 HOH HOH A . 
C 2 HOH 114 200 202 HOH HOH A . 
C 2 HOH 115 201 204 HOH HOH A . 
C 2 HOH 116 202 206 HOH HOH A . 
C 2 HOH 117 203 208 HOH HOH A . 
C 2 HOH 118 204 212 HOH HOH A . 
C 2 HOH 119 205 215 HOH HOH A . 
C 2 HOH 120 206 217 HOH HOH A . 
C 2 HOH 121 207 220 HOH HOH A . 
C 2 HOH 122 208 222 HOH HOH A . 
C 2 HOH 123 209 224 HOH HOH A . 
C 2 HOH 124 210 227 HOH HOH A . 
C 2 HOH 125 211 230 HOH HOH A . 
C 2 HOH 126 212 234 HOH HOH A . 
C 2 HOH 127 213 238 HOH HOH A . 
D 2 HOH 1   87  1   HOH HOH B . 
D 2 HOH 2   88  3   HOH HOH B . 
D 2 HOH 3   89  6   HOH HOH B . 
D 2 HOH 4   90  10  HOH HOH B . 
D 2 HOH 5   91  17  HOH HOH B . 
D 2 HOH 6   92  18  HOH HOH B . 
D 2 HOH 7   93  22  HOH HOH B . 
D 2 HOH 8   94  24  HOH HOH B . 
D 2 HOH 9   95  26  HOH HOH B . 
D 2 HOH 10  96  30  HOH HOH B . 
D 2 HOH 11  97  31  HOH HOH B . 
D 2 HOH 12  98  32  HOH HOH B . 
D 2 HOH 13  99  33  HOH HOH B . 
D 2 HOH 14  100 37  HOH HOH B . 
D 2 HOH 15  101 39  HOH HOH B . 
D 2 HOH 16  102 43  HOH HOH B . 
D 2 HOH 17  103 44  HOH HOH B . 
D 2 HOH 18  104 45  HOH HOH B . 
D 2 HOH 19  105 46  HOH HOH B . 
D 2 HOH 20  106 52  HOH HOH B . 
D 2 HOH 21  107 54  HOH HOH B . 
D 2 HOH 22  108 55  HOH HOH B . 
D 2 HOH 23  109 59  HOH HOH B . 
D 2 HOH 24  110 61  HOH HOH B . 
D 2 HOH 25  111 62  HOH HOH B . 
D 2 HOH 26  112 63  HOH HOH B . 
D 2 HOH 27  113 68  HOH HOH B . 
D 2 HOH 28  114 70  HOH HOH B . 
D 2 HOH 29  115 71  HOH HOH B . 
D 2 HOH 30  116 72  HOH HOH B . 
D 2 HOH 31  117 74  HOH HOH B . 
D 2 HOH 32  118 76  HOH HOH B . 
D 2 HOH 33  119 78  HOH HOH B . 
D 2 HOH 34  120 79  HOH HOH B . 
D 2 HOH 35  121 81  HOH HOH B . 
D 2 HOH 36  122 82  HOH HOH B . 
D 2 HOH 37  123 83  HOH HOH B . 
D 2 HOH 38  124 85  HOH HOH B . 
D 2 HOH 39  125 87  HOH HOH B . 
D 2 HOH 40  126 90  HOH HOH B . 
D 2 HOH 41  127 91  HOH HOH B . 
D 2 HOH 42  128 92  HOH HOH B . 
D 2 HOH 43  129 93  HOH HOH B . 
D 2 HOH 44  130 96  HOH HOH B . 
D 2 HOH 45  131 97  HOH HOH B . 
D 2 HOH 46  132 98  HOH HOH B . 
D 2 HOH 47  133 99  HOH HOH B . 
D 2 HOH 48  134 101 HOH HOH B . 
D 2 HOH 49  135 106 HOH HOH B . 
D 2 HOH 50  136 107 HOH HOH B . 
D 2 HOH 51  137 110 HOH HOH B . 
D 2 HOH 52  138 116 HOH HOH B . 
D 2 HOH 53  139 121 HOH HOH B . 
D 2 HOH 54  140 122 HOH HOH B . 
D 2 HOH 55  141 123 HOH HOH B . 
D 2 HOH 56  142 124 HOH HOH B . 
D 2 HOH 57  143 127 HOH HOH B . 
D 2 HOH 58  144 128 HOH HOH B . 
D 2 HOH 59  145 129 HOH HOH B . 
D 2 HOH 60  146 133 HOH HOH B . 
D 2 HOH 61  147 138 HOH HOH B . 
D 2 HOH 62  148 140 HOH HOH B . 
D 2 HOH 63  149 141 HOH HOH B . 
D 2 HOH 64  150 145 HOH HOH B . 
D 2 HOH 65  151 146 HOH HOH B . 
D 2 HOH 66  152 155 HOH HOH B . 
D 2 HOH 67  153 157 HOH HOH B . 
D 2 HOH 68  154 158 HOH HOH B . 
D 2 HOH 69  155 163 HOH HOH B . 
D 2 HOH 70  156 166 HOH HOH B . 
D 2 HOH 71  157 167 HOH HOH B . 
D 2 HOH 72  158 168 HOH HOH B . 
D 2 HOH 73  159 169 HOH HOH B . 
D 2 HOH 74  160 172 HOH HOH B . 
D 2 HOH 75  161 173 HOH HOH B . 
D 2 HOH 76  162 174 HOH HOH B . 
D 2 HOH 77  163 175 HOH HOH B . 
D 2 HOH 78  164 178 HOH HOH B . 
D 2 HOH 79  165 179 HOH HOH B . 
D 2 HOH 80  166 181 HOH HOH B . 
D 2 HOH 81  167 184 HOH HOH B . 
D 2 HOH 82  168 186 HOH HOH B . 
D 2 HOH 83  169 187 HOH HOH B . 
D 2 HOH 84  170 191 HOH HOH B . 
D 2 HOH 85  171 196 HOH HOH B . 
D 2 HOH 86  172 197 HOH HOH B . 
D 2 HOH 87  173 199 HOH HOH B . 
D 2 HOH 88  174 201 HOH HOH B . 
D 2 HOH 89  175 203 HOH HOH B . 
D 2 HOH 90  176 205 HOH HOH B . 
D 2 HOH 91  177 207 HOH HOH B . 
D 2 HOH 92  178 209 HOH HOH B . 
D 2 HOH 93  179 210 HOH HOH B . 
D 2 HOH 94  180 211 HOH HOH B . 
D 2 HOH 95  181 213 HOH HOH B . 
D 2 HOH 96  182 214 HOH HOH B . 
D 2 HOH 97  183 216 HOH HOH B . 
D 2 HOH 98  184 218 HOH HOH B . 
D 2 HOH 99  185 219 HOH HOH B . 
D 2 HOH 100 186 221 HOH HOH B . 
D 2 HOH 101 187 223 HOH HOH B . 
D 2 HOH 102 188 225 HOH HOH B . 
D 2 HOH 103 189 226 HOH HOH B . 
D 2 HOH 104 190 228 HOH HOH B . 
D 2 HOH 105 191 229 HOH HOH B . 
D 2 HOH 106 192 231 HOH HOH B . 
D 2 HOH 107 193 232 HOH HOH B . 
D 2 HOH 108 194 233 HOH HOH B . 
D 2 HOH 109 195 235 HOH HOH B . 
D 2 HOH 110 196 237 HOH HOH B . 
D 2 HOH 111 197 239 HOH HOH B . 
D 2 HOH 112 198 240 HOH HOH B . 
D 2 HOH 113 199 241 HOH HOH B . 
D 2 HOH 114 200 242 HOH HOH B . 
# 
loop_
_software.name 
_software.classification 
_software.version 
_software.citation_id 
_software.pdbx_ordinal 
REFMAC   refinement        5.2.0005 ? 1  
HKL-3000 'data collection' .        ? 2  
HKL-3000 'data reduction'  .        ? 3  
HKL-3000 'data scaling'    .        ? 4  
HKL-3000 phasing           .        ? 5  
SHELXD   phasing           .        ? 6  
SHELXE   'model building'  .        ? 7  
MLPHARE  phasing           .        ? 8  
DM       phasing           .        ? 9  
SOLVE    phasing           .        ? 10 
RESOLVE  phasing           .        ? 11 
Coot     'model building'  .        ? 12 
O        'model building'  .        ? 13 
ARP/wARP 'model building'  .        ? 14 
CCP4     phasing           .        ? 15 
# 
_cell.entry_id           2OFY 
_cell.length_a           42.540 
_cell.length_b           46.073 
_cell.length_c           81.842 
_cell.angle_alpha        90.00 
_cell.angle_beta         90.00 
_cell.angle_gamma        90.00 
_cell.Z_PDB              8 
_cell.pdbx_unique_axis   ? 
_cell.length_a_esd       ? 
_cell.length_b_esd       ? 
_cell.length_c_esd       ? 
_cell.angle_alpha_esd    ? 
_cell.angle_beta_esd     ? 
_cell.angle_gamma_esd    ? 
# 
_symmetry.entry_id                         2OFY 
_symmetry.space_group_name_H-M             'P 21 21 21' 
_symmetry.pdbx_full_space_group_name_H-M   ? 
_symmetry.cell_setting                     ? 
_symmetry.Int_Tables_number                19 
_symmetry.space_group_name_Hall            ? 
# 
_exptl.entry_id          2OFY 
_exptl.method            'X-RAY DIFFRACTION' 
_exptl.crystals_number   1 
# 
_exptl_crystal.id                    1 
_exptl_crystal.density_meas          ? 
_exptl_crystal.density_Matthews      2.15 
_exptl_crystal.density_percent_sol   42.84 
_exptl_crystal.description           ? 
_exptl_crystal.F_000                 ? 
_exptl_crystal.preparation           ? 
# 
_exptl_crystal_grow.crystal_id      1 
_exptl_crystal_grow.method          'VAPOR DIFFUSION, HANGING DROP' 
_exptl_crystal_grow.temp            295 
_exptl_crystal_grow.temp_details    ? 
_exptl_crystal_grow.pH              7.5 
_exptl_crystal_grow.pdbx_details    
'25% PEG 3350, 0.2M Lithium sulfate, 0.1M HEPES, pH 7.5, VAPOR DIFFUSION, HANGING DROP, temperature 295K' 
_exptl_crystal_grow.pdbx_pH_range   . 
# 
_diffrn.id                     1 
_diffrn.ambient_temp           100 
_diffrn.ambient_temp_details   ? 
_diffrn.crystal_id             1 
# 
_diffrn_detector.diffrn_id              1 
_diffrn_detector.detector               CCD 
_diffrn_detector.type                   SBC-3 
_diffrn_detector.pdbx_collection_date   2006-06-10 
_diffrn_detector.details                mirrors 
# 
_diffrn_radiation.diffrn_id                        1 
_diffrn_radiation.wavelength_id                    1 
_diffrn_radiation.pdbx_monochromatic_or_laue_m_l   M 
_diffrn_radiation.monochromator                    'SI 111 CHANNEL' 
_diffrn_radiation.pdbx_diffrn_protocol             'SINGLE WAVELENGTH' 
_diffrn_radiation.pdbx_scattering_type             x-ray 
# 
_diffrn_radiation_wavelength.id           1 
_diffrn_radiation_wavelength.wavelength   0.97904 
_diffrn_radiation_wavelength.wt           1.0 
# 
_diffrn_source.diffrn_id                   1 
_diffrn_source.source                      SYNCHROTRON 
_diffrn_source.type                        'APS BEAMLINE 19-BM' 
_diffrn_source.pdbx_synchrotron_site       APS 
_diffrn_source.pdbx_synchrotron_beamline   19-BM 
_diffrn_source.pdbx_wavelength             ? 
_diffrn_source.pdbx_wavelength_list        0.97904 
# 
_reflns.entry_id                     2OFY 
_reflns.observed_criterion_sigma_F   -3.0 
_reflns.observed_criterion_sigma_I   ? 
_reflns.d_resolution_high            1.7 
_reflns.d_resolution_low             50.0 
_reflns.number_all                   18284 
_reflns.number_obs                   18279 
_reflns.percent_possible_obs         99.7 
_reflns.pdbx_Rmerge_I_obs            0.055 
_reflns.pdbx_Rsym_value              ? 
_reflns.pdbx_netI_over_sigmaI        56 
_reflns.B_iso_Wilson_estimate        30.8 
_reflns.pdbx_redundancy              8.4 
_reflns.R_free_details               ? 
_reflns.limit_h_max                  ? 
_reflns.limit_h_min                  ? 
_reflns.limit_k_max                  ? 
_reflns.limit_k_min                  ? 
_reflns.limit_l_max                  ? 
_reflns.limit_l_min                  ? 
_reflns.observed_criterion_F_max     ? 
_reflns.observed_criterion_F_min     ? 
_reflns.pdbx_chi_squared             ? 
_reflns.pdbx_scaling_rejects         ? 
_reflns.pdbx_ordinal                 1 
_reflns.pdbx_diffrn_id               1 
# 
_reflns_shell.d_res_high             1.70 
_reflns_shell.d_res_low              1.76 
_reflns_shell.percent_possible_all   98.7 
_reflns_shell.Rmerge_I_obs           0.407 
_reflns_shell.pdbx_Rsym_value        ? 
_reflns_shell.meanI_over_sigI_obs    2.8 
_reflns_shell.pdbx_redundancy        6.0 
_reflns_shell.percent_possible_obs   ? 
_reflns_shell.number_unique_all      1770 
_reflns_shell.number_measured_all    ? 
_reflns_shell.number_measured_obs    ? 
_reflns_shell.number_unique_obs      ? 
_reflns_shell.pdbx_chi_squared       ? 
_reflns_shell.pdbx_ordinal           1 
_reflns_shell.pdbx_diffrn_id         1 
# 
_refine.entry_id                                 2OFY 
_refine.ls_number_reflns_obs                     17299 
_refine.ls_number_reflns_all                     ? 
_refine.pdbx_ls_sigma_I                          ? 
_refine.pdbx_ls_sigma_F                          0 
_refine.pdbx_data_cutoff_high_absF               ? 
_refine.pdbx_data_cutoff_low_absF                ? 
_refine.pdbx_data_cutoff_high_rms_absF           ? 
_refine.ls_d_res_low                             40.93 
_refine.ls_d_res_high                            1.70 
_refine.ls_percent_reflns_obs                    99.70 
_refine.ls_R_factor_obs                          0.20528 
_refine.ls_R_factor_all                          ? 
_refine.ls_R_factor_R_work                       0.20353 
_refine.ls_R_factor_R_free                       0.23864 
_refine.ls_R_factor_R_free_error                 ? 
_refine.ls_R_factor_R_free_error_details         ? 
_refine.ls_percent_reflns_R_free                 5.1 
_refine.ls_number_reflns_R_free                  927 
_refine.ls_number_parameters                     ? 
_refine.ls_number_restraints                     ? 
_refine.occupancy_min                            ? 
_refine.occupancy_max                            ? 
_refine.correlation_coeff_Fo_to_Fc               0.959 
_refine.correlation_coeff_Fo_to_Fc_free          0.954 
_refine.B_iso_mean                               30.802 
_refine.aniso_B[1][1]                            1.36 
_refine.aniso_B[2][2]                            0.50 
_refine.aniso_B[3][3]                            -1.86 
_refine.aniso_B[1][2]                            0.00 
_refine.aniso_B[1][3]                            0.00 
_refine.aniso_B[2][3]                            0.00 
_refine.solvent_model_details                    'BABINET MODEL WITH MASK' 
_refine.solvent_model_param_ksol                 ? 
_refine.solvent_model_param_bsol                 ? 
_refine.pdbx_solvent_vdw_probe_radii             1.20 
_refine.pdbx_solvent_ion_probe_radii             0.80 
_refine.pdbx_solvent_shrinkage_radii             0.80 
_refine.pdbx_ls_cross_valid_method               THROUGHOUT 
_refine.details                                  'HYDROGENS HAVE BEEN ADDED IN THE RIDING POSITIONS' 
_refine.pdbx_starting_model                      ? 
_refine.pdbx_method_to_determine_struct          SAD 
_refine.pdbx_isotropic_thermal_model             ? 
_refine.pdbx_stereochemistry_target_values       'MAXIMUM LIKELIHOOD' 
_refine.pdbx_stereochem_target_val_spec_case     ? 
_refine.pdbx_R_Free_selection_details            RANDOM 
_refine.pdbx_overall_ESU_R                       0.127 
_refine.pdbx_overall_ESU_R_Free                  0.121 
_refine.overall_SU_ML                            0.091 
_refine.overall_SU_B                             5.256 
_refine.ls_redundancy_reflns_obs                 ? 
_refine.B_iso_min                                ? 
_refine.B_iso_max                                ? 
_refine.overall_SU_R_Cruickshank_DPI             ? 
_refine.overall_SU_R_free                        ? 
_refine.ls_wR_factor_R_free                      ? 
_refine.ls_wR_factor_R_work                      ? 
_refine.overall_FOM_free_R_set                   ? 
_refine.overall_FOM_work_R_set                   ? 
_refine.pdbx_refine_id                           'X-RAY DIFFRACTION' 
_refine.pdbx_TLS_residual_ADP_flag               'LIKELY RESIDUAL' 
_refine.pdbx_diffrn_id                           1 
_refine.pdbx_overall_phase_error                 ? 
_refine.pdbx_overall_SU_R_free_Cruickshank_DPI   ? 
_refine.pdbx_overall_SU_R_Blow_DPI               ? 
_refine.pdbx_overall_SU_R_free_Blow_DPI          ? 
# 
_refine_hist.pdbx_refine_id                   'X-RAY DIFFRACTION' 
_refine_hist.cycle_id                         LAST 
_refine_hist.pdbx_number_atoms_protein        1208 
_refine_hist.pdbx_number_atoms_nucleic_acid   0 
_refine_hist.pdbx_number_atoms_ligand         0 
_refine_hist.number_atoms_solvent             241 
_refine_hist.number_atoms_total               1449 
_refine_hist.d_res_high                       1.70 
_refine_hist.d_res_low                        40.93 
# 
loop_
_refine_ls_restr.type 
_refine_ls_restr.dev_ideal 
_refine_ls_restr.dev_ideal_target 
_refine_ls_restr.weight 
_refine_ls_restr.number 
_refine_ls_restr.pdbx_refine_id 
_refine_ls_restr.pdbx_restraint_function 
r_bond_refined_d             0.018  0.022  ? 1245 'X-RAY DIFFRACTION' ? 
r_bond_other_d               ?      ?      ? ?    'X-RAY DIFFRACTION' ? 
r_angle_refined_deg          1.740  1.986  ? 1690 'X-RAY DIFFRACTION' ? 
r_angle_other_deg            ?      ?      ? ?    'X-RAY DIFFRACTION' ? 
r_dihedral_angle_1_deg       5.343  5.000  ? 166  'X-RAY DIFFRACTION' ? 
r_dihedral_angle_2_deg       29.711 21.600 ? 50   'X-RAY DIFFRACTION' ? 
r_dihedral_angle_3_deg       15.665 15.000 ? 214  'X-RAY DIFFRACTION' ? 
r_dihedral_angle_4_deg       16.259 15.000 ? 17   'X-RAY DIFFRACTION' ? 
r_chiral_restr               0.126  0.200  ? 212  'X-RAY DIFFRACTION' ? 
r_gen_planes_refined         0.008  0.020  ? 913  'X-RAY DIFFRACTION' ? 
r_gen_planes_other           ?      ?      ? ?    'X-RAY DIFFRACTION' ? 
r_nbd_refined                0.252  0.200  ? 715  'X-RAY DIFFRACTION' ? 
r_nbd_other                  ?      ?      ? ?    'X-RAY DIFFRACTION' ? 
r_nbtor_refined              0.315  0.200  ? 901  'X-RAY DIFFRACTION' ? 
r_nbtor_other                ?      ?      ? ?    'X-RAY DIFFRACTION' ? 
r_xyhbond_nbd_refined        0.175  0.200  ? 177  'X-RAY DIFFRACTION' ? 
r_xyhbond_nbd_other          ?      ?      ? ?    'X-RAY DIFFRACTION' ? 
r_metal_ion_refined          ?      ?      ? ?    'X-RAY DIFFRACTION' ? 
r_metal_ion_other            ?      ?      ? ?    'X-RAY DIFFRACTION' ? 
r_symmetry_vdw_refined       0.244  0.200  ? 69   'X-RAY DIFFRACTION' ? 
r_symmetry_vdw_other         ?      ?      ? ?    'X-RAY DIFFRACTION' ? 
r_symmetry_hbond_refined     0.184  0.200  ? 29   'X-RAY DIFFRACTION' ? 
r_symmetry_hbond_other       ?      ?      ? ?    'X-RAY DIFFRACTION' ? 
r_symmetry_metal_ion_refined ?      ?      ? ?    'X-RAY DIFFRACTION' ? 
r_symmetry_metal_ion_other   ?      ?      ? ?    'X-RAY DIFFRACTION' ? 
r_mcbond_it                  1.689  1.500  ? 831  'X-RAY DIFFRACTION' ? 
r_mcbond_other               ?      ?      ? ?    'X-RAY DIFFRACTION' ? 
r_mcangle_it                 1.747  2.000  ? 1308 'X-RAY DIFFRACTION' ? 
r_scbond_it                  3.447  3.000  ? 444  'X-RAY DIFFRACTION' ? 
r_scangle_it                 4.541  4.500  ? 379  'X-RAY DIFFRACTION' ? 
r_rigid_bond_restr           ?      ?      ? ?    'X-RAY DIFFRACTION' ? 
r_sphericity_free            ?      ?      ? ?    'X-RAY DIFFRACTION' ? 
r_sphericity_bonded          ?      ?      ? ?    'X-RAY DIFFRACTION' ? 
# 
_refine_ls_shell.pdbx_total_number_of_bins_used   20 
_refine_ls_shell.d_res_high                       1.70 
_refine_ls_shell.d_res_low                        1.745 
_refine_ls_shell.number_reflns_R_work             1193 
_refine_ls_shell.R_factor_R_work                  0.303 
_refine_ls_shell.percent_reflns_obs               96.58 
_refine_ls_shell.R_factor_R_free                  0.38 
_refine_ls_shell.R_factor_R_free_error            ? 
_refine_ls_shell.percent_reflns_R_free            ? 
_refine_ls_shell.number_reflns_R_free             77 
_refine_ls_shell.number_reflns_all                ? 
_refine_ls_shell.R_factor_all                     ? 
_refine_ls_shell.number_reflns_obs                ? 
_refine_ls_shell.redundancy_reflns_obs            ? 
_refine_ls_shell.pdbx_refine_id                   'X-RAY DIFFRACTION' 
# 
_struct.entry_id                  2OFY 
_struct.title                     'Crystal structure of putative XRE-family transcriptional regulator from Rhodococcus sp.' 
_struct.pdbx_model_details        ? 
_struct.pdbx_CASP_flag            ? 
_struct.pdbx_model_type_details   ? 
# 
_struct_keywords.entry_id        2OFY 
_struct_keywords.pdbx_keywords   TRANSCRIPTION 
_struct_keywords.text            
;TRANSCRIPTION REGULATOR, XRE-FAMILY, STRUCTURAL GENOMICS, PSI, PROTEIN STRUCTURE INITIATIVE, MIDWEST CENTER FOR STRUCTURAL GENOMICS, MCSG, TRANSCRIPTION
;
# 
loop_
_struct_asym.id 
_struct_asym.pdbx_blank_PDB_chainid_flag 
_struct_asym.pdbx_modified 
_struct_asym.entity_id 
_struct_asym.details 
A N N 1 ? 
B N N 1 ? 
C N N 2 ? 
D N N 2 ? 
# 
_struct_ref.id                         1 
_struct_ref.db_name                    UNP 
_struct_ref.db_code                    Q0S9B8_RHOSR 
_struct_ref.pdbx_db_accession          Q0S9B8 
_struct_ref.entity_id                  1 
_struct_ref.pdbx_seq_one_letter_code   
;MVRVPLTAEELERGQRLGELLRSARGDMSMVTVAFDAGISVETLRKIETGRIATPAFFTIAAVARVLDLSLDDVAAVVTF
GPVSTS
;
_struct_ref.pdbx_align_begin           1 
_struct_ref.pdbx_db_isoform            ? 
# 
loop_
_struct_ref_seq.align_id 
_struct_ref_seq.ref_id 
_struct_ref_seq.pdbx_PDB_id_code 
_struct_ref_seq.pdbx_strand_id 
_struct_ref_seq.seq_align_beg 
_struct_ref_seq.pdbx_seq_align_beg_ins_code 
_struct_ref_seq.seq_align_end 
_struct_ref_seq.pdbx_seq_align_end_ins_code 
_struct_ref_seq.pdbx_db_accession 
_struct_ref_seq.db_align_beg 
_struct_ref_seq.pdbx_db_align_beg_ins_code 
_struct_ref_seq.db_align_end 
_struct_ref_seq.pdbx_db_align_end_ins_code 
_struct_ref_seq.pdbx_auth_seq_align_beg 
_struct_ref_seq.pdbx_auth_seq_align_end 
1 1 2OFY A 1 ? 86 ? Q0S9B8 1 ? 86 ? 1 86 
2 1 2OFY B 1 ? 86 ? Q0S9B8 1 ? 86 ? 1 86 
# 
loop_
_struct_ref_seq_dif.align_id 
_struct_ref_seq_dif.pdbx_pdb_id_code 
_struct_ref_seq_dif.mon_id 
_struct_ref_seq_dif.pdbx_pdb_strand_id 
_struct_ref_seq_dif.seq_num 
_struct_ref_seq_dif.pdbx_pdb_ins_code 
_struct_ref_seq_dif.pdbx_seq_db_name 
_struct_ref_seq_dif.pdbx_seq_db_accession_code 
_struct_ref_seq_dif.db_mon_id 
_struct_ref_seq_dif.pdbx_seq_db_seq_num 
_struct_ref_seq_dif.details 
_struct_ref_seq_dif.pdbx_auth_seq_num 
_struct_ref_seq_dif.pdbx_ordinal 
1 2OFY MSE A 1  ? UNP Q0S9B8 MET 1  'modified residue' 1  1 
1 2OFY MSE A 28 ? UNP Q0S9B8 MET 28 'modified residue' 28 2 
1 2OFY MSE A 30 ? UNP Q0S9B8 MET 30 'modified residue' 30 3 
2 2OFY MSE B 1  ? UNP Q0S9B8 MET 1  'modified residue' 1  4 
2 2OFY MSE B 28 ? UNP Q0S9B8 MET 28 'modified residue' 28 5 
2 2OFY MSE B 30 ? UNP Q0S9B8 MET 30 'modified residue' 30 6 
# 
_pdbx_struct_assembly.id                   1 
_pdbx_struct_assembly.details              author_and_software_defined_assembly 
_pdbx_struct_assembly.method_details       PISA 
_pdbx_struct_assembly.oligomeric_details   dimeric 
_pdbx_struct_assembly.oligomeric_count     2 
# 
loop_
_pdbx_struct_assembly_prop.biol_id 
_pdbx_struct_assembly_prop.type 
_pdbx_struct_assembly_prop.value 
_pdbx_struct_assembly_prop.details 
1 'ABSA (A^2)' 1720 ? 
1 MORE         -15  ? 
1 'SSA (A^2)'  9180 ? 
# 
_pdbx_struct_assembly_gen.assembly_id       1 
_pdbx_struct_assembly_gen.oper_expression   1 
_pdbx_struct_assembly_gen.asym_id_list      A,B,C,D 
# 
_pdbx_struct_oper_list.id                   1 
_pdbx_struct_oper_list.type                 'identity operation' 
_pdbx_struct_oper_list.name                 1_555 
_pdbx_struct_oper_list.symmetry_operation   x,y,z 
_pdbx_struct_oper_list.matrix[1][1]         1.0000000000 
_pdbx_struct_oper_list.matrix[1][2]         0.0000000000 
_pdbx_struct_oper_list.matrix[1][3]         0.0000000000 
_pdbx_struct_oper_list.vector[1]            0.0000000000 
_pdbx_struct_oper_list.matrix[2][1]         0.0000000000 
_pdbx_struct_oper_list.matrix[2][2]         1.0000000000 
_pdbx_struct_oper_list.matrix[2][3]         0.0000000000 
_pdbx_struct_oper_list.vector[2]            0.0000000000 
_pdbx_struct_oper_list.matrix[3][1]         0.0000000000 
_pdbx_struct_oper_list.matrix[3][2]         0.0000000000 
_pdbx_struct_oper_list.matrix[3][3]         1.0000000000 
_pdbx_struct_oper_list.vector[3]            0.0000000000 
# 
_struct_biol.id   1 
# 
loop_
_struct_conf.conf_type_id 
_struct_conf.id 
_struct_conf.pdbx_PDB_helix_id 
_struct_conf.beg_label_comp_id 
_struct_conf.beg_label_asym_id 
_struct_conf.beg_label_seq_id 
_struct_conf.pdbx_beg_PDB_ins_code 
_struct_conf.end_label_comp_id 
_struct_conf.end_label_asym_id 
_struct_conf.end_label_seq_id 
_struct_conf.pdbx_end_PDB_ins_code 
_struct_conf.beg_auth_comp_id 
_struct_conf.beg_auth_asym_id 
_struct_conf.beg_auth_seq_id 
_struct_conf.end_auth_comp_id 
_struct_conf.end_auth_asym_id 
_struct_conf.end_auth_seq_id 
_struct_conf.pdbx_PDB_helix_class 
_struct_conf.details 
_struct_conf.pdbx_PDB_helix_length 
HELX_P HELX_P1  1  THR A 7  ? GLY A 26 ? THR A 7  GLY A 26 1 ? 20 
HELX_P HELX_P2  2  SER A 29 ? GLY A 38 ? SER A 29 GLY A 38 1 ? 10 
HELX_P HELX_P3  3  SER A 40 ? THR A 49 ? SER A 40 THR A 49 1 ? 10 
HELX_P HELX_P4  4  ALA A 56 ? LEU A 67 ? ALA A 56 LEU A 67 1 ? 12 
HELX_P HELX_P5  5  SER A 70 ? ALA A 76 ? SER A 70 ALA A 76 1 ? 7  
HELX_P HELX_P6  6  THR B 7  ? GLY B 26 ? THR B 7  GLY B 26 1 ? 20 
HELX_P HELX_P7  7  SER B 29 ? GLY B 38 ? SER B 29 GLY B 38 1 ? 10 
HELX_P HELX_P8  8  SER B 40 ? THR B 49 ? SER B 40 THR B 49 1 ? 10 
HELX_P HELX_P9  9  ALA B 56 ? ASP B 68 ? ALA B 56 ASP B 68 1 ? 13 
HELX_P HELX_P10 10 SER B 70 ? GLY B 81 ? SER B 70 GLY B 81 1 ? 12 
# 
_struct_conf_type.id          HELX_P 
_struct_conf_type.criteria    ? 
_struct_conf_type.reference   ? 
# 
loop_
_struct_conn.id 
_struct_conn.conn_type_id 
_struct_conn.pdbx_leaving_atom_flag 
_struct_conn.pdbx_PDB_id 
_struct_conn.ptnr1_label_asym_id 
_struct_conn.ptnr1_label_comp_id 
_struct_conn.ptnr1_label_seq_id 
_struct_conn.ptnr1_label_atom_id 
_struct_conn.pdbx_ptnr1_label_alt_id 
_struct_conn.pdbx_ptnr1_PDB_ins_code 
_struct_conn.pdbx_ptnr1_standard_comp_id 
_struct_conn.ptnr1_symmetry 
_struct_conn.ptnr2_label_asym_id 
_struct_conn.ptnr2_label_comp_id 
_struct_conn.ptnr2_label_seq_id 
_struct_conn.ptnr2_label_atom_id 
_struct_conn.pdbx_ptnr2_label_alt_id 
_struct_conn.pdbx_ptnr2_PDB_ins_code 
_struct_conn.ptnr1_auth_asym_id 
_struct_conn.ptnr1_auth_comp_id 
_struct_conn.ptnr1_auth_seq_id 
_struct_conn.ptnr2_auth_asym_id 
_struct_conn.ptnr2_auth_comp_id 
_struct_conn.ptnr2_auth_seq_id 
_struct_conn.ptnr2_symmetry 
_struct_conn.pdbx_ptnr3_label_atom_id 
_struct_conn.pdbx_ptnr3_label_seq_id 
_struct_conn.pdbx_ptnr3_label_comp_id 
_struct_conn.pdbx_ptnr3_label_asym_id 
_struct_conn.pdbx_ptnr3_label_alt_id 
_struct_conn.pdbx_ptnr3_PDB_ins_code 
_struct_conn.details 
_struct_conn.pdbx_dist_value 
_struct_conn.pdbx_value_order 
_struct_conn.pdbx_role 
covale1 covale both ? A ASP 27 C ? ? ? 1_555 A MSE 28 N ? ? A ASP 27 A MSE 28 1_555 ? ? ? ? ? ? ? 1.325 ? ? 
covale2 covale both ? A MSE 28 C ? ? ? 1_555 A SER 29 N ? ? A MSE 28 A SER 29 1_555 ? ? ? ? ? ? ? 1.331 ? ? 
covale3 covale both ? A SER 29 C ? ? ? 1_555 A MSE 30 N ? ? A SER 29 A MSE 30 1_555 ? ? ? ? ? ? ? 1.330 ? ? 
covale4 covale both ? A MSE 30 C ? ? ? 1_555 A VAL 31 N ? ? A MSE 30 A VAL 31 1_555 ? ? ? ? ? ? ? 1.331 ? ? 
covale5 covale both ? B ASP 27 C ? ? ? 1_555 B MSE 28 N ? ? B ASP 27 B MSE 28 1_555 ? ? ? ? ? ? ? 1.334 ? ? 
covale6 covale both ? B MSE 28 C ? ? ? 1_555 B SER 29 N ? ? B MSE 28 B SER 29 1_555 ? ? ? ? ? ? ? 1.328 ? ? 
covale7 covale both ? B SER 29 C ? ? ? 1_555 B MSE 30 N ? ? B SER 29 B MSE 30 1_555 ? ? ? ? ? ? ? 1.327 ? ? 
covale8 covale both ? B MSE 30 C ? ? ? 1_555 B VAL 31 N ? ? B MSE 30 B VAL 31 1_555 ? ? ? ? ? ? ? 1.321 ? ? 
# 
_struct_conn_type.id          covale 
_struct_conn_type.criteria    ? 
_struct_conn_type.reference   ? 
# 
loop_
_pdbx_modification_feature.ordinal 
_pdbx_modification_feature.label_comp_id 
_pdbx_modification_feature.label_asym_id 
_pdbx_modification_feature.label_seq_id 
_pdbx_modification_feature.label_alt_id 
_pdbx_modification_feature.modified_residue_label_comp_id 
_pdbx_modification_feature.modified_residue_label_asym_id 
_pdbx_modification_feature.modified_residue_label_seq_id 
_pdbx_modification_feature.modified_residue_label_alt_id 
_pdbx_modification_feature.auth_comp_id 
_pdbx_modification_feature.auth_asym_id 
_pdbx_modification_feature.auth_seq_id 
_pdbx_modification_feature.PDB_ins_code 
_pdbx_modification_feature.symmetry 
_pdbx_modification_feature.modified_residue_auth_comp_id 
_pdbx_modification_feature.modified_residue_auth_asym_id 
_pdbx_modification_feature.modified_residue_auth_seq_id 
_pdbx_modification_feature.modified_residue_PDB_ins_code 
_pdbx_modification_feature.modified_residue_symmetry 
_pdbx_modification_feature.comp_id_linking_atom 
_pdbx_modification_feature.modified_residue_id_linking_atom 
_pdbx_modification_feature.modified_residue_id 
_pdbx_modification_feature.ref_pcm_id 
_pdbx_modification_feature.ref_comp_id 
_pdbx_modification_feature.type 
_pdbx_modification_feature.category 
1 MSE A 28 ? . . . . MSE A 28 ? 1_555 . . . . . . . MET 1 MSE Selenomethionine 'Named protein modification' 
2 MSE A 30 ? . . . . MSE A 30 ? 1_555 . . . . . . . MET 1 MSE Selenomethionine 'Named protein modification' 
3 MSE B 28 ? . . . . MSE B 28 ? 1_555 . . . . . . . MET 1 MSE Selenomethionine 'Named protein modification' 
4 MSE B 30 ? . . . . MSE B 30 ? 1_555 . . . . . . . MET 1 MSE Selenomethionine 'Named protein modification' 
# 
loop_
_struct_mon_prot_cis.pdbx_id 
_struct_mon_prot_cis.label_comp_id 
_struct_mon_prot_cis.label_seq_id 
_struct_mon_prot_cis.label_asym_id 
_struct_mon_prot_cis.label_alt_id 
_struct_mon_prot_cis.pdbx_PDB_ins_code 
_struct_mon_prot_cis.auth_comp_id 
_struct_mon_prot_cis.auth_seq_id 
_struct_mon_prot_cis.auth_asym_id 
_struct_mon_prot_cis.pdbx_label_comp_id_2 
_struct_mon_prot_cis.pdbx_label_seq_id_2 
_struct_mon_prot_cis.pdbx_label_asym_id_2 
_struct_mon_prot_cis.pdbx_PDB_ins_code_2 
_struct_mon_prot_cis.pdbx_auth_comp_id_2 
_struct_mon_prot_cis.pdbx_auth_seq_id_2 
_struct_mon_prot_cis.pdbx_auth_asym_id_2 
_struct_mon_prot_cis.pdbx_PDB_model_num 
_struct_mon_prot_cis.pdbx_omega_angle 
1 VAL 83 A . ? VAL 83 A SER 84 A ? SER 84 A 1 21.07 
2 VAL 83 B . ? VAL 83 B SER 84 B ? SER 84 B 1 6.10  
# 
_pdbx_entry_details.entry_id                   2OFY 
_pdbx_entry_details.compound_details           ? 
_pdbx_entry_details.source_details             ? 
_pdbx_entry_details.nonpolymer_details         ? 
_pdbx_entry_details.sequence_details           ? 
_pdbx_entry_details.has_ligand_of_interest     ? 
_pdbx_entry_details.has_protein_modification   Y 
# 
loop_
_pdbx_validate_close_contact.id 
_pdbx_validate_close_contact.PDB_model_num 
_pdbx_validate_close_contact.auth_atom_id_1 
_pdbx_validate_close_contact.auth_asym_id_1 
_pdbx_validate_close_contact.auth_comp_id_1 
_pdbx_validate_close_contact.auth_seq_id_1 
_pdbx_validate_close_contact.PDB_ins_code_1 
_pdbx_validate_close_contact.label_alt_id_1 
_pdbx_validate_close_contact.auth_atom_id_2 
_pdbx_validate_close_contact.auth_asym_id_2 
_pdbx_validate_close_contact.auth_comp_id_2 
_pdbx_validate_close_contact.auth_seq_id_2 
_pdbx_validate_close_contact.PDB_ins_code_2 
_pdbx_validate_close_contact.label_alt_id_2 
_pdbx_validate_close_contact.dist 
1 1 OE2 A GLU 19  ? A O A HOH 177 ? ? 2.12 
2 1 O   B HOH 141 ? ? O B HOH 196 ? ? 2.15 
# 
_pdbx_validate_symm_contact.id                1 
_pdbx_validate_symm_contact.PDB_model_num     1 
_pdbx_validate_symm_contact.auth_atom_id_1    CG2 
_pdbx_validate_symm_contact.auth_asym_id_1    A 
_pdbx_validate_symm_contact.auth_comp_id_1    THR 
_pdbx_validate_symm_contact.auth_seq_id_1     79 
_pdbx_validate_symm_contact.PDB_ins_code_1    ? 
_pdbx_validate_symm_contact.label_alt_id_1    ? 
_pdbx_validate_symm_contact.site_symmetry_1   1_555 
_pdbx_validate_symm_contact.auth_atom_id_2    O 
_pdbx_validate_symm_contact.auth_asym_id_2    B 
_pdbx_validate_symm_contact.auth_comp_id_2    HOH 
_pdbx_validate_symm_contact.auth_seq_id_2     155 
_pdbx_validate_symm_contact.PDB_ins_code_2    ? 
_pdbx_validate_symm_contact.label_alt_id_2    ? 
_pdbx_validate_symm_contact.site_symmetry_2   4_555 
_pdbx_validate_symm_contact.dist              2.19 
# 
_pdbx_validate_peptide_omega.id               1 
_pdbx_validate_peptide_omega.PDB_model_num    1 
_pdbx_validate_peptide_omega.auth_comp_id_1   PRO 
_pdbx_validate_peptide_omega.auth_asym_id_1   A 
_pdbx_validate_peptide_omega.auth_seq_id_1    82 
_pdbx_validate_peptide_omega.PDB_ins_code_1   ? 
_pdbx_validate_peptide_omega.label_alt_id_1   ? 
_pdbx_validate_peptide_omega.auth_comp_id_2   VAL 
_pdbx_validate_peptide_omega.auth_asym_id_2   A 
_pdbx_validate_peptide_omega.auth_seq_id_2    83 
_pdbx_validate_peptide_omega.PDB_ins_code_2   ? 
_pdbx_validate_peptide_omega.label_alt_id_2   ? 
_pdbx_validate_peptide_omega.omega            -149.61 
# 
_pdbx_SG_project.id                    1 
_pdbx_SG_project.project_name          'PSI, Protein Structure Initiative' 
_pdbx_SG_project.full_name_of_center   'Midwest Center for Structural Genomics' 
_pdbx_SG_project.initial_of_center     MCSG 
# 
loop_
_pdbx_struct_mod_residue.id 
_pdbx_struct_mod_residue.label_asym_id 
_pdbx_struct_mod_residue.label_comp_id 
_pdbx_struct_mod_residue.label_seq_id 
_pdbx_struct_mod_residue.auth_asym_id 
_pdbx_struct_mod_residue.auth_comp_id 
_pdbx_struct_mod_residue.auth_seq_id 
_pdbx_struct_mod_residue.PDB_ins_code 
_pdbx_struct_mod_residue.parent_comp_id 
_pdbx_struct_mod_residue.details 
1 A MSE 28 A MSE 28 ? MET SELENOMETHIONINE 
2 A MSE 30 A MSE 30 ? MET SELENOMETHIONINE 
3 B MSE 28 B MSE 28 ? MET SELENOMETHIONINE 
4 B MSE 30 B MSE 30 ? MET SELENOMETHIONINE 
# 
loop_
_pdbx_refine_tls.id 
_pdbx_refine_tls.details 
_pdbx_refine_tls.method 
_pdbx_refine_tls.origin_x 
_pdbx_refine_tls.origin_y 
_pdbx_refine_tls.origin_z 
_pdbx_refine_tls.T[1][1] 
_pdbx_refine_tls.T[2][2] 
_pdbx_refine_tls.T[3][3] 
_pdbx_refine_tls.T[1][2] 
_pdbx_refine_tls.T[1][3] 
_pdbx_refine_tls.T[2][3] 
_pdbx_refine_tls.L[1][1] 
_pdbx_refine_tls.L[2][2] 
_pdbx_refine_tls.L[3][3] 
_pdbx_refine_tls.L[1][2] 
_pdbx_refine_tls.L[1][3] 
_pdbx_refine_tls.L[2][3] 
_pdbx_refine_tls.S[1][1] 
_pdbx_refine_tls.S[1][2] 
_pdbx_refine_tls.S[1][3] 
_pdbx_refine_tls.S[2][1] 
_pdbx_refine_tls.S[2][2] 
_pdbx_refine_tls.S[2][3] 
_pdbx_refine_tls.S[3][1] 
_pdbx_refine_tls.S[3][2] 
_pdbx_refine_tls.S[3][3] 
_pdbx_refine_tls.pdbx_refine_id 
1  ? refined -3.4324  11.3945  -4.5893  0.0953  -0.0402 0.0461  0.0089  0.0410  0.0185  5.3584  4.1704   11.6390 1.4733  -3.9784 -1.6920 -0.3125 0.1978  0.1404  -0.8344 0.1582  -0.1354 0.3776  -0.3808 0.1544  'X-RAY DIFFRACTION' 
2  ? refined 2.4470   12.4058  12.1285  0.0078  0.1863  0.1310  0.0127  -0.0047 -0.0898 3.3900  2.5572   6.4570  -1.5482 0.8654  1.6786  0.0392  -0.5017 0.6534  0.1897  0.0202  -0.1445 -0.2655 0.1390  -0.0594 'X-RAY DIFFRACTION' 
3  ? refined 2.0622   7.6053   2.5600   -0.0315 0.0183  0.0370  0.0232  0.0120  0.0000  3.7502  4.3638   5.0326  -0.5062 -1.0682 0.4911  0.1082  0.0518  0.3954  -0.2804 0.1316  -0.4057 0.0607  0.0826  -0.2398 'X-RAY DIFFRACTION' 
4  ? refined -4.2619  3.0700   13.0993  0.0248  0.1333  -0.0515 -0.0163 0.0000  0.0063  27.5654 11.8139  13.7925 4.4983  1.0599  1.2351  0.4774  -1.1391 0.2510  0.7454  -0.3212 0.1470  0.7718  -0.2140 -0.1562 'X-RAY DIFFRACTION' 
5  ? refined -10.2784 1.3089   -4.0595  0.0906  -0.0182 -0.1285 0.0588  -0.0542 -0.0369 8.1206  9.5840   2.1151  -1.5763 -3.8994 -0.7437 0.5375  0.6123  -0.0336 -1.7222 -0.5230 0.3440  0.5041  -0.8179 -0.0145 'X-RAY DIFFRACTION' 
6  ? refined 10.8392  -8.3762  3.8750   -0.0346 0.0588  -0.1234 0.1317  -0.2186 0.0680  57.9667 17.9764  23.6091 23.7257 21.4030 9.9245  -1.6628 -0.5595 1.1529  0.1892  0.8204  -0.4631 -0.8739 2.0522  0.8426  'X-RAY DIFFRACTION' 
7  ? refined -2.7184  -12.0631 -11.0552 0.2402  0.0641  -0.0148 -0.0911 0.0084  0.0223  0.8478  3.0392   10.0577 -1.4853 2.8442  -4.5071 -0.3223 0.4752  -0.7845 -0.1602 0.1241  -0.0365 0.2785  0.0265  0.1983  'X-RAY DIFFRACTION' 
8  ? refined 7.2589   -8.5475  -9.7056  0.1230  0.0250  0.0104  0.0129  0.0452  0.0007  10.2047 7.2489   9.8849  0.4552  3.8643  -4.4667 -0.1829 0.2374  -0.4478 -0.7505 0.1825  -0.4682 0.5986  0.5014  0.0004  'X-RAY DIFFRACTION' 
9  ? refined -2.9391  -5.2216  -0.9831  0.1119  -0.0078 -0.0424 0.0054  -0.0131 0.0364  2.6577  7.1298   6.2869  1.8810  0.3880  1.8216  -0.0869 -0.1138 -0.1049 0.0985  0.0853  -0.0899 0.6372  -0.1968 0.0016  'X-RAY DIFFRACTION' 
10 ? refined 2.7159   -13.6191 9.7935   -0.0238 0.0734  -0.0483 0.1673  -0.0376 0.0198  35.3206 190.7681 47.9562 55.1311 4.9208  23.2756 0.4345  -0.8123 0.0677  0.7231  -2.2409 0.8726  0.9650  -0.5837 1.8063  'X-RAY DIFFRACTION' 
# 
loop_
_pdbx_refine_tls_group.id 
_pdbx_refine_tls_group.refine_tls_id 
_pdbx_refine_tls_group.beg_auth_asym_id 
_pdbx_refine_tls_group.beg_auth_seq_id 
_pdbx_refine_tls_group.beg_label_asym_id 
_pdbx_refine_tls_group.beg_label_seq_id 
_pdbx_refine_tls_group.end_auth_asym_id 
_pdbx_refine_tls_group.end_auth_seq_id 
_pdbx_refine_tls_group.end_label_asym_id 
_pdbx_refine_tls_group.end_label_seq_id 
_pdbx_refine_tls_group.selection 
_pdbx_refine_tls_group.pdbx_refine_id 
_pdbx_refine_tls_group.selection_details 
1  1  A 3  A 3  A 23 A 23 ? 'X-RAY DIFFRACTION' ? 
2  2  A 24 A 24 A 46 A 46 ? 'X-RAY DIFFRACTION' ? 
3  3  A 47 A 47 A 64 A 64 ? 'X-RAY DIFFRACTION' ? 
4  4  A 65 A 65 A 69 A 69 ? 'X-RAY DIFFRACTION' ? 
5  5  A 70 A 70 A 84 A 84 ? 'X-RAY DIFFRACTION' ? 
6  6  B 5  B 5  B 19 B 19 ? 'X-RAY DIFFRACTION' ? 
7  7  B 20 B 20 B 39 B 39 ? 'X-RAY DIFFRACTION' ? 
8  8  B 40 B 40 B 52 B 52 ? 'X-RAY DIFFRACTION' ? 
9  9  B 53 B 53 B 77 B 77 ? 'X-RAY DIFFRACTION' ? 
10 10 B 78 B 78 B 84 B 84 ? 'X-RAY DIFFRACTION' ? 
# 
loop_
_pdbx_unobs_or_zero_occ_residues.id 
_pdbx_unobs_or_zero_occ_residues.PDB_model_num 
_pdbx_unobs_or_zero_occ_residues.polymer_flag 
_pdbx_unobs_or_zero_occ_residues.occupancy_flag 
_pdbx_unobs_or_zero_occ_residues.auth_asym_id 
_pdbx_unobs_or_zero_occ_residues.auth_comp_id 
_pdbx_unobs_or_zero_occ_residues.auth_seq_id 
_pdbx_unobs_or_zero_occ_residues.PDB_ins_code 
_pdbx_unobs_or_zero_occ_residues.label_asym_id 
_pdbx_unobs_or_zero_occ_residues.label_comp_id 
_pdbx_unobs_or_zero_occ_residues.label_seq_id 
1  1 Y 1 A MSE 1  ? A MSE 1  
2  1 Y 1 A VAL 2  ? A VAL 2  
3  1 Y 1 A THR 85 ? A THR 85 
4  1 Y 1 A SER 86 ? A SER 86 
5  1 Y 1 B MSE 1  ? B MSE 1  
6  1 Y 1 B VAL 2  ? B VAL 2  
7  1 Y 1 B ARG 3  ? B ARG 3  
8  1 Y 1 B VAL 4  ? B VAL 4  
9  1 Y 1 B THR 85 ? B THR 85 
10 1 Y 1 B SER 86 ? B SER 86 
# 
loop_
_chem_comp_atom.comp_id 
_chem_comp_atom.atom_id 
_chem_comp_atom.type_symbol 
_chem_comp_atom.pdbx_aromatic_flag 
_chem_comp_atom.pdbx_stereo_config 
_chem_comp_atom.pdbx_ordinal 
ALA N    N  N N 1   
ALA CA   C  N S 2   
ALA C    C  N N 3   
ALA O    O  N N 4   
ALA CB   C  N N 5   
ALA OXT  O  N N 6   
ALA H    H  N N 7   
ALA H2   H  N N 8   
ALA HA   H  N N 9   
ALA HB1  H  N N 10  
ALA HB2  H  N N 11  
ALA HB3  H  N N 12  
ALA HXT  H  N N 13  
ARG N    N  N N 14  
ARG CA   C  N S 15  
ARG C    C  N N 16  
ARG O    O  N N 17  
ARG CB   C  N N 18  
ARG CG   C  N N 19  
ARG CD   C  N N 20  
ARG NE   N  N N 21  
ARG CZ   C  N N 22  
ARG NH1  N  N N 23  
ARG NH2  N  N N 24  
ARG OXT  O  N N 25  
ARG H    H  N N 26  
ARG H2   H  N N 27  
ARG HA   H  N N 28  
ARG HB2  H  N N 29  
ARG HB3  H  N N 30  
ARG HG2  H  N N 31  
ARG HG3  H  N N 32  
ARG HD2  H  N N 33  
ARG HD3  H  N N 34  
ARG HE   H  N N 35  
ARG HH11 H  N N 36  
ARG HH12 H  N N 37  
ARG HH21 H  N N 38  
ARG HH22 H  N N 39  
ARG HXT  H  N N 40  
ASP N    N  N N 41  
ASP CA   C  N S 42  
ASP C    C  N N 43  
ASP O    O  N N 44  
ASP CB   C  N N 45  
ASP CG   C  N N 46  
ASP OD1  O  N N 47  
ASP OD2  O  N N 48  
ASP OXT  O  N N 49  
ASP H    H  N N 50  
ASP H2   H  N N 51  
ASP HA   H  N N 52  
ASP HB2  H  N N 53  
ASP HB3  H  N N 54  
ASP HD2  H  N N 55  
ASP HXT  H  N N 56  
GLN N    N  N N 57  
GLN CA   C  N S 58  
GLN C    C  N N 59  
GLN O    O  N N 60  
GLN CB   C  N N 61  
GLN CG   C  N N 62  
GLN CD   C  N N 63  
GLN OE1  O  N N 64  
GLN NE2  N  N N 65  
GLN OXT  O  N N 66  
GLN H    H  N N 67  
GLN H2   H  N N 68  
GLN HA   H  N N 69  
GLN HB2  H  N N 70  
GLN HB3  H  N N 71  
GLN HG2  H  N N 72  
GLN HG3  H  N N 73  
GLN HE21 H  N N 74  
GLN HE22 H  N N 75  
GLN HXT  H  N N 76  
GLU N    N  N N 77  
GLU CA   C  N S 78  
GLU C    C  N N 79  
GLU O    O  N N 80  
GLU CB   C  N N 81  
GLU CG   C  N N 82  
GLU CD   C  N N 83  
GLU OE1  O  N N 84  
GLU OE2  O  N N 85  
GLU OXT  O  N N 86  
GLU H    H  N N 87  
GLU H2   H  N N 88  
GLU HA   H  N N 89  
GLU HB2  H  N N 90  
GLU HB3  H  N N 91  
GLU HG2  H  N N 92  
GLU HG3  H  N N 93  
GLU HE2  H  N N 94  
GLU HXT  H  N N 95  
GLY N    N  N N 96  
GLY CA   C  N N 97  
GLY C    C  N N 98  
GLY O    O  N N 99  
GLY OXT  O  N N 100 
GLY H    H  N N 101 
GLY H2   H  N N 102 
GLY HA2  H  N N 103 
GLY HA3  H  N N 104 
GLY HXT  H  N N 105 
HOH O    O  N N 106 
HOH H1   H  N N 107 
HOH H2   H  N N 108 
ILE N    N  N N 109 
ILE CA   C  N S 110 
ILE C    C  N N 111 
ILE O    O  N N 112 
ILE CB   C  N S 113 
ILE CG1  C  N N 114 
ILE CG2  C  N N 115 
ILE CD1  C  N N 116 
ILE OXT  O  N N 117 
ILE H    H  N N 118 
ILE H2   H  N N 119 
ILE HA   H  N N 120 
ILE HB   H  N N 121 
ILE HG12 H  N N 122 
ILE HG13 H  N N 123 
ILE HG21 H  N N 124 
ILE HG22 H  N N 125 
ILE HG23 H  N N 126 
ILE HD11 H  N N 127 
ILE HD12 H  N N 128 
ILE HD13 H  N N 129 
ILE HXT  H  N N 130 
LEU N    N  N N 131 
LEU CA   C  N S 132 
LEU C    C  N N 133 
LEU O    O  N N 134 
LEU CB   C  N N 135 
LEU CG   C  N N 136 
LEU CD1  C  N N 137 
LEU CD2  C  N N 138 
LEU OXT  O  N N 139 
LEU H    H  N N 140 
LEU H2   H  N N 141 
LEU HA   H  N N 142 
LEU HB2  H  N N 143 
LEU HB3  H  N N 144 
LEU HG   H  N N 145 
LEU HD11 H  N N 146 
LEU HD12 H  N N 147 
LEU HD13 H  N N 148 
LEU HD21 H  N N 149 
LEU HD22 H  N N 150 
LEU HD23 H  N N 151 
LEU HXT  H  N N 152 
LYS N    N  N N 153 
LYS CA   C  N S 154 
LYS C    C  N N 155 
LYS O    O  N N 156 
LYS CB   C  N N 157 
LYS CG   C  N N 158 
LYS CD   C  N N 159 
LYS CE   C  N N 160 
LYS NZ   N  N N 161 
LYS OXT  O  N N 162 
LYS H    H  N N 163 
LYS H2   H  N N 164 
LYS HA   H  N N 165 
LYS HB2  H  N N 166 
LYS HB3  H  N N 167 
LYS HG2  H  N N 168 
LYS HG3  H  N N 169 
LYS HD2  H  N N 170 
LYS HD3  H  N N 171 
LYS HE2  H  N N 172 
LYS HE3  H  N N 173 
LYS HZ1  H  N N 174 
LYS HZ2  H  N N 175 
LYS HZ3  H  N N 176 
LYS HXT  H  N N 177 
MET N    N  N N 178 
MET CA   C  N S 179 
MET C    C  N N 180 
MET O    O  N N 181 
MET CB   C  N N 182 
MET CG   C  N N 183 
MET SD   S  N N 184 
MET CE   C  N N 185 
MET OXT  O  N N 186 
MET H    H  N N 187 
MET H2   H  N N 188 
MET HA   H  N N 189 
MET HB2  H  N N 190 
MET HB3  H  N N 191 
MET HG2  H  N N 192 
MET HG3  H  N N 193 
MET HE1  H  N N 194 
MET HE2  H  N N 195 
MET HE3  H  N N 196 
MET HXT  H  N N 197 
MSE N    N  N N 198 
MSE CA   C  N S 199 
MSE C    C  N N 200 
MSE O    O  N N 201 
MSE OXT  O  N N 202 
MSE CB   C  N N 203 
MSE CG   C  N N 204 
MSE SE   SE N N 205 
MSE CE   C  N N 206 
MSE H    H  N N 207 
MSE H2   H  N N 208 
MSE HA   H  N N 209 
MSE HXT  H  N N 210 
MSE HB2  H  N N 211 
MSE HB3  H  N N 212 
MSE HG2  H  N N 213 
MSE HG3  H  N N 214 
MSE HE1  H  N N 215 
MSE HE2  H  N N 216 
MSE HE3  H  N N 217 
PHE N    N  N N 218 
PHE CA   C  N S 219 
PHE C    C  N N 220 
PHE O    O  N N 221 
PHE CB   C  N N 222 
PHE CG   C  Y N 223 
PHE CD1  C  Y N 224 
PHE CD2  C  Y N 225 
PHE CE1  C  Y N 226 
PHE CE2  C  Y N 227 
PHE CZ   C  Y N 228 
PHE OXT  O  N N 229 
PHE H    H  N N 230 
PHE H2   H  N N 231 
PHE HA   H  N N 232 
PHE HB2  H  N N 233 
PHE HB3  H  N N 234 
PHE HD1  H  N N 235 
PHE HD2  H  N N 236 
PHE HE1  H  N N 237 
PHE HE2  H  N N 238 
PHE HZ   H  N N 239 
PHE HXT  H  N N 240 
PRO N    N  N N 241 
PRO CA   C  N S 242 
PRO C    C  N N 243 
PRO O    O  N N 244 
PRO CB   C  N N 245 
PRO CG   C  N N 246 
PRO CD   C  N N 247 
PRO OXT  O  N N 248 
PRO H    H  N N 249 
PRO HA   H  N N 250 
PRO HB2  H  N N 251 
PRO HB3  H  N N 252 
PRO HG2  H  N N 253 
PRO HG3  H  N N 254 
PRO HD2  H  N N 255 
PRO HD3  H  N N 256 
PRO HXT  H  N N 257 
SER N    N  N N 258 
SER CA   C  N S 259 
SER C    C  N N 260 
SER O    O  N N 261 
SER CB   C  N N 262 
SER OG   O  N N 263 
SER OXT  O  N N 264 
SER H    H  N N 265 
SER H2   H  N N 266 
SER HA   H  N N 267 
SER HB2  H  N N 268 
SER HB3  H  N N 269 
SER HG   H  N N 270 
SER HXT  H  N N 271 
THR N    N  N N 272 
THR CA   C  N S 273 
THR C    C  N N 274 
THR O    O  N N 275 
THR CB   C  N R 276 
THR OG1  O  N N 277 
THR CG2  C  N N 278 
THR OXT  O  N N 279 
THR H    H  N N 280 
THR H2   H  N N 281 
THR HA   H  N N 282 
THR HB   H  N N 283 
THR HG1  H  N N 284 
THR HG21 H  N N 285 
THR HG22 H  N N 286 
THR HG23 H  N N 287 
THR HXT  H  N N 288 
VAL N    N  N N 289 
VAL CA   C  N S 290 
VAL C    C  N N 291 
VAL O    O  N N 292 
VAL CB   C  N N 293 
VAL CG1  C  N N 294 
VAL CG2  C  N N 295 
VAL OXT  O  N N 296 
VAL H    H  N N 297 
VAL H2   H  N N 298 
VAL HA   H  N N 299 
VAL HB   H  N N 300 
VAL HG11 H  N N 301 
VAL HG12 H  N N 302 
VAL HG13 H  N N 303 
VAL HG21 H  N N 304 
VAL HG22 H  N N 305 
VAL HG23 H  N N 306 
VAL HXT  H  N N 307 
# 
loop_
_chem_comp_bond.comp_id 
_chem_comp_bond.atom_id_1 
_chem_comp_bond.atom_id_2 
_chem_comp_bond.value_order 
_chem_comp_bond.pdbx_aromatic_flag 
_chem_comp_bond.pdbx_stereo_config 
_chem_comp_bond.pdbx_ordinal 
ALA N   CA   sing N N 1   
ALA N   H    sing N N 2   
ALA N   H2   sing N N 3   
ALA CA  C    sing N N 4   
ALA CA  CB   sing N N 5   
ALA CA  HA   sing N N 6   
ALA C   O    doub N N 7   
ALA C   OXT  sing N N 8   
ALA CB  HB1  sing N N 9   
ALA CB  HB2  sing N N 10  
ALA CB  HB3  sing N N 11  
ALA OXT HXT  sing N N 12  
ARG N   CA   sing N N 13  
ARG N   H    sing N N 14  
ARG N   H2   sing N N 15  
ARG CA  C    sing N N 16  
ARG CA  CB   sing N N 17  
ARG CA  HA   sing N N 18  
ARG C   O    doub N N 19  
ARG C   OXT  sing N N 20  
ARG CB  CG   sing N N 21  
ARG CB  HB2  sing N N 22  
ARG CB  HB3  sing N N 23  
ARG CG  CD   sing N N 24  
ARG CG  HG2  sing N N 25  
ARG CG  HG3  sing N N 26  
ARG CD  NE   sing N N 27  
ARG CD  HD2  sing N N 28  
ARG CD  HD3  sing N N 29  
ARG NE  CZ   sing N N 30  
ARG NE  HE   sing N N 31  
ARG CZ  NH1  sing N N 32  
ARG CZ  NH2  doub N N 33  
ARG NH1 HH11 sing N N 34  
ARG NH1 HH12 sing N N 35  
ARG NH2 HH21 sing N N 36  
ARG NH2 HH22 sing N N 37  
ARG OXT HXT  sing N N 38  
ASP N   CA   sing N N 39  
ASP N   H    sing N N 40  
ASP N   H2   sing N N 41  
ASP CA  C    sing N N 42  
ASP CA  CB   sing N N 43  
ASP CA  HA   sing N N 44  
ASP C   O    doub N N 45  
ASP C   OXT  sing N N 46  
ASP CB  CG   sing N N 47  
ASP CB  HB2  sing N N 48  
ASP CB  HB3  sing N N 49  
ASP CG  OD1  doub N N 50  
ASP CG  OD2  sing N N 51  
ASP OD2 HD2  sing N N 52  
ASP OXT HXT  sing N N 53  
GLN N   CA   sing N N 54  
GLN N   H    sing N N 55  
GLN N   H2   sing N N 56  
GLN CA  C    sing N N 57  
GLN CA  CB   sing N N 58  
GLN CA  HA   sing N N 59  
GLN C   O    doub N N 60  
GLN C   OXT  sing N N 61  
GLN CB  CG   sing N N 62  
GLN CB  HB2  sing N N 63  
GLN CB  HB3  sing N N 64  
GLN CG  CD   sing N N 65  
GLN CG  HG2  sing N N 66  
GLN CG  HG3  sing N N 67  
GLN CD  OE1  doub N N 68  
GLN CD  NE2  sing N N 69  
GLN NE2 HE21 sing N N 70  
GLN NE2 HE22 sing N N 71  
GLN OXT HXT  sing N N 72  
GLU N   CA   sing N N 73  
GLU N   H    sing N N 74  
GLU N   H2   sing N N 75  
GLU CA  C    sing N N 76  
GLU CA  CB   sing N N 77  
GLU CA  HA   sing N N 78  
GLU C   O    doub N N 79  
GLU C   OXT  sing N N 80  
GLU CB  CG   sing N N 81  
GLU CB  HB2  sing N N 82  
GLU CB  HB3  sing N N 83  
GLU CG  CD   sing N N 84  
GLU CG  HG2  sing N N 85  
GLU CG  HG3  sing N N 86  
GLU CD  OE1  doub N N 87  
GLU CD  OE2  sing N N 88  
GLU OE2 HE2  sing N N 89  
GLU OXT HXT  sing N N 90  
GLY N   CA   sing N N 91  
GLY N   H    sing N N 92  
GLY N   H2   sing N N 93  
GLY CA  C    sing N N 94  
GLY CA  HA2  sing N N 95  
GLY CA  HA3  sing N N 96  
GLY C   O    doub N N 97  
GLY C   OXT  sing N N 98  
GLY OXT HXT  sing N N 99  
HOH O   H1   sing N N 100 
HOH O   H2   sing N N 101 
ILE N   CA   sing N N 102 
ILE N   H    sing N N 103 
ILE N   H2   sing N N 104 
ILE CA  C    sing N N 105 
ILE CA  CB   sing N N 106 
ILE CA  HA   sing N N 107 
ILE C   O    doub N N 108 
ILE C   OXT  sing N N 109 
ILE CB  CG1  sing N N 110 
ILE CB  CG2  sing N N 111 
ILE CB  HB   sing N N 112 
ILE CG1 CD1  sing N N 113 
ILE CG1 HG12 sing N N 114 
ILE CG1 HG13 sing N N 115 
ILE CG2 HG21 sing N N 116 
ILE CG2 HG22 sing N N 117 
ILE CG2 HG23 sing N N 118 
ILE CD1 HD11 sing N N 119 
ILE CD1 HD12 sing N N 120 
ILE CD1 HD13 sing N N 121 
ILE OXT HXT  sing N N 122 
LEU N   CA   sing N N 123 
LEU N   H    sing N N 124 
LEU N   H2   sing N N 125 
LEU CA  C    sing N N 126 
LEU CA  CB   sing N N 127 
LEU CA  HA   sing N N 128 
LEU C   O    doub N N 129 
LEU C   OXT  sing N N 130 
LEU CB  CG   sing N N 131 
LEU CB  HB2  sing N N 132 
LEU CB  HB3  sing N N 133 
LEU CG  CD1  sing N N 134 
LEU CG  CD2  sing N N 135 
LEU CG  HG   sing N N 136 
LEU CD1 HD11 sing N N 137 
LEU CD1 HD12 sing N N 138 
LEU CD1 HD13 sing N N 139 
LEU CD2 HD21 sing N N 140 
LEU CD2 HD22 sing N N 141 
LEU CD2 HD23 sing N N 142 
LEU OXT HXT  sing N N 143 
LYS N   CA   sing N N 144 
LYS N   H    sing N N 145 
LYS N   H2   sing N N 146 
LYS CA  C    sing N N 147 
LYS CA  CB   sing N N 148 
LYS CA  HA   sing N N 149 
LYS C   O    doub N N 150 
LYS C   OXT  sing N N 151 
LYS CB  CG   sing N N 152 
LYS CB  HB2  sing N N 153 
LYS CB  HB3  sing N N 154 
LYS CG  CD   sing N N 155 
LYS CG  HG2  sing N N 156 
LYS CG  HG3  sing N N 157 
LYS CD  CE   sing N N 158 
LYS CD  HD2  sing N N 159 
LYS CD  HD3  sing N N 160 
LYS CE  NZ   sing N N 161 
LYS CE  HE2  sing N N 162 
LYS CE  HE3  sing N N 163 
LYS NZ  HZ1  sing N N 164 
LYS NZ  HZ2  sing N N 165 
LYS NZ  HZ3  sing N N 166 
LYS OXT HXT  sing N N 167 
MET N   CA   sing N N 168 
MET N   H    sing N N 169 
MET N   H2   sing N N 170 
MET CA  C    sing N N 171 
MET CA  CB   sing N N 172 
MET CA  HA   sing N N 173 
MET C   O    doub N N 174 
MET C   OXT  sing N N 175 
MET CB  CG   sing N N 176 
MET CB  HB2  sing N N 177 
MET CB  HB3  sing N N 178 
MET CG  SD   sing N N 179 
MET CG  HG2  sing N N 180 
MET CG  HG3  sing N N 181 
MET SD  CE   sing N N 182 
MET CE  HE1  sing N N 183 
MET CE  HE2  sing N N 184 
MET CE  HE3  sing N N 185 
MET OXT HXT  sing N N 186 
MSE N   CA   sing N N 187 
MSE N   H    sing N N 188 
MSE N   H2   sing N N 189 
MSE CA  C    sing N N 190 
MSE CA  CB   sing N N 191 
MSE CA  HA   sing N N 192 
MSE C   O    doub N N 193 
MSE C   OXT  sing N N 194 
MSE OXT HXT  sing N N 195 
MSE CB  CG   sing N N 196 
MSE CB  HB2  sing N N 197 
MSE CB  HB3  sing N N 198 
MSE CG  SE   sing N N 199 
MSE CG  HG2  sing N N 200 
MSE CG  HG3  sing N N 201 
MSE SE  CE   sing N N 202 
MSE CE  HE1  sing N N 203 
MSE CE  HE2  sing N N 204 
MSE CE  HE3  sing N N 205 
PHE N   CA   sing N N 206 
PHE N   H    sing N N 207 
PHE N   H2   sing N N 208 
PHE CA  C    sing N N 209 
PHE CA  CB   sing N N 210 
PHE CA  HA   sing N N 211 
PHE C   O    doub N N 212 
PHE C   OXT  sing N N 213 
PHE CB  CG   sing N N 214 
PHE CB  HB2  sing N N 215 
PHE CB  HB3  sing N N 216 
PHE CG  CD1  doub Y N 217 
PHE CG  CD2  sing Y N 218 
PHE CD1 CE1  sing Y N 219 
PHE CD1 HD1  sing N N 220 
PHE CD2 CE2  doub Y N 221 
PHE CD2 HD2  sing N N 222 
PHE CE1 CZ   doub Y N 223 
PHE CE1 HE1  sing N N 224 
PHE CE2 CZ   sing Y N 225 
PHE CE2 HE2  sing N N 226 
PHE CZ  HZ   sing N N 227 
PHE OXT HXT  sing N N 228 
PRO N   CA   sing N N 229 
PRO N   CD   sing N N 230 
PRO N   H    sing N N 231 
PRO CA  C    sing N N 232 
PRO CA  CB   sing N N 233 
PRO CA  HA   sing N N 234 
PRO C   O    doub N N 235 
PRO C   OXT  sing N N 236 
PRO CB  CG   sing N N 237 
PRO CB  HB2  sing N N 238 
PRO CB  HB3  sing N N 239 
PRO CG  CD   sing N N 240 
PRO CG  HG2  sing N N 241 
PRO CG  HG3  sing N N 242 
PRO CD  HD2  sing N N 243 
PRO CD  HD3  sing N N 244 
PRO OXT HXT  sing N N 245 
SER N   CA   sing N N 246 
SER N   H    sing N N 247 
SER N   H2   sing N N 248 
SER CA  C    sing N N 249 
SER CA  CB   sing N N 250 
SER CA  HA   sing N N 251 
SER C   O    doub N N 252 
SER C   OXT  sing N N 253 
SER CB  OG   sing N N 254 
SER CB  HB2  sing N N 255 
SER CB  HB3  sing N N 256 
SER OG  HG   sing N N 257 
SER OXT HXT  sing N N 258 
THR N   CA   sing N N 259 
THR N   H    sing N N 260 
THR N   H2   sing N N 261 
THR CA  C    sing N N 262 
THR CA  CB   sing N N 263 
THR CA  HA   sing N N 264 
THR C   O    doub N N 265 
THR C   OXT  sing N N 266 
THR CB  OG1  sing N N 267 
THR CB  CG2  sing N N 268 
THR CB  HB   sing N N 269 
THR OG1 HG1  sing N N 270 
THR CG2 HG21 sing N N 271 
THR CG2 HG22 sing N N 272 
THR CG2 HG23 sing N N 273 
THR OXT HXT  sing N N 274 
VAL N   CA   sing N N 275 
VAL N   H    sing N N 276 
VAL N   H2   sing N N 277 
VAL CA  C    sing N N 278 
VAL CA  CB   sing N N 279 
VAL CA  HA   sing N N 280 
VAL C   O    doub N N 281 
VAL C   OXT  sing N N 282 
VAL CB  CG1  sing N N 283 
VAL CB  CG2  sing N N 284 
VAL CB  HB   sing N N 285 
VAL CG1 HG11 sing N N 286 
VAL CG1 HG12 sing N N 287 
VAL CG1 HG13 sing N N 288 
VAL CG2 HG21 sing N N 289 
VAL CG2 HG22 sing N N 290 
VAL CG2 HG23 sing N N 291 
VAL OXT HXT  sing N N 292 
# 
_atom_sites.entry_id                    2OFY 
_atom_sites.fract_transf_matrix[1][1]   -0.01780886 
_atom_sites.fract_transf_matrix[1][2]   0.00043091 
_atom_sites.fract_transf_matrix[1][3]   0.01533747 
_atom_sites.fract_transf_matrix[2][1]   0.01154532 
_atom_sites.fract_transf_matrix[2][2]   -0.01219814 
_atom_sites.fract_transf_matrix[2][3]   0.01374838 
_atom_sites.fract_transf_matrix[3][1]   0.00462237 
_atom_sites.fract_transf_matrix[3][2]   0.01010433 
_atom_sites.fract_transf_matrix[3][3]   0.00508331 
_atom_sites.fract_transf_vector[1]      0.501124 
_atom_sites.fract_transf_vector[2]      0.462970 
_atom_sites.fract_transf_vector[3]      0.075941 
# 
loop_
_atom_type.symbol 
C  
N  
O  
SE 
# 
loop_
_atom_site.group_PDB 
_atom_site.id 
_atom_site.type_symbol 
_atom_site.label_atom_id 
_atom_site.label_alt_id 
_atom_site.label_comp_id 
_atom_site.label_asym_id 
_atom_site.label_entity_id 
_atom_site.label_seq_id 
_atom_site.pdbx_PDB_ins_code 
_atom_site.Cartn_x 
_atom_site.Cartn_y 
_atom_site.Cartn_z 
_atom_site.occupancy 
_atom_site.B_iso_or_equiv 
_atom_site.pdbx_formal_charge 
_atom_site.auth_seq_id 
_atom_site.auth_comp_id 
_atom_site.auth_asym_id 
_atom_site.auth_atom_id 
_atom_site.pdbx_PDB_model_num 
ATOM   1    N  N   . ARG A 1 3  ? 12.085  12.464  -16.292 1.00 26.03 ? 3   ARG A N   1 
ATOM   2    C  CA  . ARG A 1 3  ? 11.026  12.387  -15.228 1.00 27.33 ? 3   ARG A CA  1 
ATOM   3    C  C   . ARG A 1 3  ? 9.813   11.597  -15.728 1.00 26.01 ? 3   ARG A C   1 
ATOM   4    O  O   . ARG A 1 3  ? 9.339   11.821  -16.848 1.00 26.59 ? 3   ARG A O   1 
ATOM   5    C  CB  . ARG A 1 3  ? 10.609  13.797  -14.770 1.00 27.01 ? 3   ARG A CB  1 
ATOM   6    C  CG  . ARG A 1 3  ? 9.684   13.816  -13.569 1.00 28.93 ? 3   ARG A CG  1 
ATOM   7    C  CD  . ARG A 1 3  ? 9.272   15.227  -13.173 1.00 28.81 ? 3   ARG A CD  1 
ATOM   8    N  NE  . ARG A 1 3  ? 8.331   15.190  -12.056 1.00 27.92 ? 3   ARG A NE  1 
ATOM   9    C  CZ  . ARG A 1 3  ? 8.004   16.243  -11.296 1.00 27.84 ? 3   ARG A CZ  1 
ATOM   10   N  NH1 . ARG A 1 3  ? 8.546   17.451  -11.546 1.00 26.63 ? 3   ARG A NH1 1 
ATOM   11   N  NH2 . ARG A 1 3  ? 7.128   16.069  -10.287 1.00 26.75 ? 3   ARG A NH2 1 
ATOM   12   N  N   . VAL A 1 4  ? 9.380   10.633  -14.925 1.00 25.57 ? 4   VAL A N   1 
ATOM   13   C  CA  . VAL A 1 4  ? 8.078   9.957   -15.063 1.00 25.44 ? 4   VAL A CA  1 
ATOM   14   C  C   . VAL A 1 4  ? 7.006   10.805  -14.357 1.00 23.64 ? 4   VAL A C   1 
ATOM   15   O  O   . VAL A 1 4  ? 7.007   10.882  -13.123 1.00 25.02 ? 4   VAL A O   1 
ATOM   16   C  CB  . VAL A 1 4  ? 8.062   8.583   -14.334 1.00 25.93 ? 4   VAL A CB  1 
ATOM   17   C  CG1 . VAL A 1 4  ? 8.091   8.787   -12.808 1.00 26.40 ? 4   VAL A CG1 1 
ATOM   18   C  CG2 . VAL A 1 4  ? 6.777   7.826   -14.633 1.00 28.27 ? 4   VAL A CG2 1 
ATOM   19   N  N   . PRO A 1 5  ? 6.089   11.440  -15.114 1.00 23.44 ? 5   PRO A N   1 
ATOM   20   C  CA  . PRO A 1 5  ? 5.026   12.193  -14.400 1.00 23.09 ? 5   PRO A CA  1 
ATOM   21   C  C   . PRO A 1 5  ? 3.938   11.261  -13.900 1.00 23.10 ? 5   PRO A C   1 
ATOM   22   O  O   . PRO A 1 5  ? 3.737   10.190  -14.504 1.00 22.87 ? 5   PRO A O   1 
ATOM   23   C  CB  . PRO A 1 5  ? 4.425   13.080  -15.492 1.00 23.35 ? 5   PRO A CB  1 
ATOM   24   C  CG  . PRO A 1 5  ? 5.289   12.906  -16.709 1.00 24.65 ? 5   PRO A CG  1 
ATOM   25   C  CD  . PRO A 1 5  ? 5.953   11.578  -16.573 1.00 23.37 ? 5   PRO A CD  1 
ATOM   26   N  N   . LEU A 1 6  ? 3.263   11.650  -12.809 1.00 21.51 ? 6   LEU A N   1 
ATOM   27   C  CA  . LEU A 1 6  ? 2.083   10.984  -12.349 1.00 21.55 ? 6   LEU A CA  1 
ATOM   28   C  C   . LEU A 1 6  ? 0.986   11.260  -13.338 1.00 20.01 ? 6   LEU A C   1 
ATOM   29   O  O   . LEU A 1 6  ? 0.978   12.293  -14.012 1.00 19.44 ? 6   LEU A O   1 
ATOM   30   C  CB  . LEU A 1 6  ? 1.631   11.549  -10.977 1.00 22.29 ? 6   LEU A CB  1 
ATOM   31   C  CG  . LEU A 1 6  ? 2.558   11.357  -9.772  1.00 22.04 ? 6   LEU A CG  1 
ATOM   32   C  CD1 . LEU A 1 6  ? 2.315   12.418  -8.756  1.00 26.25 ? 6   LEU A CD1 1 
ATOM   33   C  CD2 . LEU A 1 6  ? 2.409   9.938   -9.147  1.00 23.03 ? 6   LEU A CD2 1 
ATOM   34   N  N   . THR A 1 7  ? 0.033   10.352  -13.375 1.00 20.31 ? 7   THR A N   1 
ATOM   35   C  CA  . THR A 1 7  ? -1.164  10.564  -14.145 1.00 20.47 ? 7   THR A CA  1 
ATOM   36   C  C   . THR A 1 7  ? -2.119  11.353  -13.248 1.00 19.23 ? 7   THR A C   1 
ATOM   37   O  O   . THR A 1 7  ? -1.927  11.407  -12.020 1.00 20.42 ? 7   THR A O   1 
ATOM   38   C  CB  . THR A 1 7  ? -1.770  9.204   -14.567 1.00 20.65 ? 7   THR A CB  1 
ATOM   39   O  OG1 . THR A 1 7  ? -2.274  8.553   -13.404 1.00 21.58 ? 7   THR A OG1 1 
ATOM   40   C  CG2 . THR A 1 7  ? -0.682  8.292   -15.235 1.00 21.52 ? 7   THR A CG2 1 
ATOM   41   N  N   . ALA A 1 8  ? -3.152  11.958  -13.845 1.00 19.33 ? 8   ALA A N   1 
ATOM   42   C  CA  . ALA A 1 8  ? -4.148  12.679  -13.058 1.00 18.82 ? 8   ALA A CA  1 
ATOM   43   C  C   . ALA A 1 8  ? -4.728  11.733  -11.977 1.00 19.70 ? 8   ALA A C   1 
ATOM   44   O  O   . ALA A 1 8  ? -4.850  12.087  -10.803 1.00 18.36 ? 8   ALA A O   1 
ATOM   45   C  CB  . ALA A 1 8  ? -5.248  13.227  -13.956 1.00 17.32 ? 8   ALA A CB  1 
ATOM   46   N  N   . GLU A 1 9  ? -5.026  10.507  -12.392 1.00 20.04 ? 9   GLU A N   1 
ATOM   47   C  CA  . GLU A 1 9  ? -5.601  9.503   -11.476 1.00 19.20 ? 9   GLU A CA  1 
ATOM   48   C  C   . GLU A 1 9  ? -4.687  9.157   -10.284 1.00 19.82 ? 9   GLU A C   1 
ATOM   49   O  O   . GLU A 1 9  ? -5.148  9.051   -9.122  1.00 20.23 ? 9   GLU A O   1 
ATOM   50   C  CB  . GLU A 1 9  ? -6.014  8.268   -12.299 1.00 20.17 ? 9   GLU A CB  1 
ATOM   51   C  CG  . GLU A 1 9  ? -7.081  8.583   -13.360 1.00 23.38 ? 9   GLU A CG  1 
ATOM   52   C  CD  . GLU A 1 9  ? -6.690  9.640   -14.448 1.00 32.59 ? 9   GLU A CD  1 
ATOM   53   O  OE1 . GLU A 1 9  ? -5.717  9.455   -15.259 1.00 29.41 ? 9   GLU A OE1 1 
ATOM   54   O  OE2 . GLU A 1 9  ? -7.403  10.678  -14.505 1.00 36.15 ? 9   GLU A OE2 1 
ATOM   55   N  N   . GLU A 1 10 ? -3.393  9.000   -10.530 1.00 18.88 ? 10  GLU A N   1 
ATOM   56   C  CA  . GLU A 1 10 ? -2.445  8.755   -9.457  1.00 20.48 ? 10  GLU A CA  1 
ATOM   57   C  C   . GLU A 1 10 ? -2.349  9.893   -8.431  1.00 20.66 ? 10  GLU A C   1 
ATOM   58   O  O   . GLU A 1 10 ? -2.350  9.683   -7.220  1.00 20.18 ? 10  GLU A O   1 
ATOM   59   C  CB  . GLU A 1 10 ? -1.079  8.443   -10.011 1.00 21.09 ? 10  GLU A CB  1 
ATOM   60   C  CG  . GLU A 1 10 ? -1.064  7.059   -10.712 1.00 22.54 ? 10  GLU A CG  1 
ATOM   61   C  CD  . GLU A 1 10 ? 0.075   6.876   -11.657 1.00 25.12 ? 10  GLU A CD  1 
ATOM   62   O  OE1 . GLU A 1 10 ? 0.720   7.880   -12.025 1.00 24.06 ? 10  GLU A OE1 1 
ATOM   63   O  OE2 . GLU A 1 10 ? 0.329   5.709   -12.050 1.00 24.92 ? 10  GLU A OE2 1 
ATOM   64   N  N   . LEU A 1 11 ? -2.240  11.115  -8.944  1.00 20.12 ? 11  LEU A N   1 
ATOM   65   C  CA  . LEU A 1 11 ? -2.153  12.264  -8.033  1.00 19.98 ? 11  LEU A CA  1 
ATOM   66   C  C   . LEU A 1 11 ? -3.406  12.370  -7.200  1.00 21.00 ? 11  LEU A C   1 
ATOM   67   O  O   . LEU A 1 11 ? -3.352  12.576  -5.954  1.00 20.83 ? 11  LEU A O   1 
ATOM   68   C  CB  . LEU A 1 11 ? -1.924  13.521  -8.875  1.00 20.93 ? 11  LEU A CB  1 
ATOM   69   C  CG  . LEU A 1 11 ? -1.987  14.857  -8.109  1.00 19.89 ? 11  LEU A CG  1 
ATOM   70   C  CD1 . LEU A 1 11 ? -0.933  14.815  -6.990  1.00 26.45 ? 11  LEU A CD1 1 
ATOM   71   C  CD2 . LEU A 1 11 ? -1.829  16.079  -9.024  1.00 21.37 ? 11  LEU A CD2 1 
ATOM   72   N  N   . GLU A 1 12 ? -4.550  12.221  -7.865  1.00 19.53 ? 12  GLU A N   1 
ATOM   73   C  CA  . GLU A 1 12 ? -5.817  12.334  -7.147  1.00 21.42 ? 12  GLU A CA  1 
ATOM   74   C  C   . GLU A 1 12 ? -5.959  11.227  -6.083  1.00 19.78 ? 12  GLU A C   1 
ATOM   75   O  O   . GLU A 1 12 ? -6.422  11.512  -4.972  1.00 19.91 ? 12  GLU A O   1 
ATOM   76   C  CB  . GLU A 1 12 ? -6.973  12.307  -8.136  1.00 20.84 ? 12  GLU A CB  1 
ATOM   77   C  CG  . GLU A 1 12 ? -8.294  12.715  -7.531  1.00 26.12 ? 12  GLU A CG  1 
ATOM   78   C  CD  . GLU A 1 12 ? -9.404  12.762  -8.572  1.00 28.17 ? 12  GLU A CD  1 
ATOM   79   O  OE1 . GLU A 1 12 ? -9.460  11.892  -9.479  1.00 32.45 ? 12  GLU A OE1 1 
ATOM   80   O  OE2 . GLU A 1 12 ? -10.200 13.706  -8.498  1.00 30.45 ? 12  GLU A OE2 1 
ATOM   81   N  N   . ARG A 1 13 ? -5.567  9.987   -6.393  1.00 19.80 ? 13  ARG A N   1 
ATOM   82   C  CA  . ARG A 1 13 ? -5.608  8.923   -5.360  1.00 19.28 ? 13  ARG A CA  1 
ATOM   83   C  C   . ARG A 1 13 ? -4.741  9.225   -4.147  1.00 20.13 ? 13  ARG A C   1 
ATOM   84   O  O   . ARG A 1 13 ? -5.121  8.974   -2.994  1.00 18.82 ? 13  ARG A O   1 
ATOM   85   C  CB  . ARG A 1 13 ? -5.110  7.588   -5.934  1.00 21.37 ? 13  ARG A CB  1 
ATOM   86   C  CG  . ARG A 1 13 ? -5.996  6.964   -6.946  1.00 22.70 ? 13  ARG A CG  1 
ATOM   87   C  CD  . ARG A 1 13 ? -5.529  5.506   -7.126  1.00 25.06 ? 13  ARG A CD  1 
ATOM   88   N  NE  . ARG A 1 13 ? -6.165  4.916   -8.287  1.00 33.24 ? 13  ARG A NE  1 
ATOM   89   C  CZ  . ARG A 1 13 ? -5.583  4.781   -9.471  1.00 33.29 ? 13  ARG A CZ  1 
ATOM   90   N  NH1 . ARG A 1 13 ? -4.324  5.176   -9.668  1.00 35.70 ? 13  ARG A NH1 1 
ATOM   91   N  NH2 . ARG A 1 13 ? -6.266  4.258   -10.464 1.00 33.27 ? 13  ARG A NH2 1 
ATOM   92   N  N   . GLY A 1 14 ? -3.542  9.738   -4.415  1.00 19.96 ? 14  GLY A N   1 
ATOM   93   C  CA  . GLY A 1 14 ? -2.599  10.134  -3.353  1.00 20.60 ? 14  GLY A CA  1 
ATOM   94   C  C   . GLY A 1 14 ? -3.243  11.197  -2.489  1.00 20.78 ? 14  GLY A C   1 
ATOM   95   O  O   . GLY A 1 14 ? -3.165  11.168  -1.265  1.00 19.33 ? 14  GLY A O   1 
ATOM   96   N  N   . GLN A 1 15 ? -3.838  12.208  -3.133  1.00 19.77 ? 15  GLN A N   1 
ATOM   97   C  CA  . GLN A 1 15 ? -4.518  13.300  -2.386  1.00 19.90 ? 15  GLN A CA  1 
ATOM   98   C  C   . GLN A 1 15 ? -5.691  12.790  -1.554  1.00 20.51 ? 15  GLN A C   1 
ATOM   99   O  O   . GLN A 1 15 ? -5.821  13.160  -0.379  1.00 20.38 ? 15  GLN A O   1 
ATOM   100  C  CB  . GLN A 1 15 ? -4.971  14.360  -3.386  1.00 21.23 ? 15  GLN A CB  1 
ATOM   101  C  CG  . GLN A 1 15 ? -3.674  15.099  -3.817  1.00 18.20 ? 15  GLN A CG  1 
ATOM   102  C  CD  . GLN A 1 15 ? -3.893  16.056  -4.963  1.00 21.23 ? 15  GLN A CD  1 
ATOM   103  O  OE1 . GLN A 1 15 ? -4.940  15.999  -5.660  1.00 22.31 ? 15  GLN A OE1 1 
ATOM   104  N  NE2 . GLN A 1 15 ? -2.909  16.973  -5.168  1.00 23.76 ? 15  GLN A NE2 1 
ATOM   105  N  N   . ARG A 1 16 ? -6.546  11.948  -2.134  1.00 18.97 ? 16  ARG A N   1 
ATOM   106  C  CA  . ARG A 1 16 ? -7.639  11.360  -1.341  1.00 19.87 ? 16  ARG A CA  1 
ATOM   107  C  C   . ARG A 1 16 ? -7.150  10.586  -0.135  1.00 19.24 ? 16  ARG A C   1 
ATOM   108  O  O   . ARG A 1 16 ? -7.719  10.668  0.944   1.00 18.66 ? 16  ARG A O   1 
ATOM   109  C  CB  . ARG A 1 16 ? -8.441  10.362  -2.221  1.00 19.40 ? 16  ARG A CB  1 
ATOM   110  C  CG  . ARG A 1 16 ? -9.159  11.060  -3.294  1.00 23.44 ? 16  ARG A CG  1 
ATOM   111  C  CD  . ARG A 1 16 ? -9.966  9.976   -3.943  1.00 22.70 ? 16  ARG A CD  1 
ATOM   112  N  NE  . ARG A 1 16 ? -10.280 10.299  -5.275  1.00 26.80 ? 16  ARG A NE  1 
ATOM   113  C  CZ  . ARG A 1 16 ? -10.693 9.396   -6.157  1.00 26.67 ? 16  ARG A CZ  1 
ATOM   114  N  NH1 . ARG A 1 16 ? -10.814 8.107   -5.797  1.00 25.11 ? 16  ARG A NH1 1 
ATOM   115  N  NH2 . ARG A 1 16 ? -10.982 9.792   -7.373  1.00 24.15 ? 16  ARG A NH2 1 
ATOM   116  N  N   . LEU A 1 17 ? -6.103  9.791   -0.348  1.00 18.39 ? 17  LEU A N   1 
ATOM   117  C  CA  . LEU A 1 17 ? -5.533  8.973   0.721   1.00 17.65 ? 17  LEU A CA  1 
ATOM   118  C  C   . LEU A 1 17 ? -5.077  9.896   1.841   1.00 19.11 ? 17  LEU A C   1 
ATOM   119  O  O   . LEU A 1 17 ? -5.357  9.657   3.017   1.00 19.47 ? 17  LEU A O   1 
ATOM   120  C  CB  . LEU A 1 17 ? -4.368  8.130   0.168   1.00 16.97 ? 17  LEU A CB  1 
ATOM   121  C  CG  . LEU A 1 17 ? -3.606  7.343   1.243   1.00 18.13 ? 17  LEU A CG  1 
ATOM   122  C  CD1 . LEU A 1 17 ? -4.479  6.273   1.978   1.00 19.05 ? 17  LEU A CD1 1 
ATOM   123  C  CD2 . LEU A 1 17 ? -2.389  6.715   0.567   1.00 17.77 ? 17  LEU A CD2 1 
ATOM   124  N  N   . GLY A 1 18 ? -4.375  10.987  1.473   1.00 19.75 ? 18  GLY A N   1 
ATOM   125  C  CA  . GLY A 1 18 ? -3.835  11.966  2.458   1.00 20.45 ? 18  GLY A CA  1 
ATOM   126  C  C   . GLY A 1 18 ? -4.963  12.597  3.261   1.00 20.26 ? 18  GLY A C   1 
ATOM   127  O  O   . GLY A 1 18 ? -4.924  12.648  4.493   1.00 20.28 ? 18  GLY A O   1 
ATOM   128  N  N   . GLU A 1 19 ? -6.021  13.016  2.566   1.00 20.38 ? 19  GLU A N   1 
ATOM   129  C  CA  A GLU A 1 19 ? -7.201  13.596  3.191   0.30 19.94 ? 19  GLU A CA  1 
ATOM   130  C  CA  B GLU A 1 19 ? -7.177  13.619  3.235   0.70 21.21 ? 19  GLU A CA  1 
ATOM   131  C  C   . GLU A 1 19 ? -7.823  12.645  4.202   1.00 21.26 ? 19  GLU A C   1 
ATOM   132  O  O   . GLU A 1 19 ? -8.191  13.049  5.324   1.00 20.55 ? 19  GLU A O   1 
ATOM   133  C  CB  A GLU A 1 19 ? -8.223  13.876  2.096   0.30 20.00 ? 19  GLU A CB  1 
ATOM   134  C  CB  B GLU A 1 19 ? -8.229  14.070  2.211   0.70 21.98 ? 19  GLU A CB  1 
ATOM   135  C  CG  A GLU A 1 19 ? -7.804  14.940  1.112   0.30 17.87 ? 19  GLU A CG  1 
ATOM   136  C  CG  B GLU A 1 19 ? -9.385  14.863  2.897   0.70 23.14 ? 19  GLU A CG  1 
ATOM   137  C  CD  A GLU A 1 19 ? -8.802  15.083  -0.033  0.30 17.71 ? 19  GLU A CD  1 
ATOM   138  C  CD  B GLU A 1 19 ? -10.620 15.128  2.023   0.70 24.17 ? 19  GLU A CD  1 
ATOM   139  O  OE1 A GLU A 1 19 ? -9.983  15.295  0.243   0.30 19.15 ? 19  GLU A OE1 1 
ATOM   140  O  OE1 B GLU A 1 19 ? -10.537 14.955  0.787   0.70 26.88 ? 19  GLU A OE1 1 
ATOM   141  O  OE2 A GLU A 1 19 ? -8.394  14.978  -1.198  0.30 16.74 ? 19  GLU A OE2 1 
ATOM   142  O  OE2 B GLU A 1 19 ? -11.681 15.530  2.581   0.70 23.01 ? 19  GLU A OE2 1 
ATOM   143  N  N   . LEU A 1 20 ? -7.955  11.385  3.803   1.00 18.64 ? 20  LEU A N   1 
ATOM   144  C  CA  . LEU A 1 20 ? -8.566  10.351  4.684   1.00 21.35 ? 20  LEU A CA  1 
ATOM   145  C  C   . LEU A 1 20 ? -7.733  10.100  5.947   1.00 20.05 ? 20  LEU A C   1 
ATOM   146  O  O   . LEU A 1 20 ? -8.293  10.018  7.069   1.00 20.12 ? 20  LEU A O   1 
ATOM   147  C  CB  . LEU A 1 20 ? -8.624  9.036   3.908   1.00 22.40 ? 20  LEU A CB  1 
ATOM   148  C  CG  . LEU A 1 20 ? -9.858  8.208   3.754   1.00 30.48 ? 20  LEU A CG  1 
ATOM   149  C  CD1 . LEU A 1 20 ? -11.156 9.057   3.766   1.00 28.57 ? 20  LEU A CD1 1 
ATOM   150  C  CD2 . LEU A 1 20 ? -9.689  7.475   2.442   1.00 25.95 ? 20  LEU A CD2 1 
ATOM   151  N  N   . LEU A 1 21 ? -6.416  10.030  5.777   1.00 19.92 ? 21  LEU A N   1 
ATOM   152  C  CA  . LEU A 1 21 ? -5.487  9.833   6.907   1.00 19.09 ? 21  LEU A CA  1 
ATOM   153  C  C   . LEU A 1 21 ? -5.543  11.078  7.826   1.00 20.29 ? 21  LEU A C   1 
ATOM   154  O  O   . LEU A 1 21 ? -5.551  10.965  9.063   1.00 20.07 ? 21  LEU A O   1 
ATOM   155  C  CB  . LEU A 1 21 ? -4.056  9.604   6.415   1.00 19.67 ? 21  LEU A CB  1 
ATOM   156  C  CG  . LEU A 1 21 ? -3.958  8.234   5.714   1.00 19.02 ? 21  LEU A CG  1 
ATOM   157  C  CD1 . LEU A 1 21 ? -2.564  8.069   5.131   1.00 18.84 ? 21  LEU A CD1 1 
ATOM   158  C  CD2 . LEU A 1 21 ? -4.308  7.081   6.676   1.00 20.72 ? 21  LEU A CD2 1 
ATOM   159  N  N   . ARG A 1 22 ? -5.574  12.263  7.217   1.00 19.63 ? 22  ARG A N   1 
ATOM   160  C  CA  . ARG A 1 22 ? -5.655  13.487  8.035   1.00 19.06 ? 22  ARG A CA  1 
ATOM   161  C  C   . ARG A 1 22 ? -6.957  13.506  8.868   1.00 19.77 ? 22  ARG A C   1 
ATOM   162  O  O   . ARG A 1 22 ? -6.909  13.802  10.056  1.00 18.71 ? 22  ARG A O   1 
ATOM   163  C  CB  . ARG A 1 22 ? -5.529  14.755  7.136   1.00 17.26 ? 22  ARG A CB  1 
ATOM   164  C  CG  . ARG A 1 22 ? -5.757  16.122  7.865   1.00 21.27 ? 22  ARG A CG  1 
ATOM   165  C  CD  . ARG A 1 22 ? -4.831  16.241  8.968   1.00 25.63 ? 22  ARG A CD  1 
ATOM   166  N  NE  . ARG A 1 22 ? -5.079  17.387  9.862   1.00 24.24 ? 22  ARG A NE  1 
ATOM   167  C  CZ  . ARG A 1 22 ? -5.591  17.265  11.074  1.00 21.50 ? 22  ARG A CZ  1 
ATOM   168  N  NH1 . ARG A 1 22 ? -5.994  16.078  11.521  1.00 19.99 ? 22  ARG A NH1 1 
ATOM   169  N  NH2 . ARG A 1 22 ? -5.727  18.351  11.819  1.00 24.13 ? 22  ARG A NH2 1 
ATOM   170  N  N   . SER A 1 23 ? -8.077  13.180  8.234   1.00 19.95 ? 23  SER A N   1 
ATOM   171  C  CA  . SER A 1 23 ? -9.370  13.179  8.936   1.00 20.59 ? 23  SER A CA  1 
ATOM   172  C  C   . SER A 1 23 ? -9.330  12.125  10.034  1.00 19.75 ? 23  SER A C   1 
ATOM   173  O  O   . SER A 1 23 ? -9.838  12.360  11.148  1.00 18.80 ? 23  SER A O   1 
ATOM   174  C  CB  . SER A 1 23 ? -10.499 12.853  7.954   1.00 22.38 ? 23  SER A CB  1 
ATOM   175  O  OG  . SER A 1 23 ? -10.663 13.956  7.070   1.00 28.56 ? 23  SER A OG  1 
ATOM   176  N  N   . ALA A 1 24 ? -8.741  10.953  9.756   1.00 16.40 ? 24  ALA A N   1 
ATOM   177  C  CA  . ALA A 1 24 ? -8.649  9.886   10.788  1.00 16.49 ? 24  ALA A CA  1 
ATOM   178  C  C   . ALA A 1 24 ? -7.773  10.301  11.977  1.00 16.13 ? 24  ALA A C   1 
ATOM   179  O  O   . ALA A 1 24 ? -8.085  10.011  13.147  1.00 17.64 ? 24  ALA A O   1 
ATOM   180  C  CB  . ALA A 1 24 ? -8.186  8.569   10.230  1.00 16.34 ? 24  ALA A CB  1 
ATOM   181  N  N   . ARG A 1 25 ? -6.740  11.075  11.695  1.00 13.82 ? 25  ARG A N   1 
ATOM   182  C  CA  . ARG A 1 25 ? -5.882  11.584  12.771  1.00 14.38 ? 25  ARG A CA  1 
ATOM   183  C  C   . ARG A 1 25 ? -6.692  12.545  13.664  1.00 15.55 ? 25  ARG A C   1 
ATOM   184  O  O   . ARG A 1 25 ? -6.584  12.484  14.899  1.00 16.07 ? 25  ARG A O   1 
ATOM   185  C  CB  . ARG A 1 25 ? -4.632  12.231  12.201  1.00 14.10 ? 25  ARG A CB  1 
ATOM   186  C  CG  . ARG A 1 25 ? -3.721  12.767  13.328  1.00 13.11 ? 25  ARG A CG  1 
ATOM   187  C  CD  . ARG A 1 25 ? -2.353  13.136  12.805  1.00 14.74 ? 25  ARG A CD  1 
ATOM   188  N  NE  . ARG A 1 25 ? -2.368  14.196  11.793  1.00 13.28 ? 25  ARG A NE  1 
ATOM   189  C  CZ  . ARG A 1 25 ? -2.475  15.511  12.046  1.00 15.46 ? 25  ARG A CZ  1 
ATOM   190  N  NH1 . ARG A 1 25 ? -2.677  16.010  13.306  1.00 15.15 ? 25  ARG A NH1 1 
ATOM   191  N  NH2 . ARG A 1 25 ? -2.394  16.359  11.020  1.00 17.63 ? 25  ARG A NH2 1 
ATOM   192  N  N   . GLY A 1 26 ? -7.522  13.394  13.055  1.00 15.77 ? 26  GLY A N   1 
ATOM   193  C  CA  . GLY A 1 26 ? -8.408  14.253  13.863  1.00 15.99 ? 26  GLY A CA  1 
ATOM   194  C  C   . GLY A 1 26 ? -7.555  15.092  14.790  1.00 15.65 ? 26  GLY A C   1 
ATOM   195  O  O   . GLY A 1 26 ? -6.617  15.751  14.322  1.00 16.90 ? 26  GLY A O   1 
ATOM   196  N  N   . ASP A 1 27 ? -7.854  15.088  16.098  1.00 16.35 ? 27  ASP A N   1 
ATOM   197  C  CA  . ASP A 1 27 ? -7.129  15.961  17.021  1.00 18.03 ? 27  ASP A CA  1 
ATOM   198  C  C   . ASP A 1 27 ? -5.817  15.420  17.551  1.00 18.92 ? 27  ASP A C   1 
ATOM   199  O  O   . ASP A 1 27 ? -5.148  16.086  18.370  1.00 17.74 ? 27  ASP A O   1 
ATOM   200  C  CB  . ASP A 1 27 ? -8.044  16.365  18.189  1.00 18.05 ? 27  ASP A CB  1 
ATOM   201  C  CG  . ASP A 1 27 ? -9.276  17.080  17.713  1.00 23.00 ? 27  ASP A CG  1 
ATOM   202  O  OD1 . ASP A 1 27 ? -9.147  17.873  16.748  1.00 28.54 ? 27  ASP A OD1 1 
ATOM   203  O  OD2 . ASP A 1 27 ? -10.378 16.867  18.282  1.00 31.28 ? 27  ASP A OD2 1 
HETATM 204  N  N   . MSE A 1 28 ? -5.465  14.209  17.144  1.00 18.64 ? 28  MSE A N   1 
HETATM 205  C  CA  . MSE A 1 28 ? -4.257  13.580  17.617  1.00 22.89 ? 28  MSE A CA  1 
HETATM 206  C  C   . MSE A 1 28 ? -3.029  14.298  17.027  1.00 19.21 ? 28  MSE A C   1 
HETATM 207  O  O   . MSE A 1 28 ? -3.082  14.859  15.922  1.00 17.39 ? 28  MSE A O   1 
HETATM 208  C  CB  . MSE A 1 28 ? -4.221  12.088  17.236  1.00 21.18 ? 28  MSE A CB  1 
HETATM 209  C  CG  . MSE A 1 28 ? -5.330  11.224  17.827  1.00 25.24 ? 28  MSE A CG  1 
HETATM 210  SE SE  . MSE A 1 28 ? -5.329  9.554   16.758  1.00 43.39 ? 28  MSE A SE  1 
HETATM 211  C  CE  . MSE A 1 28 ? -3.485  9.004   17.412  1.00 23.41 ? 28  MSE A CE  1 
ATOM   212  N  N   . SER A 1 29 ? -1.935  14.279  17.786  1.00 17.36 ? 29  SER A N   1 
ATOM   213  C  CA  . SER A 1 29 ? -0.723  14.967  17.435  1.00 16.59 ? 29  SER A CA  1 
ATOM   214  C  C   . SER A 1 29 ? -0.043  14.343  16.205  1.00 17.99 ? 29  SER A C   1 
ATOM   215  O  O   . SER A 1 29 ? 0.080   13.119  16.122  1.00 16.37 ? 29  SER A O   1 
ATOM   216  C  CB  . SER A 1 29 ? 0.227   14.836  18.634  1.00 16.28 ? 29  SER A CB  1 
ATOM   217  O  OG  . SER A 1 29 ? 1.549   15.100  18.260  1.00 17.18 ? 29  SER A OG  1 
HETATM 218  N  N   . MSE A 1 30 ? 0.452   15.163  15.283  1.00 18.66 ? 30  MSE A N   1 
HETATM 219  C  CA  . MSE A 1 30 ? 1.282   14.589  14.199  1.00 23.22 ? 30  MSE A CA  1 
HETATM 220  C  C   . MSE A 1 30 ? 2.533   13.892  14.734  1.00 19.31 ? 30  MSE A C   1 
HETATM 221  O  O   . MSE A 1 30 ? 2.974   12.865  14.197  1.00 17.33 ? 30  MSE A O   1 
HETATM 222  C  CB  . MSE A 1 30 ? 1.703   15.651  13.206  1.00 22.28 ? 30  MSE A CB  1 
HETATM 223  C  CG  . MSE A 1 30 ? 0.548   16.240  12.409  1.00 24.00 ? 30  MSE A CG  1 
HETATM 224  SE SE  . MSE A 1 30 ? 1.378   17.432  11.090  1.00 40.86 ? 30  MSE A SE  1 
HETATM 225  C  CE  . MSE A 1 30 ? 1.709   15.997  10.031  1.00 21.09 ? 30  MSE A CE  1 
ATOM   226  N  N   . VAL A 1 31 ? 3.116   14.435  15.800  1.00 17.53 ? 31  VAL A N   1 
ATOM   227  C  CA  . VAL A 1 31 ? 4.356   13.851  16.321  1.00 16.89 ? 31  VAL A CA  1 
ATOM   228  C  C   . VAL A 1 31 ? 4.032   12.488  16.889  1.00 16.34 ? 31  VAL A C   1 
ATOM   229  O  O   . VAL A 1 31 ? 4.761   11.528  16.678  1.00 16.66 ? 31  VAL A O   1 
ATOM   230  C  CB  . VAL A 1 31 ? 4.957   14.707  17.451  1.00 17.61 ? 31  VAL A CB  1 
ATOM   231  C  CG1 . VAL A 1 31 ? 6.154   13.966  18.071  1.00 16.12 ? 31  VAL A CG1 1 
ATOM   232  C  CG2 . VAL A 1 31 ? 5.368   16.067  16.890  1.00 17.83 ? 31  VAL A CG2 1 
ATOM   233  N  N   . THR A 1 32 ? 2.943   12.401  17.635  1.00 14.97 ? 32  THR A N   1 
ATOM   234  C  CA  . THR A 1 32 ? 2.621   11.130  18.234  1.00 16.11 ? 32  THR A CA  1 
ATOM   235  C  C   . THR A 1 32 ? 2.330   10.056  17.165  1.00 16.54 ? 32  THR A C   1 
ATOM   236  O  O   . THR A 1 32 ? 2.844   8.932   17.227  1.00 16.37 ? 32  THR A O   1 
ATOM   237  C  CB  . THR A 1 32 ? 1.467   11.288  19.171  1.00 16.57 ? 32  THR A CB  1 
ATOM   238  O  OG1 . THR A 1 32 ? 1.845   12.258  20.180  1.00 17.84 ? 32  THR A OG1 1 
ATOM   239  C  CG2 . THR A 1 32 ? 1.151   9.976   19.788  1.00 18.62 ? 32  THR A CG2 1 
ATOM   240  N  N   . VAL A 1 33 ? 1.500   10.425  16.211  1.00 15.59 ? 33  VAL A N   1 
ATOM   241  C  CA  . VAL A 1 33 ? 1.211   9.527   15.056  1.00 14.69 ? 33  VAL A CA  1 
ATOM   242  C  C   . VAL A 1 33 ? 2.535   9.073   14.377  1.00 15.74 ? 33  VAL A C   1 
ATOM   243  O  O   . VAL A 1 33 ? 2.763   7.882   14.210  1.00 16.39 ? 33  VAL A O   1 
ATOM   244  C  CB  . VAL A 1 33 ? 0.199   10.124  14.072  1.00 16.22 ? 33  VAL A CB  1 
ATOM   245  C  CG1 . VAL A 1 33 ? 0.017   9.082   12.896  1.00 14.77 ? 33  VAL A CG1 1 
ATOM   246  C  CG2 . VAL A 1 33 ? -1.146  10.370  14.774  1.00 16.63 ? 33  VAL A CG2 1 
ATOM   247  N  N   . ALA A 1 34 ? 3.398   10.032  13.999  1.00 15.51 ? 34  ALA A N   1 
ATOM   248  C  CA  . ALA A 1 34 ? 4.670   9.749   13.305  1.00 16.02 ? 34  ALA A CA  1 
ATOM   249  C  C   . ALA A 1 34 ? 5.546   8.834   14.163  1.00 16.30 ? 34  ALA A C   1 
ATOM   250  O  O   . ALA A 1 34 ? 6.059   7.801   13.684  1.00 18.74 ? 34  ALA A O   1 
ATOM   251  C  CB  . ALA A 1 34 ? 5.400   11.056  13.021  1.00 15.20 ? 34  ALA A CB  1 
ATOM   252  N  N   . PHE A 1 35 ? 5.665   9.157   15.468  1.00 16.44 ? 35  PHE A N   1 
ATOM   253  C  CA  . PHE A 1 35 ? 6.464   8.328   16.390  1.00 16.24 ? 35  PHE A CA  1 
ATOM   254  C  C   . PHE A 1 35 ? 5.951   6.886   16.483  1.00 16.73 ? 35  PHE A C   1 
ATOM   255  O  O   . PHE A 1 35 ? 6.754   5.953   16.395  1.00 17.10 ? 35  PHE A O   1 
ATOM   256  C  CB  . PHE A 1 35 ? 6.582   8.935   17.799  1.00 15.74 ? 35  PHE A CB  1 
ATOM   257  C  CG  . PHE A 1 35 ? 7.311   8.034   18.801  1.00 16.28 ? 35  PHE A CG  1 
ATOM   258  C  CD1 . PHE A 1 35 ? 8.711   7.855   18.762  1.00 16.02 ? 35  PHE A CD1 1 
ATOM   259  C  CD2 . PHE A 1 35 ? 6.597   7.343   19.777  1.00 18.29 ? 35  PHE A CD2 1 
ATOM   260  C  CE1 . PHE A 1 35 ? 9.346   7.011   19.673  1.00 17.11 ? 35  PHE A CE1 1 
ATOM   261  C  CE2 . PHE A 1 35 ? 7.236   6.495   20.692  1.00 18.41 ? 35  PHE A CE2 1 
ATOM   262  C  CZ  . PHE A 1 35 ? 8.618   6.333   20.650  1.00 17.44 ? 35  PHE A CZ  1 
ATOM   263  N  N   . ASP A 1 36 ? 4.640   6.710   16.682  1.00 15.81 ? 36  ASP A N   1 
ATOM   264  C  CA  . ASP A 1 36 ? 4.047   5.387   16.858  1.00 16.41 ? 36  ASP A CA  1 
ATOM   265  C  C   . ASP A 1 36 ? 4.101   4.564   15.560  1.00 17.14 ? 36  ASP A C   1 
ATOM   266  O  O   . ASP A 1 36 ? 4.197   3.342   15.629  1.00 18.30 ? 36  ASP A O   1 
ATOM   267  C  CB  . ASP A 1 36 ? 2.562   5.485   17.339  1.00 17.19 ? 36  ASP A CB  1 
ATOM   268  C  CG  . ASP A 1 36 ? 2.418   5.972   18.787  1.00 19.24 ? 36  ASP A CG  1 
ATOM   269  O  OD1 . ASP A 1 36 ? 3.434   6.125   19.526  1.00 18.19 ? 36  ASP A OD1 1 
ATOM   270  O  OD2 . ASP A 1 36 ? 1.245   6.213   19.232  1.00 21.07 ? 36  ASP A OD2 1 
ATOM   271  N  N   . ALA A 1 37 ? 4.069   5.238   14.417  1.00 17.16 ? 37  ALA A N   1 
ATOM   272  C  CA  . ALA A 1 37 ? 4.121   4.591   13.077  1.00 18.58 ? 37  ALA A CA  1 
ATOM   273  C  C   . ALA A 1 37 ? 5.559   4.340   12.620  1.00 18.66 ? 37  ALA A C   1 
ATOM   274  O  O   . ALA A 1 37 ? 5.829   3.610   11.650  1.00 18.75 ? 37  ALA A O   1 
ATOM   275  C  CB  . ALA A 1 37 ? 3.358   5.432   12.035  1.00 19.87 ? 37  ALA A CB  1 
ATOM   276  N  N   . GLY A 1 38 ? 6.496   4.971   13.319  1.00 18.97 ? 38  GLY A N   1 
ATOM   277  C  CA  . GLY A 1 38 ? 7.922   4.849   12.986  1.00 19.53 ? 38  GLY A CA  1 
ATOM   278  C  C   . GLY A 1 38 ? 8.338   5.662   11.764  1.00 20.02 ? 38  GLY A C   1 
ATOM   279  O  O   . GLY A 1 38 ? 9.276   5.271   11.007  1.00 20.92 ? 38  GLY A O   1 
ATOM   280  N  N   . ILE A 1 39 ? 7.742   6.828   11.594  1.00 17.40 ? 39  ILE A N   1 
ATOM   281  C  CA  . ILE A 1 39 ? 8.112   7.670   10.457  1.00 17.36 ? 39  ILE A CA  1 
ATOM   282  C  C   . ILE A 1 39 ? 8.409   9.095   10.894  1.00 17.13 ? 39  ILE A C   1 
ATOM   283  O  O   . ILE A 1 39 ? 8.209   9.438   12.076  1.00 17.80 ? 39  ILE A O   1 
ATOM   284  C  CB  . ILE A 1 39 ? 7.002   7.669   9.388   1.00 17.58 ? 39  ILE A CB  1 
ATOM   285  C  CG1 . ILE A 1 39 ? 5.694   8.288   9.927   1.00 17.70 ? 39  ILE A CG1 1 
ATOM   286  C  CG2 . ILE A 1 39 ? 6.791   6.228   8.811   1.00 18.35 ? 39  ILE A CG2 1 
ATOM   287  C  CD1 . ILE A 1 39 ? 4.609   8.562   8.791   1.00 17.98 ? 39  ILE A CD1 1 
ATOM   288  N  N   . SER A 1 40 ? 8.886   9.940   9.978   1.00 17.03 ? 40  SER A N   1 
ATOM   289  C  CA  . SER A 1 40 ? 9.106   11.332  10.363  1.00 16.95 ? 40  SER A CA  1 
ATOM   290  C  C   . SER A 1 40 ? 7.827   12.144  10.242  1.00 16.21 ? 40  SER A C   1 
ATOM   291  O  O   . SER A 1 40 ? 6.924   11.789  9.468   1.00 15.79 ? 40  SER A O   1 
ATOM   292  C  CB  . SER A 1 40 ? 10.153  11.984  9.479   1.00 16.81 ? 40  SER A CB  1 
ATOM   293  O  OG  . SER A 1 40 ? 9.723   11.961  8.131   1.00 16.95 ? 40  SER A OG  1 
ATOM   294  N  N   . VAL A 1 41 ? 7.799   13.275  10.954  1.00 16.97 ? 41  VAL A N   1 
ATOM   295  C  CA  . VAL A 1 41 ? 6.643   14.200  10.796  1.00 18.17 ? 41  VAL A CA  1 
ATOM   296  C  C   . VAL A 1 41 ? 6.634   14.726  9.348   1.00 17.88 ? 41  VAL A C   1 
ATOM   297  O  O   . VAL A 1 41 ? 5.546   14.851  8.732   1.00 17.40 ? 41  VAL A O   1 
ATOM   298  C  CB  . VAL A 1 41 ? 6.683   15.351  11.799  1.00 18.17 ? 41  VAL A CB  1 
ATOM   299  C  CG1 . VAL A 1 41 ? 5.867   16.562  11.307  1.00 19.29 ? 41  VAL A CG1 1 
ATOM   300  C  CG2 . VAL A 1 41 ? 6.194   14.869  13.145  1.00 19.09 ? 41  VAL A CG2 1 
ATOM   301  N  N   . GLU A 1 42 ? 7.830   14.993  8.806   1.00 17.31 ? 42  GLU A N   1 
ATOM   302  C  CA  . GLU A 1 42 ? 7.895   15.394  7.409   1.00 18.59 ? 42  GLU A CA  1 
ATOM   303  C  C   . GLU A 1 42 ? 7.224   14.398  6.469   1.00 17.15 ? 42  GLU A C   1 
ATOM   304  O  O   . GLU A 1 42 ? 6.452   14.794  5.608   1.00 16.18 ? 42  GLU A O   1 
ATOM   305  C  CB  . GLU A 1 42 ? 9.321   15.780  6.922   1.00 18.21 ? 42  GLU A CB  1 
ATOM   306  C  CG  . GLU A 1 42 ? 9.484   17.320  6.975   1.00 26.27 ? 42  GLU A CG  1 
ATOM   307  C  CD  . GLU A 1 42 ? 8.146   18.067  6.745   1.00 32.63 ? 42  GLU A CD  1 
ATOM   308  O  OE1 . GLU A 1 42 ? 7.791   18.958  7.571   1.00 33.11 ? 42  GLU A OE1 1 
ATOM   309  O  OE2 . GLU A 1 42 ? 7.413   17.709  5.774   1.00 37.92 ? 42  GLU A OE2 1 
ATOM   310  N  N   . THR A 1 43 ? 7.485   13.112  6.658   1.00 16.51 ? 43  THR A N   1 
ATOM   311  C  CA  . THR A 1 43 ? 6.828   12.094  5.838   1.00 16.24 ? 43  THR A CA  1 
ATOM   312  C  C   . THR A 1 43 ? 5.298   12.110  6.018   1.00 15.96 ? 43  THR A C   1 
ATOM   313  O  O   . THR A 1 43 ? 4.555   12.103  5.013   1.00 14.70 ? 43  THR A O   1 
ATOM   314  C  CB  . THR A 1 43 ? 7.523   10.705  6.039   1.00 16.94 ? 43  THR A CB  1 
ATOM   315  O  OG1 . THR A 1 43 ? 8.867   10.783  5.548   1.00 19.51 ? 43  THR A OG1 1 
ATOM   316  C  CG2 . THR A 1 43 ? 6.712   9.586   5.395   1.00 18.77 ? 43  THR A CG2 1 
ATOM   317  N  N   . LEU A 1 44 ? 4.833   12.190  7.270   1.00 14.49 ? 44  LEU A N   1 
ATOM   318  C  CA  . LEU A 1 44 ? 3.378   12.153  7.548   1.00 15.38 ? 44  LEU A CA  1 
ATOM   319  C  C   . LEU A 1 44 ? 2.726   13.386  6.908   1.00 14.67 ? 44  LEU A C   1 
ATOM   320  O  O   . LEU A 1 44 ? 1.694   13.257  6.255   1.00 14.03 ? 44  LEU A O   1 
ATOM   321  C  CB  . LEU A 1 44 ? 3.145   12.164  9.045   1.00 15.58 ? 44  LEU A CB  1 
ATOM   322  C  CG  . LEU A 1 44 ? 1.658   12.051  9.392   1.00 15.53 ? 44  LEU A CG  1 
ATOM   323  C  CD1 . LEU A 1 44 ? 0.999   10.864  8.705   1.00 20.63 ? 44  LEU A CD1 1 
ATOM   324  C  CD2 . LEU A 1 44 ? 1.523   12.024  10.927  1.00 17.67 ? 44  LEU A CD2 1 
ATOM   325  N  N   . ARG A 1 45 ? 3.366   14.547  7.046   1.00 14.85 ? 45  ARG A N   1 
ATOM   326  C  CA  A ARG A 1 45 ? 2.873   15.772  6.420   0.50 14.79 ? 45  ARG A CA  1 
ATOM   327  C  CA  B ARG A 1 45 ? 2.841   15.754  6.431   0.50 14.71 ? 45  ARG A CA  1 
ATOM   328  C  C   . ARG A 1 45 ? 2.701   15.614  4.913   1.00 13.75 ? 45  ARG A C   1 
ATOM   329  O  O   . ARG A 1 45 ? 1.698   16.012  4.343   1.00 14.02 ? 45  ARG A O   1 
ATOM   330  C  CB  A ARG A 1 45 ? 3.824   16.946  6.705   0.50 14.76 ? 45  ARG A CB  1 
ATOM   331  C  CB  B ARG A 1 45 ? 3.705   16.973  6.804   0.50 15.29 ? 45  ARG A CB  1 
ATOM   332  C  CG  A ARG A 1 45 ? 3.301   18.279  6.168   0.50 16.59 ? 45  ARG A CG  1 
ATOM   333  C  CG  B ARG A 1 45 ? 3.011   18.301  6.521   0.50 18.93 ? 45  ARG A CG  1 
ATOM   334  C  CD  A ARG A 1 45 ? 4.270   19.430  6.416   0.50 17.12 ? 45  ARG A CD  1 
ATOM   335  C  CD  B ARG A 1 45 ? 1.821   18.536  7.464   0.50 24.16 ? 45  ARG A CD  1 
ATOM   336  N  NE  A ARG A 1 45 ? 4.886   19.390  7.743   0.50 24.09 ? 45  ARG A NE  1 
ATOM   337  N  NE  B ARG A 1 45 ? 0.745   19.250  6.795   0.50 29.11 ? 45  ARG A NE  1 
ATOM   338  C  CZ  A ARG A 1 45 ? 4.322   19.808  8.877   0.50 23.77 ? 45  ARG A CZ  1 
ATOM   339  C  CZ  B ARG A 1 45 ? 0.745   20.553  6.515   0.50 30.13 ? 45  ARG A CZ  1 
ATOM   340  N  NH1 A ARG A 1 45 ? 3.092   20.317  8.891   0.50 25.31 ? 45  ARG A NH1 1 
ATOM   341  N  NH1 B ARG A 1 45 ? -0.294  21.089  5.892   0.50 29.57 ? 45  ARG A NH1 1 
ATOM   342  N  NH2 A ARG A 1 45 ? 5.008   19.725  10.012  0.50 23.79 ? 45  ARG A NH2 1 
ATOM   343  N  NH2 B ARG A 1 45 ? 1.779   21.328  6.841   0.50 32.48 ? 45  ARG A NH2 1 
ATOM   344  N  N   . LYS A 1 46 ? 3.756   15.103  4.268   1.00 13.89 ? 46  LYS A N   1 
ATOM   345  C  CA  . LYS A 1 46 ? 3.714   14.910  2.845   1.00 13.37 ? 46  LYS A CA  1 
ATOM   346  C  C   . LYS A 1 46 ? 2.661   13.893  2.494   1.00 14.06 ? 46  LYS A C   1 
ATOM   347  O  O   . LYS A 1 46 ? 1.942   14.080  1.512   1.00 13.82 ? 46  LYS A O   1 
ATOM   348  C  CB  . LYS A 1 46 ? 5.084   14.438  2.379   1.00 12.19 ? 46  LYS A CB  1 
ATOM   349  C  CG  . LYS A 1 46 ? 6.073   15.622  2.340   1.00 13.79 ? 46  LYS A CG  1 
ATOM   350  C  CD  . LYS A 1 46 ? 7.474   15.097  1.936   1.00 20.31 ? 46  LYS A CD  1 
ATOM   351  C  CE  . LYS A 1 46 ? 8.451   16.279  1.935   1.00 22.35 ? 46  LYS A CE  1 
ATOM   352  N  NZ  . LYS A 1 46 ? 9.886   15.872  1.918   1.00 27.35 ? 46  LYS A NZ  1 
ATOM   353  N  N   . ILE A 1 47 ? 2.545   12.819  3.279   1.00 15.09 ? 47  ILE A N   1 
ATOM   354  C  CA  . ILE A 1 47 ? 1.457   11.830  2.961   1.00 16.41 ? 47  ILE A CA  1 
ATOM   355  C  C   . ILE A 1 47 ? 0.074   12.524  3.080   1.00 17.38 ? 47  ILE A C   1 
ATOM   356  O  O   . ILE A 1 47 ? -0.772  12.410  2.201   1.00 17.94 ? 47  ILE A O   1 
ATOM   357  C  CB  . ILE A 1 47 ? 1.521   10.592  3.879   1.00 16.37 ? 47  ILE A CB  1 
ATOM   358  C  CG1 . ILE A 1 47 ? 2.749   9.737   3.468   1.00 17.41 ? 47  ILE A CG1 1 
ATOM   359  C  CG2 . ILE A 1 47 ? 0.184   9.804   3.770   1.00 19.08 ? 47  ILE A CG2 1 
ATOM   360  C  CD1 . ILE A 1 47 ? 3.127   8.800   4.635   1.00 27.23 ? 47  ILE A CD1 1 
ATOM   361  N  N   . GLU A 1 48 ? -0.144  13.255  4.174   1.00 17.26 ? 48  GLU A N   1 
ATOM   362  C  CA  . GLU A 1 48 ? -1.453  13.833  4.446   1.00 17.17 ? 48  GLU A CA  1 
ATOM   363  C  C   . GLU A 1 48 ? -1.869  14.862  3.390   1.00 17.19 ? 48  GLU A C   1 
ATOM   364  O  O   . GLU A 1 48 ? -3.078  15.113  3.162   1.00 17.71 ? 48  GLU A O   1 
ATOM   365  C  CB  . GLU A 1 48 ? -1.444  14.489  5.834   1.00 16.04 ? 48  GLU A CB  1 
ATOM   366  C  CG  . GLU A 1 48 ? -1.535  13.482  6.930   1.00 16.33 ? 48  GLU A CG  1 
ATOM   367  C  CD  . GLU A 1 48 ? -1.725  14.123  8.316   1.00 18.62 ? 48  GLU A CD  1 
ATOM   368  O  OE1 . GLU A 1 48 ? -1.563  15.345  8.457   1.00 19.36 ? 48  GLU A OE1 1 
ATOM   369  O  OE2 . GLU A 1 48 ? -2.032  13.350  9.231   1.00 20.84 ? 48  GLU A OE2 1 
ATOM   370  N  N   . THR A 1 49 ? -0.861  15.512  2.802   1.00 16.34 ? 49  THR A N   1 
ATOM   371  C  CA  . THR A 1 49 ? -1.085  16.597  1.862   1.00 17.57 ? 49  THR A CA  1 
ATOM   372  C  C   . THR A 1 49 ? -0.856  16.191  0.414   1.00 17.64 ? 49  THR A C   1 
ATOM   373  O  O   . THR A 1 49 ? -0.861  17.066  -0.491  1.00 18.04 ? 49  THR A O   1 
ATOM   374  C  CB  . THR A 1 49 ? -0.223  17.836  2.214   1.00 16.91 ? 49  THR A CB  1 
ATOM   375  O  OG1 . THR A 1 49 ? 1.167   17.444  2.152   1.00 18.01 ? 49  THR A OG1 1 
ATOM   376  C  CG2 . THR A 1 49 ? -0.579  18.344  3.609   1.00 19.08 ? 49  THR A CG2 1 
ATOM   377  N  N   . GLY A 1 50 ? -0.644  14.904  0.185   1.00 16.27 ? 50  GLY A N   1 
ATOM   378  C  CA  . GLY A 1 50 ? -0.485  14.283  -1.143  1.00 17.13 ? 50  GLY A CA  1 
ATOM   379  C  C   . GLY A 1 50 ? 0.788   14.650  -1.886  1.00 18.26 ? 50  GLY A C   1 
ATOM   380  O  O   . GLY A 1 50 ? 0.800   14.699  -3.130  1.00 18.63 ? 50  GLY A O   1 
ATOM   381  N  N   . ARG A 1 51 ? 1.859   14.881  -1.120  1.00 17.63 ? 51  ARG A N   1 
ATOM   382  C  CA  A ARG A 1 51 ? 3.108   15.282  -1.738  0.30 18.57 ? 51  ARG A CA  1 
ATOM   383  C  CA  B ARG A 1 51 ? 3.148   15.315  -1.659  0.70 19.26 ? 51  ARG A CA  1 
ATOM   384  C  C   . ARG A 1 51 ? 4.118   14.140  -1.863  1.00 18.78 ? 51  ARG A C   1 
ATOM   385  O  O   . ARG A 1 51 ? 5.268   14.338  -2.318  1.00 19.93 ? 51  ARG A O   1 
ATOM   386  C  CB  A ARG A 1 51 ? 3.659   16.527  -1.048  0.30 18.11 ? 51  ARG A CB  1 
ATOM   387  C  CB  B ARG A 1 51 ? 3.796   16.414  -0.780  0.70 18.49 ? 51  ARG A CB  1 
ATOM   388  C  CG  A ARG A 1 51 ? 2.643   17.651  -1.086  0.30 18.76 ? 51  ARG A CG  1 
ATOM   389  C  CG  B ARG A 1 51 ? 3.047   17.747  -0.754  0.70 19.90 ? 51  ARG A CG  1 
ATOM   390  C  CD  A ARG A 1 51 ? 3.159   18.936  -0.542  0.30 19.16 ? 51  ARG A CD  1 
ATOM   391  C  CD  B ARG A 1 51 ? 3.781   18.805  0.060   0.70 21.97 ? 51  ARG A CD  1 
ATOM   392  N  NE  A ARG A 1 51 ? 4.037   19.584  -1.506  0.30 18.76 ? 51  ARG A NE  1 
ATOM   393  N  NE  B ARG A 1 51 ? 3.836   18.629  1.524   0.70 27.41 ? 51  ARG A NE  1 
ATOM   394  C  CZ  A ARG A 1 51 ? 4.316   20.880  -1.517  0.30 17.92 ? 51  ARG A CZ  1 
ATOM   395  C  CZ  B ARG A 1 51 ? 4.910   18.951  2.265   0.70 30.50 ? 51  ARG A CZ  1 
ATOM   396  N  NH1 A ARG A 1 51 ? 3.770   21.706  -0.624  0.30 18.49 ? 51  ARG A NH1 1 
ATOM   397  N  NH1 B ARG A 1 51 ? 6.014   19.423  1.691   0.70 32.85 ? 51  ARG A NH1 1 
ATOM   398  N  NH2 A ARG A 1 51 ? 5.134   21.353  -2.440  0.30 15.45 ? 51  ARG A NH2 1 
ATOM   399  N  NH2 B ARG A 1 51 ? 4.912   18.800  3.576   0.70 28.72 ? 51  ARG A NH2 1 
ATOM   400  N  N   . ILE A 1 52 ? 3.702   12.914  -1.523  1.00 19.50 ? 52  ILE A N   1 
ATOM   401  C  CA  . ILE A 1 52 ? 4.566   11.743  -1.820  1.00 19.97 ? 52  ILE A CA  1 
ATOM   402  C  C   . ILE A 1 52 ? 4.076   11.125  -3.137  1.00 19.20 ? 52  ILE A C   1 
ATOM   403  O  O   . ILE A 1 52 ? 2.886   10.739  -3.235  1.00 18.42 ? 52  ILE A O   1 
ATOM   404  C  CB  . ILE A 1 52 ? 4.438   10.631  -0.733  1.00 21.39 ? 52  ILE A CB  1 
ATOM   405  C  CG1 . ILE A 1 52 ? 4.797   11.109  0.694   1.00 24.96 ? 52  ILE A CG1 1 
ATOM   406  C  CG2 . ILE A 1 52 ? 5.236   9.346   -1.152  1.00 21.65 ? 52  ILE A CG2 1 
ATOM   407  C  CD1 . ILE A 1 52 ? 6.256   11.409  0.916   1.00 22.46 ? 52  ILE A CD1 1 
ATOM   408  N  N   . ALA A 1 53 ? 4.971   10.975  -4.128  1.00 19.49 ? 53  ALA A N   1 
ATOM   409  C  CA  . ALA A 1 53 ? 4.593   10.495  -5.462  1.00 19.20 ? 53  ALA A CA  1 
ATOM   410  C  C   . ALA A 1 53 ? 3.990   9.084   -5.412  1.00 20.66 ? 53  ALA A C   1 
ATOM   411  O  O   . ALA A 1 53 ? 2.888   8.849   -5.936  1.00 22.54 ? 53  ALA A O   1 
ATOM   412  C  CB  . ALA A 1 53 ? 5.832   10.503  -6.407  1.00 19.01 ? 53  ALA A CB  1 
ATOM   413  N  N   . THR A 1 54 ? 4.705   8.159   -4.767  1.00 19.77 ? 54  THR A N   1 
ATOM   414  C  CA  . THR A 1 54 ? 4.199   6.784   -4.624  1.00 19.87 ? 54  THR A CA  1 
ATOM   415  C  C   . THR A 1 54 ? 4.243   6.334   -3.132  1.00 19.14 ? 54  THR A C   1 
ATOM   416  O  O   . THR A 1 54 ? 5.241   5.815   -2.687  1.00 18.85 ? 54  THR A O   1 
ATOM   417  C  CB  . THR A 1 54 ? 5.011   5.829   -5.563  1.00 22.48 ? 54  THR A CB  1 
ATOM   418  O  OG1 . THR A 1 54 ? 6.385   5.842   -5.191  1.00 27.60 ? 54  THR A OG1 1 
ATOM   419  C  CG2 . THR A 1 54 ? 4.937   6.328   -6.958  1.00 21.36 ? 54  THR A CG2 1 
ATOM   420  N  N   . PRO A 1 55 ? 3.188   6.598   -2.351  1.00 19.72 ? 55  PRO A N   1 
ATOM   421  C  CA  . PRO A 1 55 ? 3.233   6.190   -0.919  1.00 19.10 ? 55  PRO A CA  1 
ATOM   422  C  C   . PRO A 1 55 ? 3.492   4.684   -0.756  1.00 19.38 ? 55  PRO A C   1 
ATOM   423  O  O   . PRO A 1 55 ? 2.965   3.872   -1.532  1.00 18.98 ? 55  PRO A O   1 
ATOM   424  C  CB  . PRO A 1 55 ? 1.829   6.548   -0.404  1.00 20.28 ? 55  PRO A CB  1 
ATOM   425  C  CG  . PRO A 1 55 ? 1.350   7.607   -1.342  1.00 22.25 ? 55  PRO A CG  1 
ATOM   426  C  CD  . PRO A 1 55 ? 1.945   7.317   -2.682  1.00 22.33 ? 55  PRO A CD  1 
ATOM   427  N  N   . ALA A 1 56 ? 4.318   4.330   0.207   1.00 17.60 ? 56  ALA A N   1 
ATOM   428  C  CA  . ALA A 1 56 ? 4.755   2.931   0.372   1.00 18.88 ? 56  ALA A CA  1 
ATOM   429  C  C   . ALA A 1 56 ? 3.677   2.151   1.145   1.00 19.02 ? 56  ALA A C   1 
ATOM   430  O  O   . ALA A 1 56 ? 3.099   2.662   2.109   1.00 18.37 ? 56  ALA A O   1 
ATOM   431  C  CB  . ALA A 1 56 ? 6.100   2.858   1.137   1.00 21.12 ? 56  ALA A CB  1 
ATOM   432  N  N   . PHE A 1 57 ? 3.419   0.906   0.718   1.00 18.24 ? 57  PHE A N   1 
ATOM   433  C  CA  . PHE A 1 57 ? 2.394   0.080   1.369   1.00 18.00 ? 57  PHE A CA  1 
ATOM   434  C  C   . PHE A 1 57 ? 2.654   -0.017  2.878   1.00 17.69 ? 57  PHE A C   1 
ATOM   435  O  O   . PHE A 1 57 ? 1.719   0.151   3.696   1.00 18.19 ? 57  PHE A O   1 
ATOM   436  C  CB  . PHE A 1 57 ? 2.459   -1.364  0.823   1.00 17.96 ? 57  PHE A CB  1 
ATOM   437  C  CG  . PHE A 1 57 ? 1.489   -2.276  1.510   1.00 18.69 ? 57  PHE A CG  1 
ATOM   438  C  CD1 . PHE A 1 57 ? 0.109   -2.149  1.286   1.00 17.14 ? 57  PHE A CD1 1 
ATOM   439  C  CD2 . PHE A 1 57 ? 1.950   -3.252  2.414   1.00 24.17 ? 57  PHE A CD2 1 
ATOM   440  C  CE1 . PHE A 1 57 ? -0.782  -2.965  1.983   1.00 22.73 ? 57  PHE A CE1 1 
ATOM   441  C  CE2 . PHE A 1 57 ? 1.036   -4.075  3.089   1.00 25.02 ? 57  PHE A CE2 1 
ATOM   442  C  CZ  . PHE A 1 57 ? -0.315  -3.913  2.878   1.00 22.03 ? 57  PHE A CZ  1 
ATOM   443  N  N   . PHE A 1 58 ? 3.896   -0.317  3.245   1.00 19.07 ? 58  PHE A N   1 
ATOM   444  C  CA  . PHE A 1 58 ? 4.204   -0.578  4.679   1.00 21.27 ? 58  PHE A CA  1 
ATOM   445  C  C   . PHE A 1 58 ? 4.064   0.681   5.523   1.00 21.70 ? 58  PHE A C   1 
ATOM   446  O  O   . PHE A 1 58 ? 3.590   0.602   6.654   1.00 21.03 ? 58  PHE A O   1 
ATOM   447  C  CB  . PHE A 1 58 ? 5.513   -1.333  4.830   1.00 23.36 ? 58  PHE A CB  1 
ATOM   448  C  CG  . PHE A 1 58 ? 5.369   -2.769  4.393   1.00 24.83 ? 58  PHE A CG  1 
ATOM   449  C  CD1 . PHE A 1 58 ? 4.565   -3.658  5.143   1.00 28.27 ? 58  PHE A CD1 1 
ATOM   450  C  CD2 . PHE A 1 58 ? 5.881   -3.186  3.159   1.00 27.26 ? 58  PHE A CD2 1 
ATOM   451  C  CE1 . PHE A 1 58 ? 4.389   -4.953  4.703   1.00 30.49 ? 58  PHE A CE1 1 
ATOM   452  C  CE2 . PHE A 1 58 ? 5.725   -4.456  2.721   1.00 26.14 ? 58  PHE A CE2 1 
ATOM   453  C  CZ  . PHE A 1 58 ? 4.991   -5.363  3.473   1.00 28.03 ? 58  PHE A CZ  1 
ATOM   454  N  N   . THR A 1 59 ? 4.346   1.827   4.923   1.00 20.22 ? 59  THR A N   1 
ATOM   455  C  CA  . THR A 1 59 ? 4.130   3.116   5.625   1.00 21.47 ? 59  THR A CA  1 
ATOM   456  C  C   . THR A 1 59 ? 2.656   3.423   5.860   1.00 21.21 ? 59  THR A C   1 
ATOM   457  O  O   . THR A 1 59 ? 2.277   3.783   6.985   1.00 20.83 ? 59  THR A O   1 
ATOM   458  C  CB  . THR A 1 59 ? 4.825   4.234   4.903   1.00 22.25 ? 59  THR A CB  1 
ATOM   459  O  OG1 . THR A 1 59 ? 6.226   3.884   4.845   1.00 24.76 ? 59  THR A OG1 1 
ATOM   460  C  CG2 . THR A 1 59 ? 4.612   5.567   5.658   1.00 23.30 ? 59  THR A CG2 1 
ATOM   461  N  N   . ILE A 1 60 ? 1.838   3.240   4.830   1.00 18.93 ? 60  ILE A N   1 
ATOM   462  C  CA  . ILE A 1 60 ? 0.413   3.515   4.974   1.00 18.53 ? 60  ILE A CA  1 
ATOM   463  C  C   . ILE A 1 60 ? -0.192  2.516   5.990   1.00 18.73 ? 60  ILE A C   1 
ATOM   464  O  O   . ILE A 1 60 ? -1.035  2.890   6.840   1.00 20.24 ? 60  ILE A O   1 
ATOM   465  C  CB  . ILE A 1 60 ? -0.283  3.482   3.625   1.00 19.57 ? 60  ILE A CB  1 
ATOM   466  C  CG1 . ILE A 1 60 ? 0.293   4.561   2.688   1.00 19.01 ? 60  ILE A CG1 1 
ATOM   467  C  CG2 . ILE A 1 60 ? -1.766  3.594   3.797   1.00 19.80 ? 60  ILE A CG2 1 
ATOM   468  C  CD1 . ILE A 1 60 ? 0.276   6.008   3.250   1.00 20.73 ? 60  ILE A CD1 1 
ATOM   469  N  N   . ALA A 1 61 ? 0.235   1.253   5.895   1.00 18.35 ? 61  ALA A N   1 
ATOM   470  C  CA  . ALA A 1 61 ? -0.198  0.254   6.842   1.00 17.92 ? 61  ALA A CA  1 
ATOM   471  C  C   . ALA A 1 61 ? 0.128   0.668   8.279   1.00 18.84 ? 61  ALA A C   1 
ATOM   472  O  O   . ALA A 1 61 ? -0.650  0.470   9.161   1.00 19.23 ? 61  ALA A O   1 
ATOM   473  C  CB  . ALA A 1 61 ? 0.468   -1.098  6.499   1.00 18.35 ? 61  ALA A CB  1 
ATOM   474  N  N   . ALA A 1 62 ? 1.319   1.205   8.511   1.00 17.34 ? 62  ALA A N   1 
ATOM   475  C  CA  . ALA A 1 62 ? 1.735   1.500   9.871   1.00 19.53 ? 62  ALA A CA  1 
ATOM   476  C  C   . ALA A 1 62 ? 0.904   2.668   10.381  1.00 18.64 ? 62  ALA A C   1 
ATOM   477  O  O   . ALA A 1 62 ? 0.551   2.714   11.558  1.00 18.38 ? 62  ALA A O   1 
ATOM   478  C  CB  . ALA A 1 62 ? 3.214   1.819   9.898   1.00 20.39 ? 62  ALA A CB  1 
ATOM   479  N  N   . VAL A 1 63 ? 0.677   3.646   9.519   1.00 18.88 ? 63  VAL A N   1 
ATOM   480  C  CA  . VAL A 1 63 ? -0.059  4.855   9.963   1.00 19.57 ? 63  VAL A CA  1 
ATOM   481  C  C   . VAL A 1 63 ? -1.514  4.422   10.227  1.00 19.29 ? 63  VAL A C   1 
ATOM   482  O  O   . VAL A 1 63 ? -2.125  4.782   11.245  1.00 20.45 ? 63  VAL A O   1 
ATOM   483  C  CB  . VAL A 1 63 ? -0.003  5.973   8.949   1.00 19.77 ? 63  VAL A CB  1 
ATOM   484  C  CG1 . VAL A 1 63 ? -1.055  7.104   9.298   1.00 21.99 ? 63  VAL A CG1 1 
ATOM   485  C  CG2 . VAL A 1 63 ? 1.432   6.507   8.813   1.00 19.70 ? 63  VAL A CG2 1 
ATOM   486  N  N   . ALA A 1 64 ? -2.077  3.647   9.328   1.00 19.82 ? 64  ALA A N   1 
ATOM   487  C  CA  . ALA A 1 64 ? -3.471  3.161   9.516   1.00 21.14 ? 64  ALA A CA  1 
ATOM   488  C  C   . ALA A 1 64 ? -3.626  2.404   10.812  1.00 21.05 ? 64  ALA A C   1 
ATOM   489  O  O   . ALA A 1 64 ? -4.605  2.609   11.566  1.00 21.38 ? 64  ALA A O   1 
ATOM   490  C  CB  . ALA A 1 64 ? -3.947  2.287   8.269   1.00 20.10 ? 64  ALA A CB  1 
ATOM   491  N  N   . ARG A 1 65 ? -2.675  1.527   11.122  1.00 21.04 ? 65  ARG A N   1 
ATOM   492  C  CA  . ARG A 1 65 ? -2.775  0.783   12.407  1.00 22.45 ? 65  ARG A CA  1 
ATOM   493  C  C   . ARG A 1 65 ? -2.780  1.738   13.621  1.00 21.56 ? 65  ARG A C   1 
ATOM   494  O  O   . ARG A 1 65 ? -3.568  1.573   14.522  1.00 22.35 ? 65  ARG A O   1 
ATOM   495  C  CB  . ARG A 1 65 ? -1.747  -0.312  12.530  1.00 22.24 ? 65  ARG A CB  1 
ATOM   496  C  CG  . ARG A 1 65 ? -0.343  0.049   12.272  1.00 27.08 ? 65  ARG A CG  1 
ATOM   497  C  CD  . ARG A 1 65 ? 0.453   0.318   13.531  1.00 31.06 ? 65  ARG A CD  1 
ATOM   498  N  NE  . ARG A 1 65 ? 1.861   0.542   13.229  1.00 25.07 ? 65  ARG A NE  1 
ATOM   499  C  CZ  . ARG A 1 65 ? 2.790   0.715   14.152  1.00 32.71 ? 65  ARG A CZ  1 
ATOM   500  N  NH1 . ARG A 1 65 ? 2.428   0.668   15.442  1.00 33.68 ? 65  ARG A NH1 1 
ATOM   501  N  NH2 . ARG A 1 65 ? 4.075   0.890   13.791  1.00 30.21 ? 65  ARG A NH2 1 
ATOM   502  N  N   . VAL A 1 66 ? -1.910  2.747   13.625  1.00 20.81 ? 66  VAL A N   1 
ATOM   503  C  CA  . VAL A 1 66 ? -1.835  3.724   14.722  1.00 20.36 ? 66  VAL A CA  1 
ATOM   504  C  C   . VAL A 1 66 ? -3.193  4.426   14.864  1.00 20.68 ? 66  VAL A C   1 
ATOM   505  O  O   . VAL A 1 66 ? -3.645  4.706   16.006  1.00 21.37 ? 66  VAL A O   1 
ATOM   506  C  CB  . VAL A 1 66 ? -0.683  4.743   14.514  1.00 19.72 ? 66  VAL A CB  1 
ATOM   507  C  CG1 . VAL A 1 66 ? -0.751  5.923   15.532  1.00 18.88 ? 66  VAL A CG1 1 
ATOM   508  C  CG2 . VAL A 1 66 ? 0.744   4.029   14.572  1.00 18.30 ? 66  VAL A CG2 1 
ATOM   509  N  N   . LEU A 1 67 ? -3.843  4.692   13.721  1.00 21.04 ? 67  LEU A N   1 
ATOM   510  C  CA  . LEU A 1 67 ? -5.124  5.415   13.685  1.00 20.76 ? 67  LEU A CA  1 
ATOM   511  C  C   . LEU A 1 67 ? -6.343  4.518   13.836  1.00 21.56 ? 67  LEU A C   1 
ATOM   512  O  O   . LEU A 1 67 ? -7.487  5.017   13.754  1.00 21.31 ? 67  LEU A O   1 
ATOM   513  C  CB  . LEU A 1 67 ? -5.239  6.251   12.398  1.00 20.94 ? 67  LEU A CB  1 
ATOM   514  C  CG  . LEU A 1 67 ? -4.095  7.236   12.181  1.00 20.10 ? 67  LEU A CG  1 
ATOM   515  C  CD1 . LEU A 1 67 ? -4.308  7.831   10.785  1.00 18.59 ? 67  LEU A CD1 1 
ATOM   516  C  CD2 . LEU A 1 67 ? -4.155  8.356   13.276  1.00 19.11 ? 67  LEU A CD2 1 
ATOM   517  N  N   . ASP A 1 68 ? -6.114  3.215   14.090  1.00 20.56 ? 68  ASP A N   1 
ATOM   518  C  CA  . ASP A 1 68 ? -7.186  2.217   14.143  1.00 21.43 ? 68  ASP A CA  1 
ATOM   519  C  C   . ASP A 1 68 ? -8.098  2.302   12.953  1.00 20.85 ? 68  ASP A C   1 
ATOM   520  O  O   . ASP A 1 68 ? -9.342  2.264   13.073  1.00 20.22 ? 68  ASP A O   1 
ATOM   521  C  CB  . ASP A 1 68 ? -8.013  2.346   15.401  1.00 23.35 ? 68  ASP A CB  1 
ATOM   522  C  CG  . ASP A 1 68 ? -7.860  1.155   16.270  1.00 29.84 ? 68  ASP A CG  1 
ATOM   523  O  OD1 . ASP A 1 68 ? -8.784  0.303   16.245  1.00 35.84 ? 68  ASP A OD1 1 
ATOM   524  O  OD2 . ASP A 1 68 ? -6.800  1.054   16.940  1.00 34.73 ? 68  ASP A OD2 1 
ATOM   525  N  N   . LEU A 1 69 ? -7.456  2.381   11.807  1.00 19.96 ? 69  LEU A N   1 
ATOM   526  C  CA  . LEU A 1 69 ? -8.169  2.586   10.562  1.00 22.74 ? 69  LEU A CA  1 
ATOM   527  C  C   . LEU A 1 69 ? -7.961  1.314   9.721   1.00 24.68 ? 69  LEU A C   1 
ATOM   528  O  O   . LEU A 1 69 ? -6.853  0.797   9.669   1.00 22.69 ? 69  LEU A O   1 
ATOM   529  C  CB  . LEU A 1 69 ? -7.576  3.850   9.950   1.00 23.29 ? 69  LEU A CB  1 
ATOM   530  C  CG  . LEU A 1 69 ? -8.048  4.381   8.636   1.00 23.51 ? 69  LEU A CG  1 
ATOM   531  C  CD1 . LEU A 1 69 ? -9.508  4.847   8.758   1.00 22.49 ? 69  LEU A CD1 1 
ATOM   532  C  CD2 . LEU A 1 69 ? -7.099  5.531   8.117   1.00 21.48 ? 69  LEU A CD2 1 
ATOM   533  N  N   . SER A 1 70 ? -9.037  0.751   9.155   1.00 29.57 ? 70  SER A N   1 
ATOM   534  C  CA  . SER A 1 70 ? -8.895  -0.434  8.304   1.00 30.90 ? 70  SER A CA  1 
ATOM   535  C  C   . SER A 1 70 ? -8.433  -0.037  6.905   1.00 32.63 ? 70  SER A C   1 
ATOM   536  O  O   . SER A 1 70 ? -9.003  0.876   6.307   1.00 33.48 ? 70  SER A O   1 
ATOM   537  C  CB  . SER A 1 70 ? -10.237 -1.184  8.182   1.00 33.58 ? 70  SER A CB  1 
ATOM   538  O  OG  . SER A 1 70 ? -10.254 -2.077  7.065   1.00 35.36 ? 70  SER A OG  1 
ATOM   539  N  N   . LEU A 1 71 ? -7.397  -0.708  6.408   1.00 31.25 ? 71  LEU A N   1 
ATOM   540  C  CA  . LEU A 1 71 ? -6.877  -0.459  5.039   1.00 31.90 ? 71  LEU A CA  1 
ATOM   541  C  C   . LEU A 1 71 ? -7.942  -0.755  3.982   1.00 32.41 ? 71  LEU A C   1 
ATOM   542  O  O   . LEU A 1 71 ? -7.929  -0.127  2.940   1.00 32.37 ? 71  LEU A O   1 
ATOM   543  C  CB  . LEU A 1 71 ? -5.664  -1.324  4.776   1.00 31.08 ? 71  LEU A CB  1 
ATOM   544  C  CG  . LEU A 1 71 ? -4.412  -0.934  5.595   1.00 30.49 ? 71  LEU A CG  1 
ATOM   545  C  CD1 . LEU A 1 71 ? -3.229  -1.849  5.387   1.00 29.38 ? 71  LEU A CD1 1 
ATOM   546  C  CD2 . LEU A 1 71 ? -4.002  0.498   5.300   1.00 32.41 ? 71  LEU A CD2 1 
ATOM   547  N  N   . ASP A 1 72 ? -8.815  -1.722  4.234   1.00 32.41 ? 72  ASP A N   1 
ATOM   548  C  CA  . ASP A 1 72 ? -9.896  -2.018  3.274   1.00 33.60 ? 72  ASP A CA  1 
ATOM   549  C  C   . ASP A 1 72 ? -10.866 -0.869  3.193   1.00 35.30 ? 72  ASP A C   1 
ATOM   550  O  O   . ASP A 1 72 ? -11.331 -0.541  2.083   1.00 34.64 ? 72  ASP A O   1 
ATOM   551  C  CB  . ASP A 1 72 ? -10.604 -3.302  3.667   1.00 34.07 ? 72  ASP A CB  1 
ATOM   552  C  CG  . ASP A 1 72 ? -9.670  -4.421  3.601   1.00 39.10 ? 72  ASP A CG  1 
ATOM   553  O  OD1 . ASP A 1 72 ? -9.246  -4.744  2.460   1.00 39.27 ? 72  ASP A OD1 1 
ATOM   554  O  OD2 . ASP A 1 72 ? -9.217  -4.848  4.685   1.00 41.26 ? 72  ASP A OD2 1 
ATOM   555  N  N   . ASP A 1 73 ? -11.140 -0.239  4.348   1.00 34.48 ? 73  ASP A N   1 
ATOM   556  C  CA  . ASP A 1 73 ? -12.030 0.921   4.364   1.00 35.02 ? 73  ASP A CA  1 
ATOM   557  C  C   . ASP A 1 73 ? -11.391 2.080   3.587   1.00 34.57 ? 73  ASP A C   1 
ATOM   558  O  O   . ASP A 1 73 ? -12.049 2.809   2.871   1.00 35.27 ? 73  ASP A O   1 
ATOM   559  C  CB  . ASP A 1 73 ? -12.378 1.341   5.785   1.00 34.59 ? 73  ASP A CB  1 
ATOM   560  C  CG  . ASP A 1 73 ? -13.301 0.334   6.506   1.00 37.30 ? 73  ASP A CG  1 
ATOM   561  O  OD1 . ASP A 1 73 ? -14.036 -0.440  5.849   1.00 34.03 ? 73  ASP A OD1 1 
ATOM   562  O  OD2 . ASP A 1 73 ? -13.267 0.349   7.772   1.00 35.86 ? 73  ASP A OD2 1 
ATOM   563  N  N   . VAL A 1 74 ? -10.087 2.216   3.716   1.00 34.93 ? 74  VAL A N   1 
ATOM   564  C  CA  . VAL A 1 74 ? -9.348  3.287   3.036   1.00 33.56 ? 74  VAL A CA  1 
ATOM   565  C  C   . VAL A 1 74 ? -9.287  3.041   1.512   1.00 34.81 ? 74  VAL A C   1 
ATOM   566  O  O   . VAL A 1 74 ? -9.603  3.943   0.744   1.00 34.86 ? 74  VAL A O   1 
ATOM   567  C  CB  . VAL A 1 74 ? -7.930  3.368   3.621   1.00 34.53 ? 74  VAL A CB  1 
ATOM   568  C  CG1 . VAL A 1 74 ? -6.946  4.185   2.719   1.00 36.13 ? 74  VAL A CG1 1 
ATOM   569  C  CG2 . VAL A 1 74 ? -8.000  3.989   5.050   1.00 34.18 ? 74  VAL A CG2 1 
ATOM   570  N  N   . ALA A 1 75 ? -8.897  1.829   1.121   1.00 33.24 ? 75  ALA A N   1 
ATOM   571  C  CA  . ALA A 1 75 ? -8.775  1.484   -0.312  1.00 33.89 ? 75  ALA A CA  1 
ATOM   572  C  C   . ALA A 1 75 ? -10.111 1.637   -1.038  1.00 34.52 ? 75  ALA A C   1 
ATOM   573  O  O   . ALA A 1 75 ? -10.125 1.931   -2.222  1.00 33.84 ? 75  ALA A O   1 
ATOM   574  C  CB  . ALA A 1 75 ? -8.234  0.089   -0.478  1.00 34.30 ? 75  ALA A CB  1 
ATOM   575  N  N   . ALA A 1 76 ? -11.230 1.443   -0.320  1.00 34.38 ? 76  ALA A N   1 
ATOM   576  C  CA  . ALA A 1 76 ? -12.578 1.586   -0.895  1.00 35.69 ? 76  ALA A CA  1 
ATOM   577  C  C   . ALA A 1 76 ? -12.888 2.904   -1.596  1.00 35.39 ? 76  ALA A C   1 
ATOM   578  O  O   . ALA A 1 76 ? -13.743 2.934   -2.499  1.00 33.02 ? 76  ALA A O   1 
ATOM   579  C  CB  . ALA A 1 76 ? -13.629 1.312   0.174   1.00 35.85 ? 76  ALA A CB  1 
ATOM   580  N  N   . VAL A 1 77 ? -12.241 4.014   -1.190  1.00 36.02 ? 77  VAL A N   1 
ATOM   581  C  CA  . VAL A 1 77 ? -12.496 5.305   -1.884  1.00 37.02 ? 77  VAL A CA  1 
ATOM   582  C  C   . VAL A 1 77 ? -11.945 5.468   -3.274  1.00 38.27 ? 77  VAL A C   1 
ATOM   583  O  O   . VAL A 1 77 ? -12.209 6.486   -3.907  1.00 38.02 ? 77  VAL A O   1 
ATOM   584  C  CB  . VAL A 1 77 ? -12.043 6.558   -1.070  1.00 37.59 ? 77  VAL A CB  1 
ATOM   585  C  CG1 . VAL A 1 77 ? -12.720 6.579   0.292   1.00 37.33 ? 77  VAL A CG1 1 
ATOM   586  C  CG2 . VAL A 1 77 ? -10.506 6.635   -0.977  1.00 37.08 ? 77  VAL A CG2 1 
ATOM   587  N  N   . VAL A 1 78 ? -11.122 4.505   -3.733  1.00 39.40 ? 78  VAL A N   1 
ATOM   588  C  CA  . VAL A 1 78 ? -10.510 4.582   -5.057  1.00 39.71 ? 78  VAL A CA  1 
ATOM   589  C  C   . VAL A 1 78 ? -10.851 3.431   -5.999  1.00 39.64 ? 78  VAL A C   1 
ATOM   590  O  O   . VAL A 1 78 ? -11.266 2.341   -5.568  1.00 38.92 ? 78  VAL A O   1 
ATOM   591  C  CB  . VAL A 1 78 ? -8.994  4.620   -4.976  1.00 39.89 ? 78  VAL A CB  1 
ATOM   592  C  CG1 . VAL A 1 78 ? -8.534  5.914   -4.381  1.00 40.17 ? 78  VAL A CG1 1 
ATOM   593  C  CG2 . VAL A 1 78 ? -8.482  3.393   -4.158  1.00 41.44 ? 78  VAL A CG2 1 
ATOM   594  N  N   . THR A 1 79 ? -10.589 3.711   -7.274  1.00 40.35 ? 79  THR A N   1 
ATOM   595  C  CA  . THR A 1 79 ? -10.705 2.757   -8.376  1.00 41.36 ? 79  THR A CA  1 
ATOM   596  C  C   . THR A 1 79 ? -9.352  2.412   -8.974  1.00 41.27 ? 79  THR A C   1 
ATOM   597  O  O   . THR A 1 79 ? -8.456  3.265   -9.101  1.00 41.27 ? 79  THR A O   1 
ATOM   598  C  CB  . THR A 1 79 ? -11.549 3.306   -9.493  1.00 41.69 ? 79  THR A CB  1 
ATOM   599  O  OG1 . THR A 1 79 ? -10.913 4.470   -10.054 1.00 45.08 ? 79  THR A OG1 1 
ATOM   600  C  CG2 . THR A 1 79 ? -12.906 3.686   -8.970  1.00 41.58 ? 79  THR A CG2 1 
ATOM   601  N  N   . PHE A 1 80 ? -9.228  1.138   -9.346  1.00 39.06 ? 80  PHE A N   1 
ATOM   602  C  CA  . PHE A 1 80 ? -8.049  0.620   -9.995  1.00 37.71 ? 80  PHE A CA  1 
ATOM   603  C  C   . PHE A 1 80 ? -8.552  -0.047  -11.230 1.00 36.54 ? 80  PHE A C   1 
ATOM   604  O  O   . PHE A 1 80 ? -9.648  -0.622  -11.205 1.00 34.95 ? 80  PHE A O   1 
ATOM   605  C  CB  . PHE A 1 80 ? -7.362  -0.434  -9.120  1.00 37.93 ? 80  PHE A CB  1 
ATOM   606  C  CG  . PHE A 1 80 ? -7.133  0.010   -7.692  1.00 38.51 ? 80  PHE A CG  1 
ATOM   607  C  CD1 . PHE A 1 80 ? -6.271  1.067   -7.408  1.00 38.64 ? 80  PHE A CD1 1 
ATOM   608  C  CD2 . PHE A 1 80 ? -7.786  -0.613  -6.652  1.00 36.16 ? 80  PHE A CD2 1 
ATOM   609  C  CE1 . PHE A 1 80 ? -6.043  1.443   -6.125  1.00 40.24 ? 80  PHE A CE1 1 
ATOM   610  C  CE2 . PHE A 1 80 ? -7.572  -0.255  -5.403  1.00 36.94 ? 80  PHE A CE2 1 
ATOM   611  C  CZ  . PHE A 1 80 ? -6.736  0.811   -5.102  1.00 40.16 ? 80  PHE A CZ  1 
ATOM   612  N  N   . GLY A 1 81 ? -7.741  0.043   -12.285 1.00 35.93 ? 81  GLY A N   1 
ATOM   613  C  CA  . GLY A 1 81 ? -7.914  -0.733  -13.496 1.00 35.62 ? 81  GLY A CA  1 
ATOM   614  C  C   . GLY A 1 81 ? -8.835  -0.026  -14.464 1.00 35.84 ? 81  GLY A C   1 
ATOM   615  O  O   . GLY A 1 81 ? -9.160  1.160   -14.266 1.00 35.00 ? 81  GLY A O   1 
ATOM   616  N  N   . PRO A 1 82 ? -9.275  -0.755  -15.504 1.00 36.00 ? 82  PRO A N   1 
ATOM   617  C  CA  . PRO A 1 82 ? -10.227 -0.338  -16.540 1.00 37.13 ? 82  PRO A CA  1 
ATOM   618  C  C   . PRO A 1 82 ? -11.515 0.207   -15.907 1.00 38.12 ? 82  PRO A C   1 
ATOM   619  O  O   . PRO A 1 82 ? -12.154 -0.468  -15.094 1.00 38.00 ? 82  PRO A O   1 
ATOM   620  C  CB  . PRO A 1 82 ? -10.475 -1.626  -17.321 1.00 36.62 ? 82  PRO A CB  1 
ATOM   621  C  CG  . PRO A 1 82 ? -9.221  -2.409  -17.123 1.00 35.74 ? 82  PRO A CG  1 
ATOM   622  C  CD  . PRO A 1 82 ? -8.815  -2.137  -15.714 1.00 35.98 ? 82  PRO A CD  1 
ATOM   623  N  N   . VAL A 1 83 ? -11.899 1.407   -16.336 1.00 39.41 ? 83  VAL A N   1 
ATOM   624  C  CA  . VAL A 1 83 ? -12.637 2.359   -15.492 1.00 40.74 ? 83  VAL A CA  1 
ATOM   625  C  C   . VAL A 1 83 ? -14.146 2.157   -15.122 1.00 41.42 ? 83  VAL A C   1 
ATOM   626  O  O   . VAL A 1 83 ? -14.501 2.485   -13.981 1.00 41.38 ? 83  VAL A O   1 
ATOM   627  C  CB  . VAL A 1 83 ? -12.339 3.840   -15.953 1.00 40.83 ? 83  VAL A CB  1 
ATOM   628  C  CG1 . VAL A 1 83 ? -13.352 4.348   -17.003 1.00 40.37 ? 83  VAL A CG1 1 
ATOM   629  C  CG2 . VAL A 1 83 ? -12.237 4.785   -14.744 1.00 40.64 ? 83  VAL A CG2 1 
ATOM   630  N  N   . SER A 1 84 ? -15.033 1.613   -15.971 1.00 41.84 ? 84  SER A N   1 
ATOM   631  C  CA  . SER A 1 84 ? -14.784 0.744   -17.147 1.00 42.43 ? 84  SER A CA  1 
ATOM   632  C  C   . SER A 1 84 ? -13.876 1.343   -18.254 1.00 42.28 ? 84  SER A C   1 
ATOM   633  O  O   . SER A 1 84 ? -13.616 0.700   -19.295 1.00 42.82 ? 84  SER A O   1 
ATOM   634  C  CB  . SER A 1 84 ? -16.153 0.327   -17.742 1.00 42.59 ? 84  SER A CB  1 
ATOM   635  O  OG  . SER A 1 84 ? -16.956 1.470   -18.067 1.00 43.82 ? 84  SER A OG  1 
ATOM   636  N  N   . PRO B 1 5  ? 20.105  1.508   3.022   1.00 53.64 ? 5   PRO B N   1 
ATOM   637  C  CA  . PRO B 1 5  ? 19.790  0.127   2.637   1.00 53.58 ? 5   PRO B CA  1 
ATOM   638  C  C   . PRO B 1 5  ? 18.527  -0.397  3.318   1.00 53.53 ? 5   PRO B C   1 
ATOM   639  O  O   . PRO B 1 5  ? 18.180  0.064   4.407   1.00 53.41 ? 5   PRO B O   1 
ATOM   640  C  CB  . PRO B 1 5  ? 21.011  -0.662  3.127   1.00 53.63 ? 5   PRO B CB  1 
ATOM   641  C  CG  . PRO B 1 5  ? 21.638  0.201   4.193   1.00 53.64 ? 5   PRO B CG  1 
ATOM   642  C  CD  . PRO B 1 5  ? 21.346  1.615   3.814   1.00 53.70 ? 5   PRO B CD  1 
ATOM   643  N  N   . LEU B 1 6  ? 17.860  -1.358  2.682   1.00 53.25 ? 6   LEU B N   1 
ATOM   644  C  CA  . LEU B 1 6  ? 16.714  -2.045  3.282   1.00 53.51 ? 6   LEU B CA  1 
ATOM   645  C  C   . LEU B 1 6  ? 17.188  -2.898  4.461   1.00 53.74 ? 6   LEU B C   1 
ATOM   646  O  O   . LEU B 1 6  ? 18.353  -3.310  4.513   1.00 53.59 ? 6   LEU B O   1 
ATOM   647  C  CB  . LEU B 1 6  ? 15.985  -2.909  2.236   1.00 53.58 ? 6   LEU B CB  1 
ATOM   648  C  CG  . LEU B 1 6  ? 14.468  -3.157  2.368   1.00 53.90 ? 6   LEU B CG  1 
ATOM   649  C  CD1 . LEU B 1 6  ? 13.653  -1.973  1.839   1.00 53.03 ? 6   LEU B CD1 1 
ATOM   650  C  CD2 . LEU B 1 6  ? 14.034  -4.451  1.677   1.00 53.26 ? 6   LEU B CD2 1 
ATOM   651  N  N   . THR B 1 7  ? 16.300  -3.140  5.418   1.00 53.99 ? 7   THR B N   1 
ATOM   652  C  CA  . THR B 1 7  ? 16.656  -3.938  6.591   1.00 54.44 ? 7   THR B CA  1 
ATOM   653  C  C   . THR B 1 7  ? 16.300  -5.409  6.392   1.00 54.48 ? 7   THR B C   1 
ATOM   654  O  O   . THR B 1 7  ? 15.426  -5.736  5.593   1.00 53.89 ? 7   THR B O   1 
ATOM   655  C  CB  . THR B 1 7  ? 16.009  -3.397  7.886   1.00 54.32 ? 7   THR B CB  1 
ATOM   656  O  OG1 . THR B 1 7  ? 16.719  -3.903  9.016   1.00 55.84 ? 7   THR B OG1 1 
ATOM   657  C  CG2 . THR B 1 7  ? 14.564  -3.821  8.007   1.00 54.45 ? 7   THR B CG2 1 
ATOM   658  N  N   . ALA B 1 8  ? 16.983  -6.288  7.129   1.00 54.59 ? 8   ALA B N   1 
ATOM   659  C  CA  . ALA B 1 8  ? 16.695  -7.719  7.057   1.00 54.76 ? 8   ALA B CA  1 
ATOM   660  C  C   . ALA B 1 8  ? 15.188  -7.970  7.172   1.00 54.79 ? 8   ALA B C   1 
ATOM   661  O  O   . ALA B 1 8  ? 14.597  -8.612  6.316   1.00 53.95 ? 8   ALA B O   1 
ATOM   662  C  CB  . ALA B 1 8  ? 17.453  -8.477  8.140   1.00 54.29 ? 8   ALA B CB  1 
ATOM   663  N  N   . GLU B 1 9  ? 14.590  -7.439  8.241   1.00 55.41 ? 9   GLU B N   1 
ATOM   664  C  CA  . GLU B 1 9  ? 13.165  -7.597  8.539   1.00 55.91 ? 9   GLU B CA  1 
ATOM   665  C  C   . GLU B 1 9  ? 12.272  -6.969  7.449   1.00 56.12 ? 9   GLU B C   1 
ATOM   666  O  O   . GLU B 1 9  ? 11.106  -7.382  7.240   1.00 55.71 ? 9   GLU B O   1 
ATOM   667  C  CB  . GLU B 1 9  ? 12.888  -7.037  9.948   1.00 56.11 ? 9   GLU B CB  1 
ATOM   668  C  CG  . GLU B 1 9  ? 11.429  -6.747  10.291  1.00 56.54 ? 9   GLU B CG  1 
ATOM   669  C  CD  . GLU B 1 9  ? 11.016  -5.324  9.959   1.00 57.77 ? 9   GLU B CD  1 
ATOM   670  O  OE1 . GLU B 1 9  ? 11.671  -4.389  10.478  1.00 58.28 ? 9   GLU B OE1 1 
ATOM   671  O  OE2 . GLU B 1 9  ? 10.034  -5.141  9.190   1.00 57.81 ? 9   GLU B OE2 1 
ATOM   672  N  N   . GLU B 1 10 ? 12.825  -5.991  6.734   1.00 55.81 ? 10  GLU B N   1 
ATOM   673  C  CA  . GLU B 1 10 ? 12.118  -5.424  5.601   1.00 55.57 ? 10  GLU B CA  1 
ATOM   674  C  C   . GLU B 1 10 ? 12.143  -6.355  4.394   1.00 55.16 ? 10  GLU B C   1 
ATOM   675  O  O   . GLU B 1 10 ? 11.128  -6.463  3.703   1.00 55.52 ? 10  GLU B O   1 
ATOM   676  C  CB  . GLU B 1 10 ? 12.608  -4.013  5.256   1.00 55.53 ? 10  GLU B CB  1 
ATOM   677  C  CG  . GLU B 1 10 ? 11.973  -2.918  6.117   1.00 55.51 ? 10  GLU B CG  1 
ATOM   678  C  CD  . GLU B 1 10 ? 12.529  -1.527  5.832   1.00 55.47 ? 10  GLU B CD  1 
ATOM   679  O  OE1 . GLU B 1 10 ? 13.756  -1.325  5.954   1.00 52.53 ? 10  GLU B OE1 1 
ATOM   680  O  OE2 . GLU B 1 10 ? 11.726  -0.633  5.487   1.00 55.77 ? 10  GLU B OE2 1 
ATOM   681  N  N   . LEU B 1 11 ? 13.259  -7.048  4.138   1.00 54.91 ? 11  LEU B N   1 
ATOM   682  C  CA  . LEU B 1 11 ? 13.268  -7.982  2.983   1.00 53.92 ? 11  LEU B CA  1 
ATOM   683  C  C   . LEU B 1 11 ? 12.565  -9.321  3.249   1.00 53.53 ? 11  LEU B C   1 
ATOM   684  O  O   . LEU B 1 11 ? 12.116  -10.001 2.315   1.00 53.76 ? 11  LEU B O   1 
ATOM   685  C  CB  . LEU B 1 11 ? 14.641  -8.166  2.324   1.00 54.19 ? 11  LEU B CB  1 
ATOM   686  C  CG  . LEU B 1 11 ? 15.812  -8.847  3.017   1.00 55.21 ? 11  LEU B CG  1 
ATOM   687  C  CD1 . LEU B 1 11 ? 16.526  -9.823  2.070   1.00 56.56 ? 11  LEU B CD1 1 
ATOM   688  C  CD2 . LEU B 1 11 ? 16.782  -7.805  3.535   1.00 55.89 ? 11  LEU B CD2 1 
ATOM   689  N  N   . GLU B 1 12 ? 12.454  -9.686  4.526   1.00 51.73 ? 12  GLU B N   1 
ATOM   690  C  CA  . GLU B 1 12 ? 11.612  -10.800 4.940   1.00 51.05 ? 12  GLU B CA  1 
ATOM   691  C  C   . GLU B 1 12 ? 10.122  -10.540 4.612   1.00 51.52 ? 12  GLU B C   1 
ATOM   692  O  O   . GLU B 1 12 ? 9.418   -11.381 4.052   1.00 50.28 ? 12  GLU B O   1 
ATOM   693  C  CB  . GLU B 1 12 ? 11.784  -10.982 6.441   1.00 51.71 ? 12  GLU B CB  1 
ATOM   694  C  CG  . GLU B 1 12 ? 11.291  -12.293 6.971   1.00 53.68 ? 12  GLU B CG  1 
ATOM   695  C  CD  . GLU B 1 12 ? 11.693  -12.482 8.426   1.00 55.28 ? 12  GLU B CD  1 
ATOM   696  O  OE1 . GLU B 1 12 ? 11.263  -11.660 9.270   1.00 56.48 ? 12  GLU B OE1 1 
ATOM   697  O  OE2 . GLU B 1 12 ? 12.452  -13.439 8.729   1.00 58.84 ? 12  GLU B OE2 1 
ATOM   698  N  N   . ARG B 1 13 ? 9.666   -9.345  4.950   1.00 51.87 ? 13  ARG B N   1 
ATOM   699  C  CA  . ARG B 1 13 ? 8.264   -8.994  4.781   1.00 52.69 ? 13  ARG B CA  1 
ATOM   700  C  C   . ARG B 1 13 ? 7.907   -8.966  3.296   1.00 52.55 ? 13  ARG B C   1 
ATOM   701  O  O   . ARG B 1 13 ? 6.797   -9.361  2.889   1.00 52.61 ? 13  ARG B O   1 
ATOM   702  C  CB  . ARG B 1 13 ? 7.987   -7.657  5.471   1.00 53.53 ? 13  ARG B CB  1 
ATOM   703  C  CG  . ARG B 1 13 ? 8.556   -6.457  4.745   1.00 55.64 ? 13  ARG B CG  1 
ATOM   704  C  CD  . ARG B 1 13 ? 8.815   -5.287  5.680   1.00 58.50 ? 13  ARG B CD  1 
ATOM   705  N  NE  . ARG B 1 13 ? 7.607   -4.669  6.222   1.00 58.00 ? 13  ARG B NE  1 
ATOM   706  C  CZ  . ARG B 1 13 ? 7.631   -3.698  7.132   1.00 58.44 ? 13  ARG B CZ  1 
ATOM   707  N  NH1 . ARG B 1 13 ? 8.793   -3.244  7.579   1.00 58.90 ? 13  ARG B NH1 1 
ATOM   708  N  NH2 . ARG B 1 13 ? 6.503   -3.182  7.601   1.00 59.74 ? 13  ARG B NH2 1 
ATOM   709  N  N   . GLY B 1 14 ? 8.853   -8.493  2.490   1.00 52.84 ? 14  GLY B N   1 
ATOM   710  C  CA  . GLY B 1 14 ? 8.735   -8.490  1.045   1.00 52.51 ? 14  GLY B CA  1 
ATOM   711  C  C   . GLY B 1 14 ? 8.488   -9.880  0.485   1.00 52.65 ? 14  GLY B C   1 
ATOM   712  O  O   . GLY B 1 14 ? 7.585   -10.068 -0.358  1.00 52.03 ? 14  GLY B O   1 
ATOM   713  N  N   . GLN B 1 15 ? 9.290   -10.844 0.941   1.00 51.78 ? 15  GLN B N   1 
ATOM   714  C  CA  . GLN B 1 15 ? 9.102   -12.250 0.592   1.00 51.44 ? 15  GLN B CA  1 
ATOM   715  C  C   . GLN B 1 15 ? 7.730   -12.786 1.055   1.00 51.15 ? 15  GLN B C   1 
ATOM   716  O  O   . GLN B 1 15 ? 7.037   -13.458 0.291   1.00 50.55 ? 15  GLN B O   1 
ATOM   717  C  CB  . GLN B 1 15 ? 10.213  -13.106 1.186   1.00 52.02 ? 15  GLN B CB  1 
ATOM   718  C  CG  . GLN B 1 15 ? 10.348  -14.481 0.521   1.00 54.54 ? 15  GLN B CG  1 
ATOM   719  C  CD  . GLN B 1 15 ? 11.804  -14.937 0.361   1.00 57.51 ? 15  GLN B CD  1 
ATOM   720  O  OE1 . GLN B 1 15 ? 12.658  -14.656 1.208   1.00 60.56 ? 15  GLN B OE1 1 
ATOM   721  N  NE2 . GLN B 1 15 ? 12.089  -15.649 -0.736  1.00 57.29 ? 15  GLN B NE2 1 
ATOM   722  N  N   . ARG B 1 16 ? 7.345   -12.467 2.292   1.00 49.46 ? 16  ARG B N   1 
ATOM   723  C  CA  . ARG B 1 16 ? 6.051   -12.897 2.818   1.00 48.82 ? 16  ARG B CA  1 
ATOM   724  C  C   . ARG B 1 16 ? 4.918   -12.352 1.980   1.00 47.94 ? 16  ARG B C   1 
ATOM   725  O  O   . ARG B 1 16 ? 4.001   -13.086 1.589   1.00 48.15 ? 16  ARG B O   1 
ATOM   726  C  CB  . ARG B 1 16 ? 5.888   -12.490 4.287   1.00 48.63 ? 16  ARG B CB  1 
ATOM   727  C  CG  . ARG B 1 16 ? 6.935   -13.133 5.179   1.00 46.56 ? 16  ARG B CG  1 
ATOM   728  C  CD  . ARG B 1 16 ? 6.431   -13.166 6.573   1.00 53.52 ? 16  ARG B CD  1 
ATOM   729  N  NE  . ARG B 1 16 ? 6.589   -11.899 7.283   1.00 54.19 ? 16  ARG B NE  1 
ATOM   730  C  CZ  . ARG B 1 16 ? 7.458   -11.715 8.272   1.00 54.93 ? 16  ARG B CZ  1 
ATOM   731  N  NH1 . ARG B 1 16 ? 8.252   -12.702 8.641   1.00 57.73 ? 16  ARG B NH1 1 
ATOM   732  N  NH2 . ARG B 1 16 ? 7.533   -10.548 8.893   1.00 53.68 ? 16  ARG B NH2 1 
ATOM   733  N  N   . LEU B 1 17 ? 4.984   -11.052 1.689   1.00 47.02 ? 17  LEU B N   1 
ATOM   734  C  CA  . LEU B 1 17 ? 4.038   -10.394 0.838   1.00 46.18 ? 17  LEU B CA  1 
ATOM   735  C  C   . LEU B 1 17 ? 3.902   -11.090 -0.508  1.00 45.89 ? 17  LEU B C   1 
ATOM   736  O  O   . LEU B 1 17 ? 2.784   -11.369 -0.980  1.00 46.94 ? 17  LEU B O   1 
ATOM   737  C  CB  . LEU B 1 17 ? 4.553   -8.981  0.592   1.00 45.59 ? 17  LEU B CB  1 
ATOM   738  C  CG  . LEU B 1 17 ? 3.589   -8.182  -0.277  1.00 43.88 ? 17  LEU B CG  1 
ATOM   739  C  CD1 . LEU B 1 17 ? 2.195   -8.282  0.237   1.00 43.19 ? 17  LEU B CD1 1 
ATOM   740  C  CD2 . LEU B 1 17 ? 4.066   -6.744  -0.218  1.00 46.65 ? 17  LEU B CD2 1 
ATOM   741  N  N   . GLY B 1 18 ? 5.041   -11.320 -1.163  1.00 44.74 ? 18  GLY B N   1 
ATOM   742  C  CA  . GLY B 1 18 ? 5.008   -11.831 -2.548  1.00 42.89 ? 18  GLY B CA  1 
ATOM   743  C  C   . GLY B 1 18 ? 4.399   -13.228 -2.587  1.00 42.52 ? 18  GLY B C   1 
ATOM   744  O  O   . GLY B 1 18 ? 3.630   -13.557 -3.500  1.00 42.21 ? 18  GLY B O   1 
ATOM   745  N  N   . GLU B 1 19 ? 4.780   -14.047 -1.609  1.00 40.44 ? 19  GLU B N   1 
ATOM   746  C  CA  . GLU B 1 19 ? 4.286   -15.411 -1.486  1.00 39.61 ? 19  GLU B CA  1 
ATOM   747  C  C   . GLU B 1 19 ? 2.773   -15.419 -1.275  1.00 38.44 ? 19  GLU B C   1 
ATOM   748  O  O   . GLU B 1 19 ? 2.079   -16.266 -1.835  1.00 37.53 ? 19  GLU B O   1 
ATOM   749  C  CB  . GLU B 1 19 ? 4.969   -16.074 -0.305  1.00 41.69 ? 19  GLU B CB  1 
ATOM   750  C  CG  . GLU B 1 19 ? 6.433   -16.380 -0.572  1.00 44.36 ? 19  GLU B CG  1 
ATOM   751  C  CD  . GLU B 1 19 ? 7.153   -16.943 0.641   1.00 51.57 ? 19  GLU B CD  1 
ATOM   752  O  OE1 . GLU B 1 19 ? 6.521   -17.046 1.723   1.00 55.47 ? 19  GLU B OE1 1 
ATOM   753  O  OE2 . GLU B 1 19 ? 8.351   -17.297 0.502   1.00 52.99 ? 19  GLU B OE2 1 
ATOM   754  N  N   . LEU B 1 20 ? 2.268   -14.457 -0.501  1.00 33.19 ? 20  LEU B N   1 
ATOM   755  C  CA  . LEU B 1 20 ? 0.832   -14.409 -0.215  1.00 32.04 ? 20  LEU B CA  1 
ATOM   756  C  C   . LEU B 1 20 ? 0.080   -14.054 -1.501  1.00 28.91 ? 20  LEU B C   1 
ATOM   757  O  O   . LEU B 1 20 ? -0.933  -14.672 -1.852  1.00 26.99 ? 20  LEU B O   1 
ATOM   758  C  CB  . LEU B 1 20 ? 0.547   -13.369 0.872   1.00 32.19 ? 20  LEU B CB  1 
ATOM   759  C  CG  . LEU B 1 20 ? -0.898  -13.255 1.371   1.00 35.76 ? 20  LEU B CG  1 
ATOM   760  C  CD1 . LEU B 1 20 ? -1.335  -14.509 1.955   1.00 40.89 ? 20  LEU B CD1 1 
ATOM   761  C  CD2 . LEU B 1 20 ? -1.040  -12.146 2.409   1.00 37.68 ? 20  LEU B CD2 1 
ATOM   762  N  N   . LEU B 1 21 ? 0.607   -13.071 -2.213  1.00 25.58 ? 21  LEU B N   1 
ATOM   763  C  CA  . LEU B 1 21 ? -0.072  -12.609 -3.425  1.00 25.28 ? 21  LEU B CA  1 
ATOM   764  C  C   . LEU B 1 21 ? -0.044  -13.696 -4.507  1.00 25.40 ? 21  LEU B C   1 
ATOM   765  O  O   . LEU B 1 21 ? -0.997  -13.839 -5.292  1.00 25.21 ? 21  LEU B O   1 
ATOM   766  C  CB  . LEU B 1 21 ? 0.574   -11.338 -3.966  1.00 24.80 ? 21  LEU B CB  1 
ATOM   767  C  CG  . LEU B 1 21 ? 0.351   -10.123 -3.055  1.00 28.74 ? 21  LEU B CG  1 
ATOM   768  C  CD1 . LEU B 1 21 ? 0.923   -8.873  -3.737  1.00 29.09 ? 21  LEU B CD1 1 
ATOM   769  C  CD2 . LEU B 1 21 ? -1.110  -9.885  -2.676  1.00 34.53 ? 21  LEU B CD2 1 
ATOM   770  N  N   . ARG B 1 22 ? 1.073   -14.386 -4.612  1.00 24.94 ? 22  ARG B N   1 
ATOM   771  C  CA  . ARG B 1 22 ? 1.224   -15.425 -5.645  1.00 24.56 ? 22  ARG B CA  1 
ATOM   772  C  C   . ARG B 1 22 ? 0.203   -16.537 -5.391  1.00 24.55 ? 22  ARG B C   1 
ATOM   773  O  O   . ARG B 1 22 ? -0.427  -17.046 -6.314  1.00 23.77 ? 22  ARG B O   1 
ATOM   774  C  CB  . ARG B 1 22 ? 2.629   -16.031 -5.541  1.00 25.02 ? 22  ARG B CB  1 
ATOM   775  C  CG  . ARG B 1 22 ? 2.842   -17.315 -6.348  1.00 25.41 ? 22  ARG B CG  1 
ATOM   776  C  CD  . ARG B 1 22 ? 2.735   -17.008 -7.831  1.00 23.40 ? 22  ARG B CD  1 
ATOM   777  N  NE  . ARG B 1 22 ? 2.650   -18.215 -8.674  1.00 26.04 ? 22  ARG B NE  1 
ATOM   778  C  CZ  . ARG B 1 22 ? 1.517   -18.796 -9.056  1.00 26.39 ? 22  ARG B CZ  1 
ATOM   779  N  NH1 . ARG B 1 22 ? 0.324   -18.303 -8.689  1.00 23.14 ? 22  ARG B NH1 1 
ATOM   780  N  NH2 . ARG B 1 22 ? 1.583   -19.864 -9.850  1.00 24.59 ? 22  ARG B NH2 1 
ATOM   781  N  N   . SER B 1 23 ? 0.088   -16.920 -4.125  1.00 23.04 ? 23  SER B N   1 
ATOM   782  C  CA  . SER B 1 23 ? -0.825  -17.942 -3.675  1.00 24.45 ? 23  SER B CA  1 
ATOM   783  C  C   . SER B 1 23 ? -2.263  -17.571 -3.982  1.00 23.85 ? 23  SER B C   1 
ATOM   784  O  O   . SER B 1 23 ? -3.059  -18.405 -4.480  1.00 23.50 ? 23  SER B O   1 
ATOM   785  C  CB  . SER B 1 23 ? -0.634  -18.071 -2.172  1.00 25.23 ? 23  SER B CB  1 
ATOM   786  O  OG  . SER B 1 23 ? 0.461   -18.944 -1.943  1.00 28.50 ? 23  SER B OG  1 
ATOM   787  N  N   . ALA B 1 24 ? -2.594  -16.316 -3.727  1.00 23.27 ? 24  ALA B N   1 
ATOM   788  C  CA  . ALA B 1 24 ? -3.953  -15.824 -3.988  1.00 23.21 ? 24  ALA B CA  1 
ATOM   789  C  C   . ALA B 1 24 ? -4.229  -15.824 -5.481  1.00 22.20 ? 24  ALA B C   1 
ATOM   790  O  O   . ALA B 1 24 ? -5.349  -16.100 -5.919  1.00 23.15 ? 24  ALA B O   1 
ATOM   791  C  CB  . ALA B 1 24 ? -4.146  -14.427 -3.407  1.00 23.00 ? 24  ALA B CB  1 
ATOM   792  N  N   . ARG B 1 25 ? -3.221  -15.507 -6.281  1.00 20.50 ? 25  ARG B N   1 
ATOM   793  C  CA  . ARG B 1 25 ? -3.430  -15.608 -7.732  1.00 19.42 ? 25  ARG B CA  1 
ATOM   794  C  C   . ARG B 1 25 ? -3.717  -17.060 -8.198  1.00 20.17 ? 25  ARG B C   1 
ATOM   795  O  O   . ARG B 1 25 ? -4.582  -17.266 -9.083  1.00 20.18 ? 25  ARG B O   1 
ATOM   796  C  CB  . ARG B 1 25 ? -2.262  -15.021 -8.483  1.00 19.57 ? 25  ARG B CB  1 
ATOM   797  C  CG  . ARG B 1 25 ? -2.451  -15.121 -9.965  1.00 19.60 ? 25  ARG B CG  1 
ATOM   798  C  CD  . ARG B 1 25 ? -1.455  -14.252 -10.706 1.00 22.31 ? 25  ARG B CD  1 
ATOM   799  N  NE  . ARG B 1 25 ? -0.055  -14.642 -10.538 1.00 20.03 ? 25  ARG B NE  1 
ATOM   800  C  CZ  . ARG B 1 25 ? 0.562   -15.640 -11.157 1.00 18.81 ? 25  ARG B CZ  1 
ATOM   801  N  NH1 . ARG B 1 25 ? -0.101  -16.520 -11.947 1.00 16.50 ? 25  ARG B NH1 1 
ATOM   802  N  NH2 . ARG B 1 25 ? 1.860   -15.807 -10.939 1.00 21.24 ? 25  ARG B NH2 1 
ATOM   803  N  N   . GLY B 1 26 ? -3.014  -18.034 -7.611  1.00 19.15 ? 26  GLY B N   1 
ATOM   804  C  CA  . GLY B 1 26 ? -3.234  -19.461 -7.892  1.00 20.11 ? 26  GLY B CA  1 
ATOM   805  C  C   . GLY B 1 26 ? -3.073  -19.670 -9.368  1.00 20.42 ? 26  GLY B C   1 
ATOM   806  O  O   . GLY B 1 26 ? -2.041  -19.275 -9.951  1.00 18.86 ? 26  GLY B O   1 
ATOM   807  N  N   . ASP B 1 27 ? -4.109  -20.233 -9.987  1.00 20.89 ? 27  ASP B N   1 
ATOM   808  C  CA  . ASP B 1 27 ? -4.069  -20.551 -11.419 1.00 21.63 ? 27  ASP B CA  1 
ATOM   809  C  C   . ASP B 1 27 ? -4.462  -19.420 -12.365 1.00 22.74 ? 27  ASP B C   1 
ATOM   810  O  O   . ASP B 1 27 ? -4.424  -19.597 -13.588 1.00 21.06 ? 27  ASP B O   1 
ATOM   811  C  CB  . ASP B 1 27 ? -4.906  -21.808 -11.707 1.00 22.21 ? 27  ASP B CB  1 
ATOM   812  C  CG  . ASP B 1 27 ? -4.301  -23.054 -11.078 1.00 23.72 ? 27  ASP B CG  1 
ATOM   813  O  OD1 . ASP B 1 27 ? -3.057  -23.135 -11.011 1.00 27.14 ? 27  ASP B OD1 1 
ATOM   814  O  OD2 . ASP B 1 27 ? -5.050  -23.956 -10.660 1.00 25.38 ? 27  ASP B OD2 1 
HETATM 815  N  N   . MSE B 1 28 ? -4.854  -18.267 -11.820 1.00 24.43 ? 28  MSE B N   1 
HETATM 816  C  CA  . MSE B 1 28 ? -5.182  -17.120 -12.657 1.00 29.53 ? 28  MSE B CA  1 
HETATM 817  C  C   . MSE B 1 28 ? -3.932  -16.634 -13.390 1.00 25.56 ? 28  MSE B C   1 
HETATM 818  O  O   . MSE B 1 28 ? -2.831  -16.725 -12.879 1.00 24.05 ? 28  MSE B O   1 
HETATM 819  C  CB  . MSE B 1 28 ? -5.786  -15.975 -11.836 1.00 27.42 ? 28  MSE B CB  1 
HETATM 820  C  CG  . MSE B 1 28 ? -7.127  -16.314 -11.171 1.00 34.45 ? 28  MSE B CG  1 
HETATM 821  SE SE  . MSE B 1 28 ? -7.855  -14.784 -10.070 1.00 49.16 ? 28  MSE B SE  1 
HETATM 822  C  CE  . MSE B 1 28 ? -8.804  -13.876 -11.472 1.00 43.74 ? 28  MSE B CE  1 
ATOM   823  N  N   . SER B 1 29 ? -4.101  -16.109 -14.598 1.00 24.57 ? 29  SER B N   1 
ATOM   824  C  CA  . SER B 1 29 ? -2.925  -15.740 -15.353 1.00 23.45 ? 29  SER B CA  1 
ATOM   825  C  C   . SER B 1 29 ? -2.407  -14.380 -14.855 1.00 23.99 ? 29  SER B C   1 
ATOM   826  O  O   . SER B 1 29 ? -3.195  -13.518 -14.412 1.00 23.34 ? 29  SER B O   1 
ATOM   827  C  CB  . SER B 1 29 ? -3.197  -15.705 -16.857 1.00 23.48 ? 29  SER B CB  1 
ATOM   828  O  OG  . SER B 1 29 ? -3.576  -14.419 -17.269 1.00 21.49 ? 29  SER B OG  1 
HETATM 829  N  N   . MSE B 1 30 ? -1.093  -14.221 -14.941 1.00 24.80 ? 30  MSE B N   1 
HETATM 830  C  CA  . MSE B 1 30 ? -0.422  -12.984 -14.520 1.00 28.42 ? 30  MSE B CA  1 
HETATM 831  C  C   . MSE B 1 30 ? -0.918  -11.824 -15.348 1.00 25.63 ? 30  MSE B C   1 
HETATM 832  O  O   . MSE B 1 30 ? -1.114  -10.722 -14.831 1.00 25.17 ? 30  MSE B O   1 
HETATM 833  C  CB  . MSE B 1 30 ? 1.078   -13.071 -14.739 1.00 27.51 ? 30  MSE B CB  1 
HETATM 834  C  CG  . MSE B 1 30 ? 1.778   -14.307 -14.168 1.00 32.43 ? 30  MSE B CG  1 
HETATM 835  SE SE  . MSE B 1 30 ? 3.656   -13.835 -13.717 1.00 42.70 ? 30  MSE B SE  1 
HETATM 836  C  CE  . MSE B 1 30 ? 3.174   -12.446 -12.529 1.00 23.38 ? 30  MSE B CE  1 
ATOM   837  N  N   . VAL B 1 31 ? -1.097  -12.074 -16.632 1.00 25.12 ? 31  VAL B N   1 
ATOM   838  C  CA  . VAL B 1 31 ? -1.540  -11.032 -17.554 1.00 25.27 ? 31  VAL B CA  1 
ATOM   839  C  C   . VAL B 1 31 ? -2.916  -10.520 -17.169 1.00 24.60 ? 31  VAL B C   1 
ATOM   840  O  O   . VAL B 1 31 ? -3.107  -9.321  -17.152 1.00 24.82 ? 31  VAL B O   1 
ATOM   841  C  CB  . VAL B 1 31 ? -1.513  -11.479 -19.014 1.00 26.20 ? 31  VAL B CB  1 
ATOM   842  C  CG1 . VAL B 1 31 ? -1.800  -10.297 -19.929 1.00 25.66 ? 31  VAL B CG1 1 
ATOM   843  C  CG2 . VAL B 1 31 ? -0.155  -12.055 -19.362 1.00 26.86 ? 31  VAL B CG2 1 
ATOM   844  N  N   . THR B 1 32 ? -3.854  -11.414 -16.831 1.00 22.32 ? 32  THR B N   1 
ATOM   845  C  CA  . THR B 1 32 ? -5.223  -10.995 -16.528 1.00 22.36 ? 32  THR B CA  1 
ATOM   846  C  C   . THR B 1 32 ? -5.278  -10.237 -15.189 1.00 21.39 ? 32  THR B C   1 
ATOM   847  O  O   . THR B 1 32 ? -5.953  -9.216  -15.060 1.00 21.57 ? 32  THR B O   1 
ATOM   848  C  CB  . THR B 1 32 ? -6.258  -12.193 -16.543 1.00 21.50 ? 32  THR B CB  1 
ATOM   849  O  OG1 . THR B 1 32 ? -6.057  -13.021 -15.416 1.00 28.25 ? 32  THR B OG1 1 
ATOM   850  C  CG2 . THR B 1 32 ? -6.082  -13.040 -17.790 1.00 21.32 ? 32  THR B CG2 1 
ATOM   851  N  N   . VAL B 1 33 ? -4.504  -10.692 -14.214 1.00 21.12 ? 33  VAL B N   1 
ATOM   852  C  CA  . VAL B 1 33 ? -4.469  -9.991  -12.916 1.00 22.04 ? 33  VAL B CA  1 
ATOM   853  C  C   . VAL B 1 33 ? -3.893  -8.572  -13.081 1.00 24.31 ? 33  VAL B C   1 
ATOM   854  O  O   . VAL B 1 33 ? -4.462  -7.599  -12.562 1.00 24.49 ? 33  VAL B O   1 
ATOM   855  C  CB  . VAL B 1 33 ? -3.678  -10.761 -11.896 1.00 22.61 ? 33  VAL B CB  1 
ATOM   856  C  CG1 . VAL B 1 33 ? -3.442  -9.871  -10.607 1.00 21.97 ? 33  VAL B CG1 1 
ATOM   857  C  CG2 . VAL B 1 33 ? -4.413  -12.090 -11.527 1.00 21.26 ? 33  VAL B CG2 1 
ATOM   858  N  N   . ALA B 1 34 ? -2.802  -8.470  -13.824 1.00 23.85 ? 34  ALA B N   1 
ATOM   859  C  CA  . ALA B 1 34 ? -2.101  -7.195  -14.021 1.00 26.79 ? 34  ALA B CA  1 
ATOM   860  C  C   . ALA B 1 34 ? -3.004  -6.227  -14.770 1.00 26.71 ? 34  ALA B C   1 
ATOM   861  O  O   . ALA B 1 34 ? -3.084  -5.064  -14.417 1.00 28.95 ? 34  ALA B O   1 
ATOM   862  C  CB  . ALA B 1 34 ? -0.810  -7.399  -14.798 1.00 25.98 ? 34  ALA B CB  1 
ATOM   863  N  N   . PHE B 1 35 ? -3.718  -6.729  -15.762 1.00 27.08 ? 35  PHE B N   1 
ATOM   864  C  CA  . PHE B 1 35 ? -4.577  -5.878  -16.559 1.00 27.04 ? 35  PHE B CA  1 
ATOM   865  C  C   . PHE B 1 35 ? -5.689  -5.357  -15.642 1.00 28.23 ? 35  PHE B C   1 
ATOM   866  O  O   . PHE B 1 35 ? -6.042  -4.179  -15.686 1.00 29.12 ? 35  PHE B O   1 
ATOM   867  C  CB  . PHE B 1 35 ? -5.238  -6.709  -17.642 1.00 26.02 ? 35  PHE B CB  1 
ATOM   868  C  CG  . PHE B 1 35 ? -6.187  -5.922  -18.475 1.00 26.39 ? 35  PHE B CG  1 
ATOM   869  C  CD1 . PHE B 1 35 ? -5.698  -5.070  -19.423 1.00 27.33 ? 35  PHE B CD1 1 
ATOM   870  C  CD2 . PHE B 1 35 ? -7.558  -5.996  -18.274 1.00 28.37 ? 35  PHE B CD2 1 
ATOM   871  C  CE1 . PHE B 1 35 ? -6.541  -4.312  -20.243 1.00 27.80 ? 35  PHE B CE1 1 
ATOM   872  C  CE2 . PHE B 1 35 ? -8.427  -5.264  -19.073 1.00 28.29 ? 35  PHE B CE2 1 
ATOM   873  C  CZ  . PHE B 1 35 ? -7.908  -4.401  -20.061 1.00 31.05 ? 35  PHE B CZ  1 
ATOM   874  N  N   . ASP B 1 36 ? -6.261  -6.245  -14.825 1.00 28.36 ? 36  ASP B N   1 
ATOM   875  C  CA  . ASP B 1 36 ? -7.407  -5.843  -13.998 1.00 29.87 ? 36  ASP B CA  1 
ATOM   876  C  C   . ASP B 1 36 ? -6.980  -4.888  -12.880 1.00 30.84 ? 36  ASP B C   1 
ATOM   877  O  O   . ASP B 1 36 ? -7.773  -4.056  -12.445 1.00 32.76 ? 36  ASP B O   1 
ATOM   878  C  CB  . ASP B 1 36 ? -8.199  -7.042  -13.416 1.00 28.68 ? 36  ASP B CB  1 
ATOM   879  C  CG  . ASP B 1 36 ? -9.302  -7.582  -14.384 1.00 31.88 ? 36  ASP B CG  1 
ATOM   880  O  OD1 . ASP B 1 36 ? -9.338  -7.238  -15.581 1.00 29.70 ? 36  ASP B OD1 1 
ATOM   881  O  OD2 . ASP B 1 36 ? -10.162 -8.373  -13.937 1.00 32.17 ? 36  ASP B OD2 1 
ATOM   882  N  N   . ALA B 1 37 ? -5.737  -5.014  -12.435 1.00 29.63 ? 37  ALA B N   1 
ATOM   883  C  CA  . ALA B 1 37 ? -5.196  -4.129  -11.399 1.00 31.02 ? 37  ALA B CA  1 
ATOM   884  C  C   . ALA B 1 37 ? -4.652  -2.798  -11.958 1.00 32.75 ? 37  ALA B C   1 
ATOM   885  O  O   . ALA B 1 37 ? -4.453  -1.855  -11.176 1.00 34.78 ? 37  ALA B O   1 
ATOM   886  C  CB  . ALA B 1 37 ? -4.124  -4.827  -10.690 1.00 30.96 ? 37  ALA B CB  1 
ATOM   887  N  N   . GLY B 1 38 ? -4.369  -2.783  -13.264 1.00 32.39 ? 38  GLY B N   1 
ATOM   888  C  CA  . GLY B 1 38 ? -3.690  -1.668  -13.956 1.00 33.04 ? 38  GLY B CA  1 
ATOM   889  C  C   . GLY B 1 38 ? -2.187  -1.540  -13.707 1.00 33.86 ? 38  GLY B C   1 
ATOM   890  O  O   . GLY B 1 38 ? -1.642  -0.415  -13.652 1.00 37.12 ? 38  GLY B O   1 
ATOM   891  N  N   . ILE B 1 39 ? -1.482  -2.666  -13.581 1.00 30.92 ? 39  ILE B N   1 
ATOM   892  C  CA  . ILE B 1 39 ? -0.042  -2.616  -13.420 1.00 30.04 ? 39  ILE B CA  1 
ATOM   893  C  C   . ILE B 1 39 ? 0.633   -3.465  -14.459 1.00 28.43 ? 39  ILE B C   1 
ATOM   894  O  O   . ILE B 1 39 ? -0.057  -4.212  -15.159 1.00 28.48 ? 39  ILE B O   1 
ATOM   895  C  CB  . ILE B 1 39 ? 0.394   -3.142  -12.073 1.00 30.09 ? 39  ILE B CB  1 
ATOM   896  C  CG1 . ILE B 1 39 ? -0.032  -4.622  -11.878 1.00 29.92 ? 39  ILE B CG1 1 
ATOM   897  C  CG2 . ILE B 1 39 ? -0.199  -2.329  -10.900 1.00 32.90 ? 39  ILE B CG2 1 
ATOM   898  C  CD1 . ILE B 1 39 ? 0.556   -5.226  -10.552 1.00 30.77 ? 39  ILE B CD1 1 
ATOM   899  N  N   . SER B 1 40 ? 1.967   -3.396  -14.552 1.00 25.89 ? 40  SER B N   1 
ATOM   900  C  CA  . SER B 1 40 ? 2.658   -4.257  -15.491 1.00 26.18 ? 40  SER B CA  1 
ATOM   901  C  C   . SER B 1 40 ? 2.865   -5.639  -14.926 1.00 25.63 ? 40  SER B C   1 
ATOM   902  O  O   . SER B 1 40 ? 2.978   -5.826  -13.693 1.00 24.99 ? 40  SER B O   1 
ATOM   903  C  CB  . SER B 1 40 ? 3.996   -3.663  -15.958 1.00 27.29 ? 40  SER B CB  1 
ATOM   904  O  OG  . SER B 1 40 ? 4.894   -3.700  -14.873 1.00 21.90 ? 40  SER B OG  1 
ATOM   905  N  N   . VAL B 1 41 ? 2.959   -6.599  -15.840 1.00 26.02 ? 41  VAL B N   1 
ATOM   906  C  CA  . VAL B 1 41 ? 3.370   -7.941  -15.479 1.00 25.38 ? 41  VAL B CA  1 
ATOM   907  C  C   . VAL B 1 41 ? 4.721   -7.938  -14.817 1.00 25.08 ? 41  VAL B C   1 
ATOM   908  O  O   . VAL B 1 41 ? 4.939   -8.702  -13.905 1.00 24.55 ? 41  VAL B O   1 
ATOM   909  C  CB  . VAL B 1 41 ? 3.460   -8.911  -16.690 1.00 25.69 ? 41  VAL B CB  1 
ATOM   910  C  CG1 . VAL B 1 41 ? 4.268   -10.157 -16.306 1.00 25.14 ? 41  VAL B CG1 1 
ATOM   911  C  CG2 . VAL B 1 41 ? 2.079   -9.320  -17.170 1.00 25.70 ? 41  VAL B CG2 1 
ATOM   912  N  N   . GLU B 1 42 ? 5.636   -7.081  -15.284 1.00 24.02 ? 42  GLU B N   1 
ATOM   913  C  CA  . GLU B 1 42 ? 6.957   -7.028  -14.682 1.00 23.60 ? 42  GLU B CA  1 
ATOM   914  C  C   . GLU B 1 42 ? 6.883   -6.677  -13.220 1.00 22.82 ? 42  GLU B C   1 
ATOM   915  O  O   . GLU B 1 42 ? 7.567   -7.290  -12.396 1.00 22.46 ? 42  GLU B O   1 
ATOM   916  C  CB  . GLU B 1 42 ? 7.865   -6.024  -15.374 1.00 23.51 ? 42  GLU B CB  1 
ATOM   917  C  CG  . GLU B 1 42 ? 8.570   -6.596  -16.565 1.00 26.43 ? 42  GLU B CG  1 
ATOM   918  C  CD  . GLU B 1 42 ? 7.697   -6.626  -17.810 1.00 29.10 ? 42  GLU B CD  1 
ATOM   919  O  OE1 . GLU B 1 42 ? 6.591   -6.061  -17.797 1.00 31.85 ? 42  GLU B OE1 1 
ATOM   920  O  OE2 . GLU B 1 42 ? 8.119   -7.226  -18.812 1.00 29.13 ? 42  GLU B OE2 1 
ATOM   921  N  N   . THR B 1 43 ? 6.054   -5.677  -12.904 1.00 22.19 ? 43  THR B N   1 
ATOM   922  C  CA  . THR B 1 43 ? 5.879   -5.244  -11.508 1.00 21.38 ? 43  THR B CA  1 
ATOM   923  C  C   . THR B 1 43 ? 5.282   -6.378  -10.697 1.00 23.22 ? 43  THR B C   1 
ATOM   924  O  O   . THR B 1 43 ? 5.772   -6.659  -9.588  1.00 24.10 ? 43  THR B O   1 
ATOM   925  C  CB  . THR B 1 43 ? 4.987   -4.000  -11.460 1.00 21.76 ? 43  THR B CB  1 
ATOM   926  O  OG1 . THR B 1 43 ? 5.718   -2.917  -12.000 1.00 21.41 ? 43  THR B OG1 1 
ATOM   927  C  CG2 . THR B 1 43 ? 4.579   -3.617  -10.069 1.00 22.63 ? 43  THR B CG2 1 
ATOM   928  N  N   . LEU B 1 44 ? 4.222   -6.997  -11.226 1.00 22.59 ? 44  LEU B N   1 
ATOM   929  C  CA  . LEU B 1 44 ? 3.563   -8.069  -10.530 1.00 22.62 ? 44  LEU B CA  1 
ATOM   930  C  C   . LEU B 1 44 ? 4.541   -9.187  -10.275 1.00 22.70 ? 44  LEU B C   1 
ATOM   931  O  O   . LEU B 1 44 ? 4.574   -9.716  -9.169  1.00 22.38 ? 44  LEU B O   1 
ATOM   932  C  CB  . LEU B 1 44 ? 2.351   -8.590  -11.327 1.00 22.96 ? 44  LEU B CB  1 
ATOM   933  C  CG  . LEU B 1 44 ? 1.489   -9.614  -10.560 1.00 23.59 ? 44  LEU B CG  1 
ATOM   934  C  CD1 . LEU B 1 44 ? 0.948   -9.080  -9.220  1.00 27.48 ? 44  LEU B CD1 1 
ATOM   935  C  CD2 . LEU B 1 44 ? 0.357   -10.140 -11.469 1.00 23.46 ? 44  LEU B CD2 1 
ATOM   936  N  N   . ARG B 1 45 ? 5.382   -9.492  -11.263 1.00 22.51 ? 45  ARG B N   1 
ATOM   937  C  CA  . ARG B 1 45 ? 6.402   -10.547 -11.140 1.00 24.15 ? 45  ARG B CA  1 
ATOM   938  C  C   . ARG B 1 45 ? 7.389   -10.220 -10.017 1.00 23.81 ? 45  ARG B C   1 
ATOM   939  O  O   . ARG B 1 45 ? 7.708   -11.073 -9.156  1.00 23.15 ? 45  ARG B O   1 
ATOM   940  C  CB  . ARG B 1 45 ? 7.138   -10.686 -12.484 1.00 24.90 ? 45  ARG B CB  1 
ATOM   941  C  CG  . ARG B 1 45 ? 7.459   -12.077 -12.906 1.00 26.12 ? 45  ARG B CG  1 
ATOM   942  C  CD  . ARG B 1 45 ? 8.125   -12.044 -14.311 1.00 25.43 ? 45  ARG B CD  1 
ATOM   943  N  NE  . ARG B 1 45 ? 7.354   -12.847 -15.255 1.00 27.47 ? 45  ARG B NE  1 
ATOM   944  C  CZ  . ARG B 1 45 ? 7.352   -12.642 -16.565 1.00 27.00 ? 45  ARG B CZ  1 
ATOM   945  N  NH1 . ARG B 1 45 ? 8.081   -11.655 -17.079 1.00 28.55 ? 45  ARG B NH1 1 
ATOM   946  N  NH2 . ARG B 1 45 ? 6.612   -13.404 -17.360 1.00 26.13 ? 45  ARG B NH2 1 
ATOM   947  N  N   . LYS B 1 46 ? 7.840   -8.974  -10.002 1.00 22.91 ? 46  LYS B N   1 
ATOM   948  C  CA  . LYS B 1 46 ? 8.797   -8.541  -9.016  1.00 24.10 ? 46  LYS B CA  1 
ATOM   949  C  C   . LYS B 1 46 ? 8.170   -8.623  -7.625  1.00 23.50 ? 46  LYS B C   1 
ATOM   950  O  O   . LYS B 1 46 ? 8.840   -9.000  -6.677  1.00 25.19 ? 46  LYS B O   1 
ATOM   951  C  CB  . LYS B 1 46 ? 9.324   -7.111  -9.331  1.00 23.35 ? 46  LYS B CB  1 
ATOM   952  C  CG  . LYS B 1 46 ? 10.242  -7.042  -10.566 1.00 25.69 ? 46  LYS B CG  1 
ATOM   953  C  CD  . LYS B 1 46 ? 10.636  -5.587  -10.969 1.00 26.62 ? 46  LYS B CD  1 
ATOM   954  C  CE  . LYS B 1 46 ? 11.358  -5.549  -12.348 1.00 29.67 ? 46  LYS B CE  1 
ATOM   955  N  NZ  . LYS B 1 46 ? 11.314  -4.252  -13.127 1.00 32.54 ? 46  LYS B NZ  1 
ATOM   956  N  N   . ILE B 1 47 ? 6.902   -8.236  -7.492  1.00 22.55 ? 47  ILE B N   1 
ATOM   957  C  CA  . ILE B 1 47 ? 6.261   -8.271  -6.190  1.00 23.39 ? 47  ILE B CA  1 
ATOM   958  C  C   . ILE B 1 47 ? 6.116   -9.723  -5.743  1.00 23.85 ? 47  ILE B C   1 
ATOM   959  O  O   . ILE B 1 47 ? 6.508   -10.055 -4.622  1.00 24.51 ? 47  ILE B O   1 
ATOM   960  C  CB  . ILE B 1 47 ? 4.879   -7.583  -6.164  1.00 24.27 ? 47  ILE B CB  1 
ATOM   961  C  CG1 . ILE B 1 47 ? 5.022   -6.081  -6.430  1.00 23.26 ? 47  ILE B CG1 1 
ATOM   962  C  CG2 . ILE B 1 47 ? 4.153   -7.820  -4.812  1.00 22.49 ? 47  ILE B CG2 1 
ATOM   963  C  CD1 . ILE B 1 47 ? 3.709   -5.394  -6.664  1.00 25.73 ? 47  ILE B CD1 1 
ATOM   964  N  N   . GLU B 1 48 ? 5.600   -10.582 -6.624  1.00 22.50 ? 48  GLU B N   1 
ATOM   965  C  CA  . GLU B 1 48 ? 5.372   -11.976 -6.227  1.00 23.51 ? 48  GLU B CA  1 
ATOM   966  C  C   . GLU B 1 48 ? 6.657   -12.676 -5.778  1.00 22.92 ? 48  GLU B C   1 
ATOM   967  O  O   . GLU B 1 48 ? 6.649   -13.558 -4.868  1.00 23.49 ? 48  GLU B O   1 
ATOM   968  C  CB  . GLU B 1 48 ? 4.734   -12.732 -7.386  1.00 22.22 ? 48  GLU B CB  1 
ATOM   969  C  CG  . GLU B 1 48 ? 3.325   -12.326 -7.631  1.00 23.92 ? 48  GLU B CG  1 
ATOM   970  C  CD  . GLU B 1 48 ? 2.665   -13.234 -8.637  1.00 25.60 ? 48  GLU B CD  1 
ATOM   971  O  OE1 . GLU B 1 48 ? 3.393   -13.933 -9.364  1.00 26.30 ? 48  GLU B OE1 1 
ATOM   972  O  OE2 . GLU B 1 48 ? 1.426   -13.235 -8.706  1.00 24.67 ? 48  GLU B OE2 1 
ATOM   973  N  N   . THR B 1 49 ? 7.775   -12.268 -6.390  1.00 24.43 ? 49  THR B N   1 
ATOM   974  C  CA  . THR B 1 49 ? 9.084   -12.874 -6.120  1.00 24.68 ? 49  THR B CA  1 
ATOM   975  C  C   . THR B 1 49 ? 9.927   -12.167 -5.054  1.00 25.06 ? 49  THR B C   1 
ATOM   976  O  O   . THR B 1 49 ? 11.059  -12.595 -4.761  1.00 25.21 ? 49  THR B O   1 
ATOM   977  C  CB  . THR B 1 49 ? 9.925   -13.057 -7.404  1.00 25.28 ? 49  THR B CB  1 
ATOM   978  O  OG1 . THR B 1 49 ? 10.085  -11.795 -8.072  1.00 26.52 ? 49  THR B OG1 1 
ATOM   979  C  CG2 . THR B 1 49 ? 9.233   -14.015 -8.348  1.00 25.82 ? 49  THR B CG2 1 
ATOM   980  N  N   . GLY B 1 50 ? 9.376   -11.091 -4.496  1.00 25.58 ? 50  GLY B N   1 
ATOM   981  C  CA  . GLY B 1 50 ? 9.972   -10.364 -3.383  1.00 26.49 ? 50  GLY B CA  1 
ATOM   982  C  C   . GLY B 1 50 ? 11.125  -9.455  -3.749  1.00 26.02 ? 50  GLY B C   1 
ATOM   983  O  O   . GLY B 1 50 ? 11.971  -9.144  -2.894  1.00 25.98 ? 50  GLY B O   1 
ATOM   984  N  N   . ARG B 1 51 ? 11.174  -9.031  -5.012  1.00 25.78 ? 51  ARG B N   1 
ATOM   985  C  CA  . ARG B 1 51 ? 12.285  -8.216  -5.489  1.00 25.84 ? 51  ARG B CA  1 
ATOM   986  C  C   . ARG B 1 51 ? 12.029  -6.727  -5.350  1.00 27.26 ? 51  ARG B C   1 
ATOM   987  O  O   . ARG B 1 51 ? 12.907  -5.941  -5.663  1.00 26.50 ? 51  ARG B O   1 
ATOM   988  C  CB  . ARG B 1 51 ? 12.660  -8.568  -6.926  1.00 25.61 ? 51  ARG B CB  1 
ATOM   989  C  CG  . ARG B 1 51 ? 13.041  -10.061 -7.159  1.00 26.48 ? 51  ARG B CG  1 
ATOM   990  C  CD  . ARG B 1 51 ? 14.135  -10.579 -6.240  1.00 32.28 ? 51  ARG B CD  1 
ATOM   991  N  NE  . ARG B 1 51 ? 13.683  -10.908 -4.880  1.00 34.07 ? 51  ARG B NE  1 
ATOM   992  C  CZ  . ARG B 1 51 ? 14.432  -11.487 -3.941  1.00 34.82 ? 51  ARG B CZ  1 
ATOM   993  N  NH1 . ARG B 1 51 ? 15.681  -11.844 -4.201  1.00 35.02 ? 51  ARG B NH1 1 
ATOM   994  N  NH2 . ARG B 1 51 ? 13.920  -11.718 -2.730  1.00 36.05 ? 51  ARG B NH2 1 
ATOM   995  N  N   . ILE B 1 52 ? 10.844  -6.310  -4.895  1.00 27.33 ? 52  ILE B N   1 
ATOM   996  C  CA  . ILE B 1 52 ? 10.709  -4.855  -4.693  1.00 29.47 ? 52  ILE B CA  1 
ATOM   997  C  C   . ILE B 1 52 ? 10.935  -4.408  -3.234  1.00 29.07 ? 52  ILE B C   1 
ATOM   998  O  O   . ILE B 1 52 ? 10.304  -4.930  -2.310  1.00 27.15 ? 52  ILE B O   1 
ATOM   999  C  CB  . ILE B 1 52 ? 9.476   -4.214  -5.437  1.00 30.43 ? 52  ILE B CB  1 
ATOM   1000 C  CG1 . ILE B 1 52 ? 9.071   -2.883  -4.791  1.00 32.19 ? 52  ILE B CG1 1 
ATOM   1001 C  CG2 . ILE B 1 52 ? 8.334   -5.153  -5.525  1.00 35.00 ? 52  ILE B CG2 1 
ATOM   1002 C  CD1 . ILE B 1 52 ? 8.700   -1.770  -5.803  1.00 36.11 ? 52  ILE B CD1 1 
ATOM   1003 N  N   . ALA B 1 53 ? 11.930  -3.523  -3.043  1.00 27.43 ? 53  ALA B N   1 
ATOM   1004 C  CA  . ALA B 1 53 ? 12.357  -3.083  -1.726  1.00 27.73 ? 53  ALA B CA  1 
ATOM   1005 C  C   . ALA B 1 53 ? 11.192  -2.464  -0.924  1.00 27.87 ? 53  ALA B C   1 
ATOM   1006 O  O   . ALA B 1 53 ? 10.978  -2.807  0.252   1.00 29.09 ? 53  ALA B O   1 
ATOM   1007 C  CB  . ALA B 1 53 ? 13.522  -2.099  -1.830  1.00 27.85 ? 53  ALA B CB  1 
ATOM   1008 N  N   . THR B 1 54 ? 10.422  -1.583  -1.565  1.00 26.63 ? 54  THR B N   1 
ATOM   1009 C  CA  . THR B 1 54 ? 9.308   -0.928  -0.885  1.00 24.89 ? 54  THR B CA  1 
ATOM   1010 C  C   . THR B 1 54 ? 8.065   -0.862  -1.797  1.00 23.26 ? 54  THR B C   1 
ATOM   1011 O  O   . THR B 1 54 ? 7.871   0.122   -2.485  1.00 21.89 ? 54  THR B O   1 
ATOM   1012 C  CB  . THR B 1 54 ? 9.696   0.490   -0.393  1.00 26.81 ? 54  THR B CB  1 
ATOM   1013 O  OG1 . THR B 1 54 ? 9.553   1.450   -1.455  1.00 29.23 ? 54  THR B OG1 1 
ATOM   1014 C  CG2 . THR B 1 54 ? 11.143  0.535   0.140   1.00 26.08 ? 54  THR B CG2 1 
ATOM   1015 N  N   . PRO B 1 55 ? 7.225   -1.913  -1.817  1.00 21.96 ? 55  PRO B N   1 
ATOM   1016 C  CA  . PRO B 1 55 ? 6.074   -1.870  -2.751  1.00 20.63 ? 55  PRO B CA  1 
ATOM   1017 C  C   . PRO B 1 55 ? 5.089   -0.741  -2.452  1.00 19.82 ? 55  PRO B C   1 
ATOM   1018 O  O   . PRO B 1 55 ? 4.908   -0.347  -1.279  1.00 19.82 ? 55  PRO B O   1 
ATOM   1019 C  CB  . PRO B 1 55 ? 5.371   -3.217  -2.553  1.00 22.66 ? 55  PRO B CB  1 
ATOM   1020 C  CG  . PRO B 1 55 ? 5.969   -3.759  -1.332  1.00 23.29 ? 55  PRO B CG  1 
ATOM   1021 C  CD  . PRO B 1 55 ? 7.315   -3.191  -1.101  1.00 23.81 ? 55  PRO B CD  1 
ATOM   1022 N  N   . ALA B 1 56 ? 4.485   -0.216  -3.507  1.00 19.19 ? 56  ALA B N   1 
ATOM   1023 C  CA  . ALA B 1 56 ? 3.640   0.974   -3.402  1.00 18.61 ? 56  ALA B CA  1 
ATOM   1024 C  C   . ALA B 1 56 ? 2.323   0.512   -2.796  1.00 18.99 ? 56  ALA B C   1 
ATOM   1025 O  O   . ALA B 1 56 ? 1.788   -0.564  -3.181  1.00 17.92 ? 56  ALA B O   1 
ATOM   1026 C  CB  . ALA B 1 56 ? 3.362   1.510   -4.802  1.00 20.53 ? 56  ALA B CB  1 
ATOM   1027 N  N   . PHE B 1 57 ? 1.767   1.337   -1.905  1.00 17.50 ? 57  PHE B N   1 
ATOM   1028 C  CA  . PHE B 1 57 ? 0.446   1.059   -1.353  1.00 17.48 ? 57  PHE B CA  1 
ATOM   1029 C  C   . PHE B 1 57 ? -0.601  0.785   -2.423  1.00 19.48 ? 57  PHE B C   1 
ATOM   1030 O  O   . PHE B 1 57 ? -1.346  -0.228  -2.306  1.00 19.26 ? 57  PHE B O   1 
ATOM   1031 C  CB  . PHE B 1 57 ? -0.051  2.303   -0.511  1.00 17.84 ? 57  PHE B CB  1 
ATOM   1032 C  CG  . PHE B 1 57 ? -1.440  2.089   0.032   1.00 17.10 ? 57  PHE B CG  1 
ATOM   1033 C  CD1 . PHE B 1 57 ? -1.627  1.124   1.069   1.00 21.20 ? 57  PHE B CD1 1 
ATOM   1034 C  CD2 . PHE B 1 57 ? -2.525  2.756   -0.519  1.00 19.31 ? 57  PHE B CD2 1 
ATOM   1035 C  CE1 . PHE B 1 57 ? -2.941  0.848   1.540   1.00 22.65 ? 57  PHE B CE1 1 
ATOM   1036 C  CE2 . PHE B 1 57 ? -3.819  2.530   -0.016  1.00 21.71 ? 57  PHE B CE2 1 
ATOM   1037 C  CZ  . PHE B 1 57 ? -3.993  1.560   1.003   1.00 21.21 ? 57  PHE B CZ  1 
ATOM   1038 N  N   . PHE B 1 58 ? -0.722  1.659   -3.452  1.00 18.10 ? 58  PHE B N   1 
ATOM   1039 C  CA  . PHE B 1 58 ? -1.787  1.516   -4.427  1.00 19.51 ? 58  PHE B CA  1 
ATOM   1040 C  C   . PHE B 1 58 ? -1.581  0.297   -5.345  1.00 20.70 ? 58  PHE B C   1 
ATOM   1041 O  O   . PHE B 1 58 ? -2.529  -0.234  -5.879  1.00 20.87 ? 58  PHE B O   1 
ATOM   1042 C  CB  . PHE B 1 58 ? -1.960  2.800   -5.186  1.00 20.69 ? 58  PHE B CB  1 
ATOM   1043 C  CG  . PHE B 1 58 ? -2.643  3.858   -4.340  1.00 22.30 ? 58  PHE B CG  1 
ATOM   1044 C  CD1 . PHE B 1 58 ? -3.926  3.607   -3.826  1.00 23.11 ? 58  PHE B CD1 1 
ATOM   1045 C  CD2 . PHE B 1 58 ? -2.044  5.079   -4.099  1.00 22.51 ? 58  PHE B CD2 1 
ATOM   1046 C  CE1 . PHE B 1 58 ? -4.617  4.580   -3.091  1.00 27.15 ? 58  PHE B CE1 1 
ATOM   1047 C  CE2 . PHE B 1 58 ? -2.715  6.057   -3.337  1.00 24.92 ? 58  PHE B CE2 1 
ATOM   1048 C  CZ  . PHE B 1 58 ? -3.995  5.781   -2.826  1.00 21.10 ? 58  PHE B CZ  1 
ATOM   1049 N  N   . THR B 1 59 ? -0.335  -0.137  -5.472  1.00 19.10 ? 59  THR B N   1 
ATOM   1050 C  CA  . THR B 1 59 ? -0.054  -1.353  -6.254  1.00 18.66 ? 59  THR B CA  1 
ATOM   1051 C  C   . THR B 1 59 ? -0.598  -2.565  -5.503  1.00 19.04 ? 59  THR B C   1 
ATOM   1052 O  O   . THR B 1 59 ? -1.326  -3.388  -6.047  1.00 18.01 ? 59  THR B O   1 
ATOM   1053 C  CB  . THR B 1 59 ? 1.429   -1.508  -6.573  1.00 18.91 ? 59  THR B CB  1 
ATOM   1054 O  OG1 . THR B 1 59 ? 1.820   -0.372  -7.393  1.00 20.65 ? 59  THR B OG1 1 
ATOM   1055 C  CG2 . THR B 1 59 ? 1.687   -2.841  -7.303  1.00 19.25 ? 59  THR B CG2 1 
ATOM   1056 N  N   . ILE B 1 60 ? -0.231  -2.658  -4.235  1.00 16.98 ? 60  ILE B N   1 
ATOM   1057 C  CA  . ILE B 1 60 ? -0.705  -3.792  -3.427  1.00 17.36 ? 60  ILE B CA  1 
ATOM   1058 C  C   . ILE B 1 60 ? -2.246  -3.751  -3.268  1.00 17.03 ? 60  ILE B C   1 
ATOM   1059 O  O   . ILE B 1 60 ? -2.949  -4.784  -3.437  1.00 18.15 ? 60  ILE B O   1 
ATOM   1060 C  CB  . ILE B 1 60 ? -0.008  -3.766  -2.062  1.00 17.81 ? 60  ILE B CB  1 
ATOM   1061 C  CG1 . ILE B 1 60 ? 1.502   -3.874  -2.236  1.00 15.70 ? 60  ILE B CG1 1 
ATOM   1062 C  CG2 . ILE B 1 60 ? -0.501  -4.981  -1.230  1.00 16.94 ? 60  ILE B CG2 1 
ATOM   1063 C  CD1 . ILE B 1 60 ? 1.998   -5.044  -3.143  1.00 17.94 ? 60  ILE B CD1 1 
ATOM   1064 N  N   . ALA B 1 61 ? -2.797  -2.563  -3.040  1.00 18.31 ? 61  ALA B N   1 
ATOM   1065 C  CA  . ALA B 1 61 ? -4.259  -2.348  -2.933  1.00 18.78 ? 61  ALA B CA  1 
ATOM   1066 C  C   . ALA B 1 61 ? -4.964  -2.841  -4.196  1.00 19.91 ? 61  ALA B C   1 
ATOM   1067 O  O   . ALA B 1 61 ? -5.986  -3.577  -4.107  1.00 19.48 ? 61  ALA B O   1 
ATOM   1068 C  CB  . ALA B 1 61 ? -4.574  -0.863  -2.693  1.00 19.55 ? 61  ALA B CB  1 
ATOM   1069 N  N   . ALA B 1 62 ? -4.412  -2.511  -5.375  1.00 17.93 ? 62  ALA B N   1 
ATOM   1070 C  CA  . ALA B 1 62 ? -5.055  -2.920  -6.660  1.00 19.20 ? 62  ALA B CA  1 
ATOM   1071 C  C   . ALA B 1 62 ? -5.031  -4.437  -6.842  1.00 19.50 ? 62  ALA B C   1 
ATOM   1072 O  O   . ALA B 1 62 ? -6.051  -5.043  -7.223  1.00 20.24 ? 62  ALA B O   1 
ATOM   1073 C  CB  . ALA B 1 62 ? -4.353  -2.219  -7.841  1.00 17.25 ? 62  ALA B CB  1 
ATOM   1074 N  N   . VAL B 1 63 ? -3.881  -5.064  -6.582  1.00 19.44 ? 63  VAL B N   1 
ATOM   1075 C  CA  . VAL B 1 63 ? -3.769  -6.537  -6.712  1.00 19.90 ? 63  VAL B CA  1 
ATOM   1076 C  C   . VAL B 1 63 ? -4.685  -7.211  -5.723  1.00 19.49 ? 63  VAL B C   1 
ATOM   1077 O  O   . VAL B 1 63 ? -5.409  -8.166  -6.075  1.00 20.81 ? 63  VAL B O   1 
ATOM   1078 C  CB  . VAL B 1 63 ? -2.289  -6.998  -6.573  1.00 18.43 ? 63  VAL B CB  1 
ATOM   1079 C  CG1 . VAL B 1 63 ? -2.187  -8.536  -6.630  1.00 20.38 ? 63  VAL B CG1 1 
ATOM   1080 C  CG2 . VAL B 1 63 ? -1.440  -6.347  -7.763  1.00 17.41 ? 63  VAL B CG2 1 
ATOM   1081 N  N   . ALA B 1 64 ? -4.651  -6.720  -4.476  1.00 19.85 ? 64  ALA B N   1 
ATOM   1082 C  CA  . ALA B 1 64 ? -5.536  -7.280  -3.444  1.00 19.14 ? 64  ALA B CA  1 
ATOM   1083 C  C   . ALA B 1 64 ? -6.983  -7.211  -3.922  1.00 19.91 ? 64  ALA B C   1 
ATOM   1084 O  O   . ALA B 1 64 ? -7.743  -8.176  -3.716  1.00 19.38 ? 64  ALA B O   1 
ATOM   1085 C  CB  . ALA B 1 64 ? -5.376  -6.540  -2.085  1.00 20.39 ? 64  ALA B CB  1 
ATOM   1086 N  N   . ARG B 1 65 ? -7.394  -6.082  -4.485  1.00 19.04 ? 65  ARG B N   1 
ATOM   1087 C  CA  . ARG B 1 65 ? -8.784  -5.962  -4.945  1.00 20.00 ? 65  ARG B CA  1 
ATOM   1088 C  C   . ARG B 1 65 ? -9.148  -7.075  -5.939  1.00 19.75 ? 65  ARG B C   1 
ATOM   1089 O  O   . ARG B 1 65 ? -10.205 -7.717  -5.830  1.00 20.38 ? 65  ARG B O   1 
ATOM   1090 C  CB  . ARG B 1 65 ? -9.023  -4.592  -5.612  1.00 20.64 ? 65  ARG B CB  1 
ATOM   1091 C  CG  . ARG B 1 65 ? -10.465 -4.326  -5.934  1.00 24.26 ? 65  ARG B CG  1 
ATOM   1092 C  CD  . ARG B 1 65 ? -10.671 -2.847  -6.269  1.00 30.16 ? 65  ARG B CD  1 
ATOM   1093 N  NE  . ARG B 1 65 ? -10.632 -2.028  -5.042  1.00 35.27 ? 65  ARG B NE  1 
ATOM   1094 C  CZ  . ARG B 1 65 ? -10.957 -0.732  -4.961  1.00 37.15 ? 65  ARG B CZ  1 
ATOM   1095 N  NH1 . ARG B 1 65 ? -11.337 -0.037  -6.046  1.00 38.38 ? 65  ARG B NH1 1 
ATOM   1096 N  NH2 . ARG B 1 65 ? -10.884 -0.127  -3.786  1.00 34.14 ? 65  ARG B NH2 1 
ATOM   1097 N  N   . VAL B 1 66 ? -8.298  -7.236  -6.951  1.00 19.45 ? 66  VAL B N   1 
ATOM   1098 C  CA  . VAL B 1 66 ? -8.525  -8.175  -8.035  1.00 18.11 ? 66  VAL B CA  1 
ATOM   1099 C  C   . VAL B 1 66 ? -8.568  -9.601  -7.481  1.00 18.27 ? 66  VAL B C   1 
ATOM   1100 O  O   . VAL B 1 66 ? -9.359  -10.456 -7.924  1.00 18.46 ? 66  VAL B O   1 
ATOM   1101 C  CB  . VAL B 1 66 ? -7.430  -8.044  -9.132  1.00 18.84 ? 66  VAL B CB  1 
ATOM   1102 C  CG1 . VAL B 1 66 ? -7.569  -9.144  -10.207 1.00 18.95 ? 66  VAL B CG1 1 
ATOM   1103 C  CG2 . VAL B 1 66 ? -7.524  -6.645  -9.822  1.00 20.36 ? 66  VAL B CG2 1 
ATOM   1104 N  N   . LEU B 1 67 ? -7.719  -9.858  -6.478  1.00 18.13 ? 67  LEU B N   1 
ATOM   1105 C  CA  . LEU B 1 67 ? -7.542  -11.203 -5.925  1.00 18.47 ? 67  LEU B CA  1 
ATOM   1106 C  C   . LEU B 1 67 ? -8.453  -11.511 -4.708  1.00 18.44 ? 67  LEU B C   1 
ATOM   1107 O  O   . LEU B 1 67 ? -8.362  -12.597 -4.106  1.00 18.44 ? 67  LEU B O   1 
ATOM   1108 C  CB  . LEU B 1 67 ? -6.072  -11.452 -5.579  1.00 17.87 ? 67  LEU B CB  1 
ATOM   1109 C  CG  . LEU B 1 67 ? -5.053  -11.428 -6.734  1.00 20.39 ? 67  LEU B CG  1 
ATOM   1110 C  CD1 . LEU B 1 67 ? -3.698  -11.651 -6.149  1.00 22.52 ? 67  LEU B CD1 1 
ATOM   1111 C  CD2 . LEU B 1 67 ? -5.419  -12.474 -7.772  1.00 22.10 ? 67  LEU B CD2 1 
ATOM   1112 N  N   . ASP B 1 68 ? -9.328  -10.570 -4.377  1.00 19.09 ? 68  ASP B N   1 
ATOM   1113 C  CA  . ASP B 1 68 ? -10.357 -10.752 -3.373  1.00 20.32 ? 68  ASP B CA  1 
ATOM   1114 C  C   . ASP B 1 68 ? -9.733  -10.989 -2.005  1.00 20.43 ? 68  ASP B C   1 
ATOM   1115 O  O   . ASP B 1 68 ? -10.116 -11.889 -1.242  1.00 20.68 ? 68  ASP B O   1 
ATOM   1116 C  CB  . ASP B 1 68 ? -11.319 -11.883 -3.776  1.00 20.30 ? 68  ASP B CB  1 
ATOM   1117 C  CG  . ASP B 1 68 ? -12.513 -11.975 -2.861  1.00 23.01 ? 68  ASP B CG  1 
ATOM   1118 O  OD1 . ASP B 1 68 ? -12.922 -10.939 -2.307  1.00 25.41 ? 68  ASP B OD1 1 
ATOM   1119 O  OD2 . ASP B 1 68 ? -13.038 -13.091 -2.662  1.00 23.47 ? 68  ASP B OD2 1 
ATOM   1120 N  N   . LEU B 1 69 ? -8.747  -10.154 -1.698  1.00 21.01 ? 69  LEU B N   1 
ATOM   1121 C  CA  . LEU B 1 69 ? -8.060  -10.234 -0.421  1.00 21.97 ? 69  LEU B CA  1 
ATOM   1122 C  C   . LEU B 1 69 ? -8.296  -9.018  0.429   1.00 22.78 ? 69  LEU B C   1 
ATOM   1123 O  O   . LEU B 1 69 ? -8.338  -7.874  -0.085  1.00 24.71 ? 69  LEU B O   1 
ATOM   1124 C  CB  . LEU B 1 69 ? -6.558  -10.317 -0.624  1.00 23.75 ? 69  LEU B CB  1 
ATOM   1125 C  CG  . LEU B 1 69 ? -5.986  -11.452 -1.448  1.00 25.05 ? 69  LEU B CG  1 
ATOM   1126 C  CD1 . LEU B 1 69 ? -4.485  -11.221 -1.517  1.00 26.20 ? 69  LEU B CD1 1 
ATOM   1127 C  CD2 . LEU B 1 69 ? -6.330  -12.821 -0.772  1.00 27.30 ? 69  LEU B CD2 1 
ATOM   1128 N  N   . SER B 1 70 ? -8.360  -9.243  1.732   1.00 19.82 ? 70  SER B N   1 
ATOM   1129 C  CA  . SER B 1 70 ? -8.425  -8.127  2.670   1.00 19.12 ? 70  SER B CA  1 
ATOM   1130 C  C   . SER B 1 70 ? -7.032  -7.503  2.835   1.00 18.71 ? 70  SER B C   1 
ATOM   1131 O  O   . SER B 1 70 ? -6.084  -8.204  3.211   1.00 19.64 ? 70  SER B O   1 
ATOM   1132 C  CB  . SER B 1 70 ? -8.900  -8.654  4.032   1.00 19.04 ? 70  SER B CB  1 
ATOM   1133 O  OG  . SER B 1 70 ? -8.732  -7.697  5.063   1.00 18.90 ? 70  SER B OG  1 
ATOM   1134 N  N   . LEU B 1 71 ? -6.918  -6.206  2.613   1.00 17.13 ? 71  LEU B N   1 
ATOM   1135 C  CA  . LEU B 1 71 ? -5.628  -5.533  2.878   1.00 18.41 ? 71  LEU B CA  1 
ATOM   1136 C  C   . LEU B 1 71 ? -5.172  -5.615  4.333   1.00 20.25 ? 71  LEU B C   1 
ATOM   1137 O  O   . LEU B 1 71 ? -3.958  -5.719  4.643   1.00 21.87 ? 71  LEU B O   1 
ATOM   1138 C  CB  . LEU B 1 71 ? -5.684  -4.075  2.451   1.00 19.87 ? 71  LEU B CB  1 
ATOM   1139 C  CG  . LEU B 1 71 ? -5.453  -3.817  0.985   1.00 20.48 ? 71  LEU B CG  1 
ATOM   1140 C  CD1 . LEU B 1 71 ? -5.622  -2.298  0.801   1.00 20.61 ? 71  LEU B CD1 1 
ATOM   1141 C  CD2 . LEU B 1 71 ? -4.026  -4.290  0.555   1.00 23.20 ? 71  LEU B CD2 1 
ATOM   1142 N  N   . ASP B 1 72 ? -6.126  -5.606  5.265   1.00 20.84 ? 72  ASP B N   1 
ATOM   1143 C  CA  . ASP B 1 72 ? -5.750  -5.735  6.672   1.00 22.19 ? 72  ASP B CA  1 
ATOM   1144 C  C   . ASP B 1 72 ? -5.106  -7.108  6.896   1.00 24.06 ? 72  ASP B C   1 
ATOM   1145 O  O   . ASP B 1 72 ? -4.106  -7.222  7.612   1.00 23.97 ? 72  ASP B O   1 
ATOM   1146 C  CB  . ASP B 1 72 ? -6.980  -5.558  7.534   1.00 22.89 ? 72  ASP B CB  1 
ATOM   1147 C  CG  . ASP B 1 72 ? -7.456  -4.099  7.579   1.00 24.95 ? 72  ASP B CG  1 
ATOM   1148 O  OD1 . ASP B 1 72 ? -6.628  -3.161  7.456   1.00 21.55 ? 72  ASP B OD1 1 
ATOM   1149 O  OD2 . ASP B 1 72 ? -8.666  -3.907  7.791   1.00 28.17 ? 72  ASP B OD2 1 
ATOM   1150 N  N   . ASP B 1 73 ? -5.674  -8.146  6.256   1.00 24.68 ? 73  ASP B N   1 
ATOM   1151 C  CA  . ASP B 1 73 ? -5.136  -9.511  6.358   1.00 26.36 ? 73  ASP B CA  1 
ATOM   1152 C  C   . ASP B 1 73 ? -3.720  -9.555  5.776   1.00 27.06 ? 73  ASP B C   1 
ATOM   1153 O  O   . ASP B 1 73 ? -2.812  -10.136 6.396   1.00 27.57 ? 73  ASP B O   1 
ATOM   1154 C  CB  . ASP B 1 73 ? -5.999  -10.497 5.571   1.00 26.92 ? 73  ASP B CB  1 
ATOM   1155 C  CG  . ASP B 1 73 ? -7.346  -10.827 6.238   1.00 29.47 ? 73  ASP B CG  1 
ATOM   1156 O  OD1 . ASP B 1 73 ? -7.610  -10.365 7.379   1.00 31.03 ? 73  ASP B OD1 1 
ATOM   1157 O  OD2 . ASP B 1 73 ? -8.144  -11.571 5.575   1.00 28.43 ? 73  ASP B OD2 1 
ATOM   1158 N  N   . VAL B 1 74 ? -3.545  -8.987  4.586   1.00 26.33 ? 74  VAL B N   1 
ATOM   1159 C  CA  . VAL B 1 74 ? -2.239  -8.841  3.931   1.00 26.92 ? 74  VAL B CA  1 
ATOM   1160 C  C   . VAL B 1 74 ? -1.198  -8.184  4.870   1.00 27.69 ? 74  VAL B C   1 
ATOM   1161 O  O   . VAL B 1 74 ? -0.131  -8.758  5.121   1.00 28.53 ? 74  VAL B O   1 
ATOM   1162 C  CB  . VAL B 1 74 ? -2.349  -8.088  2.616   1.00 26.82 ? 74  VAL B CB  1 
ATOM   1163 C  CG1 . VAL B 1 74 ? -0.967  -7.797  2.027   1.00 27.68 ? 74  VAL B CG1 1 
ATOM   1164 C  CG2 . VAL B 1 74 ? -3.166  -8.935  1.628   1.00 26.92 ? 74  VAL B CG2 1 
ATOM   1165 N  N   . ALA B 1 75 ? -1.556  -7.046  5.455   1.00 27.86 ? 75  ALA B N   1 
ATOM   1166 C  CA  . ALA B 1 75 ? -0.639  -6.313  6.327   1.00 27.90 ? 75  ALA B CA  1 
ATOM   1167 C  C   . ALA B 1 75 ? -0.165  -7.150  7.527   1.00 29.36 ? 75  ALA B C   1 
ATOM   1168 O  O   . ALA B 1 75 ? 1.033   -7.146  7.894   1.00 29.88 ? 75  ALA B O   1 
ATOM   1169 C  CB  . ALA B 1 75 ? -1.298  -4.968  6.778   1.00 27.63 ? 75  ALA B CB  1 
ATOM   1170 N  N   . ALA B 1 76 ? -1.100  -7.895  8.109   1.00 28.11 ? 76  ALA B N   1 
ATOM   1171 C  CA  . ALA B 1 76 ? -0.843  -8.713  9.289   1.00 30.37 ? 76  ALA B CA  1 
ATOM   1172 C  C   . ALA B 1 76 ? 0.154   -9.818  8.982   1.00 31.56 ? 76  ALA B C   1 
ATOM   1173 O  O   . ALA B 1 76 ? 0.933   -10.219 9.836   1.00 32.25 ? 76  ALA B O   1 
ATOM   1174 C  CB  . ALA B 1 76 ? -2.147  -9.300  9.807   1.00 28.72 ? 76  ALA B CB  1 
ATOM   1175 N  N   . VAL B 1 77 ? 0.149   -10.341 7.769   1.00 33.28 ? 77  VAL B N   1 
ATOM   1176 C  CA  . VAL B 1 77 ? 1.028   -11.460 7.580   1.00 36.02 ? 77  VAL B CA  1 
ATOM   1177 C  C   . VAL B 1 77 ? 2.352   -11.060 6.920   1.00 36.59 ? 77  VAL B C   1 
ATOM   1178 O  O   . VAL B 1 77 ? 3.344   -11.770 7.047   1.00 38.42 ? 77  VAL B O   1 
ATOM   1179 C  CB  . VAL B 1 77 ? 0.298   -12.769 7.098   1.00 36.74 ? 77  VAL B CB  1 
ATOM   1180 C  CG1 . VAL B 1 77 ? -1.195  -12.738 7.505   1.00 37.27 ? 77  VAL B CG1 1 
ATOM   1181 C  CG2 . VAL B 1 77 ? 0.447   -12.987 5.637   1.00 35.70 ? 77  VAL B CG2 1 
ATOM   1182 N  N   . VAL B 1 78 ? 2.395   -9.884  6.312   1.00 38.57 ? 78  VAL B N   1 
ATOM   1183 C  CA  . VAL B 1 78 ? 3.678   -9.309  5.927   1.00 39.18 ? 78  VAL B CA  1 
ATOM   1184 C  C   . VAL B 1 78 ? 4.501   -9.000  7.191   1.00 39.82 ? 78  VAL B C   1 
ATOM   1185 O  O   . VAL B 1 78 ? 5.690   -9.317  7.248   1.00 40.42 ? 78  VAL B O   1 
ATOM   1186 C  CB  . VAL B 1 78 ? 3.539   -8.050  5.054   1.00 39.52 ? 78  VAL B CB  1 
ATOM   1187 C  CG1 . VAL B 1 78 ? 2.954   -8.387  3.728   1.00 39.03 ? 78  VAL B CG1 1 
ATOM   1188 C  CG2 . VAL B 1 78 ? 2.685   -7.020  5.732   1.00 40.44 ? 78  VAL B CG2 1 
ATOM   1189 N  N   . THR B 1 79 ? 3.872   -8.403  8.202   1.00 39.39 ? 79  THR B N   1 
ATOM   1190 C  CA  . THR B 1 79 ? 4.629   -7.943  9.361   1.00 40.39 ? 79  THR B CA  1 
ATOM   1191 C  C   . THR B 1 79 ? 4.905   -9.046  10.397  1.00 40.69 ? 79  THR B C   1 
ATOM   1192 O  O   . THR B 1 79 ? 5.852   -8.935  11.192  1.00 39.95 ? 79  THR B O   1 
ATOM   1193 C  CB  . THR B 1 79 ? 4.030   -6.647  9.972   1.00 40.53 ? 79  THR B CB  1 
ATOM   1194 O  OG1 . THR B 1 79 ? 2.601   -6.696  9.924   1.00 41.87 ? 79  THR B OG1 1 
ATOM   1195 C  CG2 . THR B 1 79 ? 4.483   -5.439  9.182   1.00 40.91 ? 79  THR B CG2 1 
ATOM   1196 N  N   . PHE B 1 80 ? 4.135   -10.133 10.335  1.00 40.82 ? 80  PHE B N   1 
ATOM   1197 C  CA  . PHE B 1 80 ? 4.239   -11.218 11.339  1.00 41.54 ? 80  PHE B CA  1 
ATOM   1198 C  C   . PHE B 1 80 ? 4.534   -12.620 10.768  1.00 42.17 ? 80  PHE B C   1 
ATOM   1199 O  O   . PHE B 1 80 ? 4.814   -13.563 11.517  1.00 42.21 ? 80  PHE B O   1 
ATOM   1200 C  CB  . PHE B 1 80 ? 2.973   -11.241 12.190  1.00 41.33 ? 80  PHE B CB  1 
ATOM   1201 C  CG  . PHE B 1 80 ? 2.749   -9.977  12.973  1.00 40.89 ? 80  PHE B CG  1 
ATOM   1202 C  CD1 . PHE B 1 80 ? 3.637   -9.598  13.978  1.00 40.06 ? 80  PHE B CD1 1 
ATOM   1203 C  CD2 . PHE B 1 80 ? 1.654   -9.163  12.706  1.00 40.70 ? 80  PHE B CD2 1 
ATOM   1204 C  CE1 . PHE B 1 80 ? 3.435   -8.434  14.706  1.00 39.88 ? 80  PHE B CE1 1 
ATOM   1205 C  CE2 . PHE B 1 80 ? 1.445   -7.997  13.427  1.00 40.90 ? 80  PHE B CE2 1 
ATOM   1206 C  CZ  . PHE B 1 80 ? 2.339   -7.631  14.431  1.00 40.48 ? 80  PHE B CZ  1 
ATOM   1207 N  N   . GLY B 1 81 ? 4.509   -12.750 9.447   1.00 42.27 ? 81  GLY B N   1 
ATOM   1208 C  CA  . GLY B 1 81 ? 4.602   -14.063 8.816   1.00 43.45 ? 81  GLY B CA  1 
ATOM   1209 C  C   . GLY B 1 81 ? 3.235   -14.721 8.675   1.00 43.43 ? 81  GLY B C   1 
ATOM   1210 O  O   . GLY B 1 81 ? 2.276   -14.288 9.308   1.00 44.27 ? 81  GLY B O   1 
ATOM   1211 N  N   . PRO B 1 82 ? 3.133   -15.786 7.849   1.00 43.45 ? 82  PRO B N   1 
ATOM   1212 C  CA  . PRO B 1 82 ? 1.838   -16.472 7.817   1.00 43.50 ? 82  PRO B CA  1 
ATOM   1213 C  C   . PRO B 1 82 ? 1.666   -17.337 9.081   1.00 43.60 ? 82  PRO B C   1 
ATOM   1214 O  O   . PRO B 1 82 ? 2.604   -17.438 9.889   1.00 43.53 ? 82  PRO B O   1 
ATOM   1215 C  CB  . PRO B 1 82 ? 1.923   -17.334 6.542   1.00 43.30 ? 82  PRO B CB  1 
ATOM   1216 C  CG  . PRO B 1 82 ? 3.395   -17.559 6.323   1.00 43.19 ? 82  PRO B CG  1 
ATOM   1217 C  CD  . PRO B 1 82 ? 4.137   -16.407 6.955   1.00 43.23 ? 82  PRO B CD  1 
ATOM   1218 N  N   . VAL B 1 83 ? 0.485   -17.930 9.266   1.00 43.84 ? 83  VAL B N   1 
ATOM   1219 C  CA  . VAL B 1 83 ? 0.331   -19.019 10.241  1.00 44.21 ? 83  VAL B CA  1 
ATOM   1220 C  C   . VAL B 1 83 ? 0.898   -20.280 9.567   1.00 44.34 ? 83  VAL B C   1 
ATOM   1221 O  O   . VAL B 1 83 ? 0.922   -20.327 8.338   1.00 44.29 ? 83  VAL B O   1 
ATOM   1222 C  CB  . VAL B 1 83 ? -1.156  -19.194 10.731  1.00 44.36 ? 83  VAL B CB  1 
ATOM   1223 C  CG1 . VAL B 1 83 ? -1.718  -17.865 11.216  1.00 44.06 ? 83  VAL B CG1 1 
ATOM   1224 C  CG2 . VAL B 1 83 ? -2.060  -19.777 9.646   1.00 44.22 ? 83  VAL B CG2 1 
ATOM   1225 N  N   . SER B 1 84 ? 1.367   -21.296 10.305  1.00 44.64 ? 84  SER B N   1 
ATOM   1226 C  CA  . SER B 1 84 ? 1.304   -21.430 11.758  1.00 44.68 ? 84  SER B CA  1 
ATOM   1227 C  C   . SER B 1 84 ? 2.690   -21.631 12.367  1.00 44.61 ? 84  SER B C   1 
ATOM   1228 O  O   . SER B 1 84 ? 3.487   -22.472 11.866  1.00 44.40 ? 84  SER B O   1 
ATOM   1229 C  CB  . SER B 1 84 ? 0.428   -22.626 12.122  1.00 44.54 ? 84  SER B CB  1 
ATOM   1230 O  OG  . SER B 1 84 ? 0.486   -22.912 13.503  1.00 44.80 ? 84  SER B OG  1 
HETATM 1231 O  O   . HOH C 2 .  ? -2.529  10.667  9.660   1.00 23.19 ? 87  HOH A O   1 
HETATM 1232 O  O   . HOH C 2 .  ? 1.201   11.525  -1.323  1.00 23.13 ? 88  HOH A O   1 
HETATM 1233 O  O   . HOH C 2 .  ? 5.787   6.727   1.696   1.00 19.97 ? 89  HOH A O   1 
HETATM 1234 O  O   . HOH C 2 .  ? 9.829   8.837   7.409   1.00 26.38 ? 90  HOH A O   1 
HETATM 1235 O  O   . HOH C 2 .  ? -0.828  10.410  0.213   1.00 24.12 ? 91  HOH A O   1 
HETATM 1236 O  O   . HOH C 2 .  ? 9.375   6.385   15.753  1.00 32.86 ? 92  HOH A O   1 
HETATM 1237 O  O   . HOH C 2 .  ? -5.470  16.346  -8.322  1.00 29.28 ? 93  HOH A O   1 
HETATM 1238 O  O   . HOH C 2 .  ? -3.966  15.207  0.494   1.00 28.18 ? 94  HOH A O   1 
HETATM 1239 O  O   . HOH C 2 .  ? -11.699 2.009   9.314   1.00 29.38 ? 95  HOH A O   1 
HETATM 1240 O  O   . HOH C 2 .  ? -1.382  17.730  7.477   1.00 35.26 ? 96  HOH A O   1 
HETATM 1241 O  O   . HOH C 2 .  ? -2.060  -1.821  8.897   1.00 29.85 ? 97  HOH A O   1 
HETATM 1242 O  O   . HOH C 2 .  ? -14.849 3.024   3.406   1.00 33.14 ? 98  HOH A O   1 
HETATM 1243 O  O   . HOH C 2 .  ? -4.777  16.734  4.488   1.00 34.99 ? 99  HOH A O   1 
HETATM 1244 O  O   . HOH C 2 .  ? 7.654   11.863  -3.823  1.00 38.68 ? 100 HOH A O   1 
HETATM 1245 O  O   . HOH C 2 .  ? -5.001  14.721  -10.639 1.00 33.76 ? 101 HOH A O   1 
HETATM 1246 O  O   . HOH C 2 .  ? 2.051   -1.781  11.949  1.00 39.67 ? 102 HOH A O   1 
HETATM 1247 O  O   . HOH C 2 .  ? -0.012  18.074  15.306  1.00 39.09 ? 103 HOH A O   1 
HETATM 1248 O  O   . HOH C 2 .  ? 0.726   10.100  -4.970  1.00 43.48 ? 104 HOH A O   1 
HETATM 1249 O  O   . HOH C 2 .  ? -15.884 0.599   4.119   1.00 36.52 ? 105 HOH A O   1 
HETATM 1250 O  O   . HOH C 2 .  ? -8.927  15.787  6.041   1.00 42.61 ? 106 HOH A O   1 
HETATM 1251 O  O   . HOH C 2 .  ? -0.470  12.412  -4.140  1.00 34.97 ? 107 HOH A O   1 
HETATM 1252 O  O   . HOH C 2 .  ? 3.678   -1.636  8.329   1.00 33.05 ? 108 HOH A O   1 
HETATM 1253 O  O   . HOH C 2 .  ? 4.139   14.467  -11.963 1.00 38.42 ? 109 HOH A O   1 
HETATM 1254 O  O   . HOH C 2 .  ? 1.677   6.873   -7.392  1.00 41.78 ? 110 HOH A O   1 
HETATM 1255 O  O   . HOH C 2 .  ? 3.338   7.770   -13.119 1.00 45.47 ? 111 HOH A O   1 
HETATM 1256 O  O   . HOH C 2 .  ? -11.655 -1.978  -0.136  1.00 31.51 ? 112 HOH A O   1 
HETATM 1257 O  O   . HOH C 2 .  ? 7.325   8.779   -3.812  1.00 35.15 ? 113 HOH A O   1 
HETATM 1258 O  O   . HOH C 2 .  ? -5.141  -1.065  10.740  1.00 38.61 ? 114 HOH A O   1 
HETATM 1259 O  O   . HOH C 2 .  ? -7.453  16.086  -4.873  1.00 32.16 ? 115 HOH A O   1 
HETATM 1260 O  O   . HOH C 2 .  ? -14.569 0.633   -3.628  1.00 35.97 ? 116 HOH A O   1 
HETATM 1261 O  O   . HOH C 2 .  ? -0.903  7.805   -6.022  1.00 41.99 ? 117 HOH A O   1 
HETATM 1262 O  O   . HOH C 2 .  ? 11.920  6.690   10.768  1.00 37.63 ? 118 HOH A O   1 
HETATM 1263 O  O   . HOH C 2 .  ? -1.133  17.812  -2.858  1.00 36.04 ? 119 HOH A O   1 
HETATM 1264 O  O   . HOH C 2 .  ? -3.412  18.651  6.242   1.00 31.50 ? 120 HOH A O   1 
HETATM 1265 O  O   . HOH C 2 .  ? -2.108  5.284   -7.567  1.00 35.29 ? 121 HOH A O   1 
HETATM 1266 O  O   . HOH C 2 .  ? -3.007  12.267  -16.773 1.00 35.98 ? 122 HOH A O   1 
HETATM 1267 O  O   . HOH C 2 .  ? -11.531 -0.367  -9.375  1.00 54.40 ? 123 HOH A O   1 
HETATM 1268 O  O   . HOH C 2 .  ? 4.893   -1.275  15.676  1.00 51.19 ? 124 HOH A O   1 
HETATM 1269 O  O   . HOH C 2 .  ? -7.625  15.449  -11.990 1.00 43.82 ? 125 HOH A O   1 
HETATM 1270 O  O   . HOH C 2 .  ? 7.100   2.178   9.776   1.00 40.34 ? 126 HOH A O   1 
HETATM 1271 O  O   . HOH C 2 .  ? -0.868  7.738   18.400  1.00 52.34 ? 127 HOH A O   1 
HETATM 1272 O  O   . HOH C 2 .  ? 7.680   5.633   3.575   1.00 37.86 ? 128 HOH A O   1 
HETATM 1273 O  O   . HOH C 2 .  ? 0.461   -2.997  9.843   1.00 47.64 ? 129 HOH A O   1 
HETATM 1274 O  O   . HOH C 2 .  ? 9.353   6.582   5.880   1.00 37.93 ? 130 HOH A O   1 
HETATM 1275 O  O   . HOH C 2 .  ? -9.435  17.193  8.540   1.00 56.68 ? 131 HOH A O   1 
HETATM 1276 O  O   . HOH C 2 .  ? -9.441  13.091  17.465  1.00 44.86 ? 132 HOH A O   1 
HETATM 1277 O  O   . HOH C 2 .  ? -12.136 3.186   15.498  1.00 69.34 ? 133 HOH A O   1 
HETATM 1278 O  O   . HOH C 2 .  ? -0.276  13.452  21.319  1.00 49.36 ? 134 HOH A O   1 
HETATM 1279 O  O   . HOH C 2 .  ? -3.199  21.101  4.408   1.00 50.35 ? 135 HOH A O   1 
HETATM 1280 O  O   . HOH C 2 .  ? 6.832   16.625  -3.260  1.00 45.37 ? 136 HOH A O   1 
HETATM 1281 O  O   . HOH C 2 .  ? -9.453  16.434  -6.913  1.00 41.25 ? 137 HOH A O   1 
HETATM 1282 O  O   . HOH C 2 .  ? -12.787 3.906   10.907  1.00 54.81 ? 138 HOH A O   1 
HETATM 1283 O  O   . HOH C 2 .  ? 12.255  8.840   7.955   1.00 41.69 ? 139 HOH A O   1 
HETATM 1284 O  O   . HOH C 2 .  ? -2.177  12.595  19.993  1.00 41.52 ? 140 HOH A O   1 
HETATM 1285 O  O   . HOH C 2 .  ? 7.905   18.085  -0.676  1.00 47.52 ? 141 HOH A O   1 
HETATM 1286 O  O   . HOH C 2 .  ? -6.320  5.409   17.204  1.00 45.10 ? 142 HOH A O   1 
HETATM 1287 O  O   . HOH C 2 .  ? 3.667   1.845   17.793  1.00 45.88 ? 143 HOH A O   1 
HETATM 1288 O  O   . HOH C 2 .  ? -9.130  10.842  15.643  1.00 46.28 ? 144 HOH A O   1 
HETATM 1289 O  O   . HOH C 2 .  ? -4.659  17.687  15.190  1.00 43.81 ? 145 HOH A O   1 
HETATM 1290 O  O   . HOH C 2 .  ? -10.597 13.084  -5.075  1.00 48.14 ? 146 HOH A O   1 
HETATM 1291 O  O   . HOH C 2 .  ? -11.138 14.539  11.817  1.00 46.63 ? 147 HOH A O   1 
HETATM 1292 O  O   . HOH C 2 .  ? -12.755 -2.983  7.212   1.00 60.09 ? 148 HOH A O   1 
HETATM 1293 O  O   . HOH C 2 .  ? -10.699 8.740   7.409   1.00 37.35 ? 149 HOH A O   1 
HETATM 1294 O  O   . HOH C 2 .  ? 10.304  15.509  10.233  1.00 32.39 ? 150 HOH A O   1 
HETATM 1295 O  O   . HOH C 2 .  ? 12.195  9.843   -16.741 1.00 50.73 ? 151 HOH A O   1 
HETATM 1296 O  O   . HOH C 2 .  ? -7.113  15.787  -15.086 1.00 55.70 ? 152 HOH A O   1 
HETATM 1297 O  O   . HOH C 2 .  ? 1.958   -3.761  7.988   1.00 40.89 ? 153 HOH A O   1 
HETATM 1298 O  O   . HOH C 2 .  ? -14.233 -1.193  9.569   1.00 45.76 ? 154 HOH A O   1 
HETATM 1299 O  O   . HOH C 2 .  ? -7.434  17.147  4.808   1.00 36.83 ? 155 HOH A O   1 
HETATM 1300 O  O   . HOH C 2 .  ? 11.839  12.417  6.683   1.00 46.62 ? 156 HOH A O   1 
HETATM 1301 O  O   . HOH C 2 .  ? 7.637   15.794  -15.856 1.00 53.77 ? 157 HOH A O   1 
HETATM 1302 O  O   . HOH C 2 .  ? -3.610  6.347   -14.805 1.00 54.66 ? 158 HOH A O   1 
HETATM 1303 O  O   . HOH C 2 .  ? -2.092  19.260  10.488  1.00 39.97 ? 159 HOH A O   1 
HETATM 1304 O  O   . HOH C 2 .  ? 8.818   9.793   -18.558 1.00 41.40 ? 160 HOH A O   1 
HETATM 1305 O  O   . HOH C 2 .  ? -10.514 14.190  -11.158 1.00 60.99 ? 161 HOH A O   1 
HETATM 1306 O  O   . HOH C 2 .  ? 14.370  4.851   9.632   1.00 49.75 ? 162 HOH A O   1 
HETATM 1307 O  O   . HOH C 2 .  ? -7.441  17.238  -0.525  1.00 52.02 ? 163 HOH A O   1 
HETATM 1308 O  O   . HOH C 2 .  ? -12.349 -6.266  4.689   1.00 62.09 ? 164 HOH A O   1 
HETATM 1309 O  O   . HOH C 2 .  ? 2.897   17.723  15.856  1.00 54.50 ? 165 HOH A O   1 
HETATM 1310 O  O   . HOH C 2 .  ? 11.091  3.380   11.764  1.00 50.47 ? 166 HOH A O   1 
HETATM 1311 O  O   . HOH C 2 .  ? -10.944 11.267  13.687  1.00 50.00 ? 167 HOH A O   1 
HETATM 1312 O  O   . HOH C 2 .  ? -9.542  16.618  10.988  1.00 51.31 ? 168 HOH A O   1 
HETATM 1313 O  O   . HOH C 2 .  ? -10.269 17.417  13.386  1.00 55.41 ? 169 HOH A O   1 
HETATM 1314 O  O   . HOH C 2 .  ? -10.287 4.214   17.500  1.00 57.59 ? 170 HOH A O   1 
HETATM 1315 O  O   . HOH C 2 .  ? 4.771   3.706   20.272  1.00 52.58 ? 171 HOH A O   1 
HETATM 1316 O  O   . HOH C 2 .  ? 2.012   5.481   -9.915  1.00 51.61 ? 172 HOH A O   1 
HETATM 1317 O  O   . HOH C 2 .  ? -11.074 17.082  -1.767  1.00 58.50 ? 173 HOH A O   1 
HETATM 1318 O  O   . HOH C 2 .  ? 10.702  10.602  -11.993 1.00 56.82 ? 174 HOH A O   1 
HETATM 1319 O  O   . HOH C 2 .  ? 10.032  8.154   -11.165 1.00 53.79 ? 175 HOH A O   1 
HETATM 1320 O  O   . HOH C 2 .  ? -11.449 0.293   11.918  1.00 50.97 ? 176 HOH A O   1 
HETATM 1321 O  O   . HOH C 2 .  ? -8.873  14.456  -3.192  1.00 40.00 ? 177 HOH A O   1 
HETATM 1322 O  O   . HOH C 2 .  ? 9.373   10.756  3.097   1.00 48.19 ? 178 HOH A O   1 
HETATM 1323 O  O   . HOH C 2 .  ? 12.213  9.921   3.875   1.00 49.52 ? 179 HOH A O   1 
HETATM 1324 O  O   . HOH C 2 .  ? -17.256 -1.159  2.483   1.00 50.50 ? 180 HOH A O   1 
HETATM 1325 O  O   . HOH C 2 .  ? -2.936  4.431   -12.120 1.00 44.44 ? 181 HOH A O   1 
HETATM 1326 O  O   . HOH C 2 .  ? 7.283   6.531   -0.513  1.00 42.85 ? 182 HOH A O   1 
HETATM 1327 O  O   . HOH C 2 .  ? 1.829   20.609  1.719   1.00 80.97 ? 183 HOH A O   1 
HETATM 1328 O  O   . HOH C 2 .  ? -5.200  -0.685  14.999  1.00 55.53 ? 184 HOH A O   1 
HETATM 1329 O  O   . HOH C 2 .  ? 3.826   6.121   -14.995 1.00 48.56 ? 185 HOH A O   1 
HETATM 1330 O  O   . HOH C 2 .  ? 6.515   2.458   -5.964  1.00 52.46 ? 186 HOH A O   1 
HETATM 1331 O  O   . HOH C 2 .  ? 4.568   -1.644  10.723  1.00 48.90 ? 187 HOH A O   1 
HETATM 1332 O  O   . HOH C 2 .  ? -12.252 14.805  14.413  1.00 49.02 ? 188 HOH A O   1 
HETATM 1333 O  O   . HOH C 2 .  ? 7.710   19.103  3.615   1.00 61.36 ? 189 HOH A O   1 
HETATM 1334 O  O   . HOH C 2 .  ? 6.603   -3.569  11.479  1.00 46.40 ? 190 HOH A O   1 
HETATM 1335 O  O   . HOH C 2 .  ? 2.528   20.675  4.211   1.00 86.69 ? 191 HOH A O   1 
HETATM 1336 O  O   . HOH C 2 .  ? 8.801   14.154  -18.196 1.00 48.33 ? 192 HOH A O   1 
HETATM 1337 O  O   . HOH C 2 .  ? 0.536   4.718   -14.603 1.00 57.57 ? 193 HOH A O   1 
HETATM 1338 O  O   . HOH C 2 .  ? -10.024 -1.780  12.004  1.00 49.91 ? 194 HOH A O   1 
HETATM 1339 O  O   . HOH C 2 .  ? 3.301   9.386   -17.055 1.00 58.90 ? 195 HOH A O   1 
HETATM 1340 O  O   . HOH C 2 .  ? 1.121   6.333   -17.150 1.00 57.65 ? 196 HOH A O   1 
HETATM 1341 O  O   . HOH C 2 .  ? -16.016 -2.269  7.320   1.00 75.26 ? 197 HOH A O   1 
HETATM 1342 O  O   . HOH C 2 .  ? -2.550  4.256   18.320  1.00 52.95 ? 198 HOH A O   1 
HETATM 1343 O  O   . HOH C 2 .  ? 1.721   3.579   -11.676 1.00 50.26 ? 199 HOH A O   1 
HETATM 1344 O  O   . HOH C 2 .  ? 5.169   18.556  -3.775  1.00 63.83 ? 200 HOH A O   1 
HETATM 1345 O  O   . HOH C 2 .  ? 9.575   4.718   2.019   1.00 47.51 ? 201 HOH A O   1 
HETATM 1346 O  O   . HOH C 2 .  ? -18.809 1.058   -15.968 1.00 72.00 ? 202 HOH A O   1 
HETATM 1347 O  O   . HOH C 2 .  ? 0.792   2.032   18.183  1.00 56.50 ? 203 HOH A O   1 
HETATM 1348 O  O   . HOH C 2 .  ? -10.974 -5.380  6.726   1.00 58.34 ? 204 HOH A O   1 
HETATM 1349 O  O   . HOH C 2 .  ? 6.858   21.719  0.535   1.00 76.31 ? 205 HOH A O   1 
HETATM 1350 O  O   . HOH C 2 .  ? -7.078  11.699  20.546  1.00 58.52 ? 206 HOH A O   1 
HETATM 1351 O  O   . HOH C 2 .  ? 11.772  14.658  4.920   1.00 51.53 ? 207 HOH A O   1 
HETATM 1352 O  O   . HOH C 2 .  ? 9.697   4.241   6.585   1.00 53.07 ? 208 HOH A O   1 
HETATM 1353 O  O   . HOH C 2 .  ? -9.014  7.055   -14.256 1.00 58.51 ? 209 HOH A O   1 
HETATM 1354 O  O   . HOH C 2 .  ? 8.418   12.743  -7.115  1.00 48.86 ? 210 HOH A O   1 
HETATM 1355 O  O   . HOH C 2 .  ? -6.649  -0.919  12.452  1.00 59.01 ? 211 HOH A O   1 
HETATM 1356 O  O   . HOH C 2 .  ? 13.525  7.908   6.384   1.00 52.78 ? 212 HOH A O   1 
HETATM 1357 O  O   . HOH C 2 .  ? -5.932  1.928   -11.848 1.00 52.91 ? 213 HOH A O   1 
HETATM 1358 O  O   . HOH D 2 .  ? 5.392   -1.384  -6.313  1.00 21.51 ? 87  HOH B O   1 
HETATM 1359 O  O   . HOH D 2 .  ? 0.917   3.980   -3.550  1.00 22.81 ? 88  HOH B O   1 
HETATM 1360 O  O   . HOH D 2 .  ? 5.942   -0.844  1.192   1.00 26.55 ? 89  HOH B O   1 
HETATM 1361 O  O   . HOH D 2 .  ? -7.538  -3.395  -1.981  1.00 28.08 ? 90  HOH B O   1 
HETATM 1362 O  O   . HOH D 2 .  ? -3.904  -5.703  9.871   1.00 33.42 ? 91  HOH B O   1 
HETATM 1363 O  O   . HOH D 2 .  ? -12.205 -15.070 -4.424  1.00 39.18 ? 92  HOH B O   1 
HETATM 1364 O  O   . HOH D 2 .  ? -0.560  -11.889 -7.483  1.00 30.34 ? 93  HOH B O   1 
HETATM 1365 O  O   . HOH D 2 .  ? -2.905  1.301   -8.254  1.00 31.80 ? 94  HOH B O   1 
HETATM 1366 O  O   . HOH D 2 .  ? 3.475   -15.254 3.163   1.00 36.99 ? 95  HOH B O   1 
HETATM 1367 O  O   . HOH D 2 .  ? 10.133  -8.718  -13.456 1.00 45.18 ? 96  HOH B O   1 
HETATM 1368 O  O   . HOH D 2 .  ? -7.834  -11.934 2.758   1.00 29.59 ? 97  HOH B O   1 
HETATM 1369 O  O   . HOH D 2 .  ? -15.366 -13.693 -1.762  1.00 40.67 ? 98  HOH B O   1 
HETATM 1370 O  O   . HOH D 2 .  ? 0.169   -16.419 -16.358 1.00 42.81 ? 99  HOH B O   1 
HETATM 1371 O  O   . HOH D 2 .  ? 7.852   -9.266  -16.799 1.00 47.00 ? 100 HOH B O   1 
HETATM 1372 O  O   . HOH D 2 .  ? -0.950  -19.386 -12.828 1.00 48.23 ? 101 HOH B O   1 
HETATM 1373 O  O   . HOH D 2 .  ? 8.187   -2.906  -13.485 1.00 60.05 ? 102 HOH B O   1 
HETATM 1374 O  O   . HOH D 2 .  ? -3.825  0.517   -10.676 1.00 28.48 ? 103 HOH B O   1 
HETATM 1375 O  O   . HOH D 2 .  ? 6.749   -8.332  -2.257  1.00 37.78 ? 104 HOH B O   1 
HETATM 1376 O  O   . HOH D 2 .  ? 6.421   2.824   -2.750  1.00 45.35 ? 105 HOH B O   1 
HETATM 1377 O  O   . HOH D 2 .  ? -6.876  -16.345 -15.867 1.00 51.50 ? 106 HOH B O   1 
HETATM 1378 O  O   . HOH D 2 .  ? 8.790   -6.860  -3.165  1.00 50.69 ? 107 HOH B O   1 
HETATM 1379 O  O   . HOH D 2 .  ? -5.647  -19.395 -4.573  1.00 48.24 ? 108 HOH B O   1 
HETATM 1380 O  O   . HOH D 2 .  ? 5.580   -15.123 -9.791  1.00 38.49 ? 109 HOH B O   1 
HETATM 1381 O  O   . HOH D 2 .  ? 1.686   4.424   -6.139  1.00 40.52 ? 110 HOH B O   1 
HETATM 1382 O  O   . HOH D 2 .  ? 6.179   -16.189 -5.253  1.00 44.18 ? 111 HOH B O   1 
HETATM 1383 O  O   . HOH D 2 .  ? -10.761 -12.750 -7.528  1.00 37.81 ? 112 HOH B O   1 
HETATM 1384 O  O   . HOH D 2 .  ? -2.923  -16.029 -0.255  1.00 36.83 ? 113 HOH B O   1 
HETATM 1385 O  O   . HOH D 2 .  ? 3.690   -1.525  -13.159 1.00 36.24 ? 114 HOH B O   1 
HETATM 1386 O  O   . HOH D 2 .  ? 10.825  0.256   -3.448  1.00 58.20 ? 115 HOH B O   1 
HETATM 1387 O  O   . HOH D 2 .  ? 10.107  -5.274  0.115   1.00 47.55 ? 116 HOH B O   1 
HETATM 1388 O  O   . HOH D 2 .  ? -4.507  -2.871  9.210   1.00 31.26 ? 117 HOH B O   1 
HETATM 1389 O  O   . HOH D 2 .  ? -11.977 -7.298  -3.774  1.00 44.09 ? 118 HOH B O   1 
HETATM 1390 O  O   . HOH D 2 .  ? 1.900   -18.057 -13.261 1.00 54.82 ? 119 HOH B O   1 
HETATM 1391 O  O   . HOH D 2 .  ? -0.426  -22.070 -2.984  1.00 49.29 ? 120 HOH B O   1 
HETATM 1392 O  O   . HOH D 2 .  ? -2.229  -21.125 -5.030  1.00 53.61 ? 121 HOH B O   1 
HETATM 1393 O  O   . HOH D 2 .  ? -11.457 -11.495 1.533   1.00 49.62 ? 122 HOH B O   1 
HETATM 1394 O  O   . HOH D 2 .  ? 5.190   -0.017  -15.751 1.00 44.13 ? 123 HOH B O   1 
HETATM 1395 O  O   . HOH D 2 .  ? 6.129   -16.904 -7.964  1.00 53.70 ? 124 HOH B O   1 
HETATM 1396 O  O   . HOH D 2 .  ? -8.752  -5.028  -0.679  1.00 40.14 ? 125 HOH B O   1 
HETATM 1397 O  O   . HOH D 2 .  ? 15.921  -10.956 5.824   1.00 43.16 ? 126 HOH B O   1 
HETATM 1398 O  O   . HOH D 2 .  ? 5.394   -18.193 -3.700  1.00 41.81 ? 127 HOH B O   1 
HETATM 1399 O  O   . HOH D 2 .  ? 3.089   -18.711 -2.641  1.00 45.55 ? 128 HOH B O   1 
HETATM 1400 O  O   . HOH D 2 .  ? -10.263 -15.014 -6.127  1.00 43.75 ? 129 HOH B O   1 
HETATM 1401 O  O   . HOH D 2 .  ? 8.123   0.160   2.444   1.00 45.34 ? 130 HOH B O   1 
HETATM 1402 O  O   . HOH D 2 .  ? 4.804   -16.732 10.925  1.00 57.98 ? 131 HOH B O   1 
HETATM 1403 O  O   . HOH D 2 .  ? -9.119  -3.411  -9.491  1.00 54.64 ? 132 HOH B O   1 
HETATM 1404 O  O   . HOH D 2 .  ? 3.935   2.827   -7.904  1.00 50.52 ? 133 HOH B O   1 
HETATM 1405 O  O   . HOH D 2 .  ? 18.793  -5.164  9.525   1.00 45.52 ? 134 HOH B O   1 
HETATM 1406 O  O   . HOH D 2 .  ? 15.114  1.065   5.761   1.00 46.80 ? 135 HOH B O   1 
HETATM 1407 O  O   . HOH D 2 .  ? -11.257 -7.149  -11.402 1.00 46.98 ? 136 HOH B O   1 
HETATM 1408 O  O   . HOH D 2 .  ? -10.528 -3.774  -13.072 1.00 52.66 ? 137 HOH B O   1 
HETATM 1409 O  O   . HOH D 2 .  ? -1.447  -5.900  11.267  1.00 50.62 ? 138 HOH B O   1 
HETATM 1410 O  O   . HOH D 2 .  ? -4.552  -15.125 1.475   1.00 44.89 ? 139 HOH B O   1 
HETATM 1411 O  O   . HOH D 2 .  ? -9.667  -9.297  -17.762 1.00 37.40 ? 140 HOH B O   1 
HETATM 1412 O  O   . HOH D 2 .  ? -8.069  -9.194  -19.712 1.00 31.54 ? 141 HOH B O   1 
HETATM 1413 O  O   . HOH D 2 .  ? -12.130 -8.829  -16.661 1.00 57.87 ? 142 HOH B O   1 
HETATM 1414 O  O   . HOH D 2 .  ? 8.299   -8.496  -21.682 1.00 53.92 ? 143 HOH B O   1 
HETATM 1415 O  O   . HOH D 2 .  ? 9.846   -2.006  4.055   1.00 58.41 ? 144 HOH B O   1 
HETATM 1416 O  O   . HOH D 2 .  ? -8.517  -14.365 6.198   1.00 53.27 ? 145 HOH B O   1 
HETATM 1417 O  O   . HOH D 2 .  ? 7.960   -5.971  -20.990 1.00 41.55 ? 146 HOH B O   1 
HETATM 1418 O  O   . HOH D 2 .  ? -7.621  -15.214 -4.563  1.00 48.37 ? 147 HOH B O   1 
HETATM 1419 O  O   . HOH D 2 .  ? 12.098  -6.874  -15.005 1.00 55.09 ? 148 HOH B O   1 
HETATM 1420 O  O   . HOH D 2 .  ? -6.216  -12.040 -20.075 1.00 47.57 ? 149 HOH B O   1 
HETATM 1421 O  O   . HOH D 2 .  ? 8.258   0.017   -13.096 1.00 56.67 ? 150 HOH B O   1 
HETATM 1422 O  O   . HOH D 2 .  ? 0.908   -24.850 15.045  1.00 62.57 ? 151 HOH B O   1 
HETATM 1423 O  O   . HOH D 2 .  ? -7.434  -15.451 0.998   1.00 59.04 ? 152 HOH B O   1 
HETATM 1424 O  O   . HOH D 2 .  ? 9.448   -14.894 6.717   1.00 67.95 ? 153 HOH B O   1 
HETATM 1425 O  O   . HOH D 2 .  ? -11.159 -10.760 -15.232 1.00 56.47 ? 154 HOH B O   1 
HETATM 1426 O  O   . HOH D 2 .  ? 6.614   -2.136  -15.808 1.00 39.93 ? 155 HOH B O   1 
HETATM 1427 O  O   . HOH D 2 .  ? 6.490   -0.882  8.967   1.00 64.14 ? 156 HOH B O   1 
HETATM 1428 O  O   . HOH D 2 .  ? 12.479  -9.625  -11.387 1.00 63.15 ? 157 HOH B O   1 
HETATM 1429 O  O   . HOH D 2 .  ? -12.719 -7.662  -7.308  1.00 58.51 ? 158 HOH B O   1 
HETATM 1430 O  O   . HOH D 2 .  ? 8.850   4.701   -0.699  1.00 47.45 ? 159 HOH B O   1 
HETATM 1431 O  O   . HOH D 2 .  ? -14.542 -13.568 0.685   1.00 42.78 ? 160 HOH B O   1 
HETATM 1432 O  O   . HOH D 2 .  ? -4.521  -17.936 -1.161  1.00 53.55 ? 161 HOH B O   1 
HETATM 1433 O  O   . HOH D 2 .  ? 12.218  -12.196 -0.877  1.00 68.59 ? 162 HOH B O   1 
HETATM 1434 O  O   . HOH D 2 .  ? -8.172  -15.016 -17.702 1.00 57.14 ? 163 HOH B O   1 
HETATM 1435 O  O   . HOH D 2 .  ? 0.235   -17.851 1.117   1.00 50.83 ? 164 HOH B O   1 
HETATM 1436 O  O   . HOH D 2 .  ? 3.540   -14.155 -17.475 1.00 61.25 ? 165 HOH B O   1 
HETATM 1437 O  O   . HOH D 2 .  ? 13.918  -7.242  -10.006 1.00 56.57 ? 166 HOH B O   1 
HETATM 1438 O  O   . HOH D 2 .  ? -11.102 -5.152  -15.797 1.00 49.32 ? 167 HOH B O   1 
HETATM 1439 O  O   . HOH D 2 .  ? -4.863  -12.174 2.717   1.00 47.34 ? 168 HOH B O   1 
HETATM 1440 O  O   . HOH D 2 .  ? -0.278  -21.181 -6.831  1.00 61.71 ? 169 HOH B O   1 
HETATM 1441 O  O   . HOH D 2 .  ? 4.087   -0.259  -11.231 1.00 38.61 ? 170 HOH B O   1 
HETATM 1442 O  O   . HOH D 2 .  ? 12.865  1.819   -2.836  1.00 55.75 ? 171 HOH B O   1 
HETATM 1443 O  O   . HOH D 2 .  ? 4.003   -19.952 9.990   1.00 55.04 ? 172 HOH B O   1 
HETATM 1444 O  O   . HOH D 2 .  ? 0.261   1.385   -11.863 1.00 43.64 ? 173 HOH B O   1 
HETATM 1445 O  O   . HOH D 2 .  ? 12.484  -3.129  -10.489 1.00 57.11 ? 174 HOH B O   1 
HETATM 1446 O  O   . HOH D 2 .  ? -8.149  -2.962  10.693  1.00 68.26 ? 175 HOH B O   1 
HETATM 1447 O  O   . HOH D 2 .  ? -9.561  -1.917  -2.567  1.00 63.50 ? 176 HOH B O   1 
HETATM 1448 O  O   . HOH D 2 .  ? 0.589   -24.235 7.121   1.00 67.06 ? 177 HOH B O   1 
HETATM 1449 O  O   . HOH D 2 .  ? 3.946   -0.014  -8.588  1.00 37.99 ? 178 HOH B O   1 
HETATM 1450 O  O   . HOH D 2 .  ? 2.661   -24.508 8.810   1.00 75.21 ? 179 HOH B O   1 
HETATM 1451 O  O   . HOH D 2 .  ? 11.485  -11.898 -10.658 1.00 48.33 ? 180 HOH B O   1 
HETATM 1452 O  O   . HOH D 2 .  ? -6.981  -18.298 -6.585  1.00 46.31 ? 181 HOH B O   1 
HETATM 1453 O  O   . HOH D 2 .  ? 9.841   -15.992 9.928   1.00 62.85 ? 182 HOH B O   1 
HETATM 1454 O  O   . HOH D 2 .  ? -10.498 -4.489  10.023  1.00 66.92 ? 183 HOH B O   1 
HETATM 1455 O  O   . HOH D 2 .  ? -6.439  -20.355 -8.483  1.00 53.98 ? 184 HOH B O   1 
HETATM 1456 O  O   . HOH D 2 .  ? 9.453   -8.664  8.994   1.00 69.49 ? 185 HOH B O   1 
HETATM 1457 O  O   . HOH D 2 .  ? -10.441 -11.184 -10.426 1.00 60.99 ? 186 HOH B O   1 
HETATM 1458 O  O   . HOH D 2 .  ? -1.746  -25.460 9.936   1.00 57.26 ? 187 HOH B O   1 
HETATM 1459 O  O   . HOH D 2 .  ? 5.937   1.271   -10.760 1.00 61.27 ? 188 HOH B O   1 
HETATM 1460 O  O   . HOH D 2 .  ? 10.804  -4.374  -16.149 1.00 67.51 ? 189 HOH B O   1 
HETATM 1461 O  O   . HOH D 2 .  ? -0.321  -23.207 9.368   1.00 63.00 ? 190 HOH B O   1 
HETATM 1462 O  O   . HOH D 2 .  ? -10.060 -8.342  7.312   1.00 53.22 ? 191 HOH B O   1 
HETATM 1463 O  O   . HOH D 2 .  ? 1.975   -11.070 4.074   1.00 45.39 ? 192 HOH B O   1 
HETATM 1464 O  O   . HOH D 2 .  ? 18.167  -5.258  2.766   1.00 75.83 ? 193 HOH B O   1 
HETATM 1465 O  O   . HOH D 2 .  ? -7.993  -16.618 -2.624  1.00 46.93 ? 194 HOH B O   1 
HETATM 1466 O  O   . HOH D 2 .  ? -10.290 -6.329  -1.750  1.00 58.06 ? 195 HOH B O   1 
HETATM 1467 O  O   . HOH D 2 .  ? -9.962  -8.554  -20.498 1.00 43.54 ? 196 HOH B O   1 
HETATM 1468 O  O   . HOH D 2 .  ? 0.936   0.618   -14.841 1.00 46.19 ? 197 HOH B O   1 
HETATM 1469 O  O   . HOH D 2 .  ? 8.452   -4.650  1.624   1.00 91.40 ? 198 HOH B O   1 
HETATM 1470 O  O   . HOH D 2 .  ? 4.696   -6.068  12.597  1.00 82.42 ? 199 HOH B O   1 
HETATM 1471 O  O   . HOH D 2 .  ? -0.525  -14.792 -18.442 1.00 83.90 ? 200 HOH B O   1 
# 
